data_3KL8
#
_entry.id   3KL8
#
_cell.length_a   72.410
_cell.length_b   83.080
_cell.length_c   145.130
_cell.angle_alpha   90.00
_cell.angle_beta   101.93
_cell.angle_gamma   90.00
#
_symmetry.space_group_name_H-M   'P 1 21 1'
#
loop_
_entity.id
_entity.type
_entity.pdbx_description
1 polymer 'Calcium/calmodulin dependent protein kinase II'
2 polymer 'Calcium/calmodulin-dependent protein kinase II inhibitor 1'
3 water water
#
loop_
_entity_poly.entity_id
_entity_poly.type
_entity_poly.pdbx_seq_one_letter_code
_entity_poly.pdbx_strand_id
1 'polypeptide(L)'
;STKFSDNYDVKEELGKGAFSVVRRCVHKTTGLEFAAKIINTKKLSARDFQKLEREARICRKLQHPNIVRLHDSIQEESFH
YLVFDLVTGGELFEDIVAREFYSEADASHCIQQILESIAYCHSNGIVHRNLKPENLLLASKAKGAAVKLADFGLAIEVND
SEAWHGFAGTPGYLSPEVLKKDPYSKPVDIWACGVILYILLVGYPPFWDEDQHRLYAQIKAGAYDYPSPEWDTVTPEAKS
LIDSMLTVNPKKRITADQALKVPWICNRE
;
A,C,E,G,I
2 'polypeptide(L)' KRPPKLGQIGRSKRVVIA B,D,F,H,J
#
# COMPACT_ATOMS: atom_id res chain seq x y z
N ASP A 6 24.75 29.64 3.43
CA ASP A 6 24.71 30.41 4.66
C ASP A 6 24.59 29.50 5.88
N ASN A 7 24.63 28.19 5.64
CA ASN A 7 24.52 27.22 6.72
C ASN A 7 25.87 26.67 7.16
N TYR A 8 26.77 26.47 6.20
CA TYR A 8 28.03 25.79 6.46
C TYR A 8 29.14 26.72 6.97
N ASP A 9 29.95 26.20 7.88
CA ASP A 9 31.00 26.96 8.51
C ASP A 9 32.35 26.32 8.20
N VAL A 10 33.22 27.05 7.49
CA VAL A 10 34.50 26.51 7.03
C VAL A 10 35.52 26.24 8.16
N LYS A 11 36.26 25.14 8.02
CA LYS A 11 37.36 24.83 8.93
C LYS A 11 38.65 24.67 8.11
N GLU A 12 39.53 23.77 8.55
CA GLU A 12 40.80 23.55 7.87
C GLU A 12 40.60 22.89 6.51
N GLU A 13 41.69 22.46 5.87
CA GLU A 13 41.60 21.89 4.53
C GLU A 13 42.29 20.53 4.40
N VAL A 22 39.77 21.50 -1.52
CA VAL A 22 38.74 21.01 -0.62
C VAL A 22 39.07 21.30 0.84
N ARG A 23 38.06 21.24 1.69
CA ARG A 23 38.25 21.52 3.11
C ARG A 23 36.99 21.25 3.92
N ARG A 24 37.18 20.98 5.22
CA ARG A 24 36.07 20.60 6.08
C ARG A 24 35.08 21.73 6.30
N CYS A 25 34.02 21.43 7.06
CA CYS A 25 32.96 22.38 7.34
C CYS A 25 31.87 21.67 8.11
N VAL A 26 30.96 22.44 8.69
CA VAL A 26 29.91 21.88 9.54
C VAL A 26 28.58 22.59 9.34
N HIS A 27 27.52 21.81 9.19
CA HIS A 27 26.19 22.35 9.01
C HIS A 27 25.84 23.19 10.23
N LYS A 28 25.13 24.29 10.02
CA LYS A 28 24.74 25.17 11.12
C LYS A 28 23.61 24.56 11.96
N THR A 29 22.59 24.04 11.28
CA THR A 29 21.45 23.40 11.93
C THR A 29 21.84 22.10 12.63
N THR A 30 22.14 21.07 11.84
CA THR A 30 22.38 19.72 12.36
C THR A 30 23.82 19.47 12.84
N GLY A 31 24.73 20.38 12.51
CA GLY A 31 26.09 20.36 13.00
C GLY A 31 26.92 19.14 12.63
N LEU A 32 26.55 18.48 11.53
CA LEU A 32 27.25 17.28 11.06
C LEU A 32 28.45 17.66 10.21
N GLU A 33 29.64 17.19 10.61
CA GLU A 33 30.85 17.49 9.86
C GLU A 33 30.71 17.04 8.40
N PHE A 34 31.26 17.82 7.47
CA PHE A 34 31.29 17.44 6.06
C PHE A 34 32.59 17.82 5.40
N ALA A 35 32.68 17.54 4.11
CA ALA A 35 33.83 17.94 3.30
C ALA A 35 33.29 18.75 2.14
N ALA A 36 33.74 19.98 2.01
CA ALA A 36 33.26 20.83 0.94
C ALA A 36 34.33 21.12 -0.13
N LYS A 37 34.15 20.52 -1.30
CA LYS A 37 35.02 20.83 -2.43
C LYS A 37 34.64 22.23 -2.91
N ILE A 38 35.65 23.08 -3.10
CA ILE A 38 35.43 24.46 -3.51
C ILE A 38 36.18 24.80 -4.79
N ILE A 39 35.44 24.93 -5.89
CA ILE A 39 36.04 25.23 -7.18
C ILE A 39 35.93 26.71 -7.51
N ASN A 40 36.57 27.13 -8.59
CA ASN A 40 36.75 28.55 -8.88
C ASN A 40 36.31 29.06 -10.28
N THR A 41 36.23 30.39 -10.38
CA THR A 41 35.88 31.10 -11.61
C THR A 41 36.90 32.19 -11.97
N LYS A 42 37.32 32.34 -13.22
CA LYS A 42 36.87 31.53 -14.35
C LYS A 42 37.80 30.31 -14.43
N LYS A 43 38.82 30.32 -13.57
CA LYS A 43 39.62 29.15 -13.26
C LYS A 43 38.73 28.44 -12.27
N LEU A 44 38.28 27.22 -12.56
CA LEU A 44 38.66 26.51 -13.78
C LEU A 44 37.92 27.03 -15.00
N SER A 45 38.61 26.97 -16.12
CA SER A 45 38.05 27.48 -17.35
C SER A 45 36.66 26.94 -17.63
N ALA A 46 35.75 27.85 -17.92
CA ALA A 46 34.68 27.59 -18.86
C ALA A 46 34.30 26.12 -19.00
N ARG A 47 34.74 25.47 -20.07
CA ARG A 47 34.30 24.10 -20.37
C ARG A 47 35.07 23.05 -19.58
N ASP A 48 36.16 23.47 -18.92
CA ASP A 48 36.76 22.67 -17.86
C ASP A 48 35.70 22.50 -16.78
N PHE A 49 34.97 23.59 -16.54
CA PHE A 49 33.84 23.58 -15.62
C PHE A 49 32.71 22.68 -16.13
N GLN A 50 32.53 22.67 -17.46
CA GLN A 50 31.47 21.89 -18.08
C GLN A 50 31.78 20.39 -18.08
N LYS A 51 32.99 20.05 -17.64
CA LYS A 51 33.36 18.65 -17.43
C LYS A 51 32.94 18.23 -16.03
N LEU A 52 32.85 19.21 -15.14
CA LEU A 52 32.41 18.98 -13.77
C LEU A 52 30.89 19.04 -13.68
N GLU A 53 30.28 19.78 -14.60
CA GLU A 53 28.84 19.69 -14.81
C GLU A 53 28.49 18.21 -14.85
N ARG A 54 28.91 17.54 -15.92
CA ARG A 54 28.60 16.13 -16.12
C ARG A 54 28.95 15.36 -14.85
N GLU A 55 30.21 15.47 -14.42
CA GLU A 55 30.68 14.66 -13.31
C GLU A 55 29.84 14.81 -12.07
N ALA A 56 29.47 16.03 -11.75
CA ALA A 56 28.70 16.28 -10.53
C ALA A 56 27.29 15.72 -10.57
N ARG A 57 26.61 15.87 -11.71
CA ARG A 57 25.29 15.27 -11.91
C ARG A 57 25.29 13.81 -11.45
N ILE A 58 26.34 13.09 -11.81
CA ILE A 58 26.47 11.67 -11.52
C ILE A 58 26.42 11.34 -10.03
N CYS A 59 27.31 11.94 -9.25
CA CYS A 59 27.38 11.69 -7.81
C CYS A 59 26.07 12.01 -7.10
N ARG A 60 25.24 12.80 -7.76
CA ARG A 60 23.96 13.21 -7.21
C ARG A 60 22.92 12.13 -7.48
N LYS A 61 23.22 11.24 -8.41
CA LYS A 61 22.35 10.10 -8.66
C LYS A 61 22.72 8.99 -7.68
N LEU A 62 23.92 9.08 -7.14
CA LEU A 62 24.45 7.99 -6.35
C LEU A 62 24.41 8.26 -4.85
N GLN A 63 23.34 7.81 -4.21
CA GLN A 63 23.20 7.96 -2.78
C GLN A 63 23.21 6.58 -2.10
N HIS A 64 24.40 6.13 -1.72
CA HIS A 64 24.53 4.82 -1.11
C HIS A 64 25.62 4.83 -0.05
N PRO A 65 25.42 4.05 1.00
CA PRO A 65 26.30 4.12 2.17
C PRO A 65 27.76 3.95 1.79
N ASN A 66 28.06 3.12 0.81
CA ASN A 66 29.46 2.91 0.47
C ASN A 66 29.95 3.79 -0.66
N ILE A 67 29.21 4.85 -0.95
CA ILE A 67 29.63 5.78 -1.97
C ILE A 67 29.72 7.14 -1.34
N VAL A 68 30.90 7.74 -1.42
CA VAL A 68 31.10 9.08 -0.87
C VAL A 68 30.03 9.99 -1.42
N ARG A 69 28.89 10.04 -0.71
CA ARG A 69 27.69 10.69 -1.19
C ARG A 69 27.87 12.19 -1.35
N LEU A 70 27.36 12.73 -2.45
CA LEU A 70 27.27 14.18 -2.59
C LEU A 70 25.93 14.62 -2.02
N HIS A 71 25.96 15.58 -1.12
CA HIS A 71 24.75 15.98 -0.41
C HIS A 71 24.13 17.28 -0.93
N ASP A 72 24.96 18.29 -1.17
CA ASP A 72 24.47 19.52 -1.77
C ASP A 72 25.45 20.18 -2.75
N SER A 73 24.90 20.84 -3.76
CA SER A 73 25.67 21.58 -4.75
C SER A 73 25.20 23.03 -4.73
N ILE A 74 26.14 23.95 -4.54
CA ILE A 74 25.80 25.36 -4.39
C ILE A 74 26.73 26.30 -5.18
N GLN A 75 26.11 27.19 -5.95
CA GLN A 75 26.82 28.21 -6.69
C GLN A 75 26.76 29.55 -5.93
N GLU A 76 27.94 30.07 -5.59
CA GLU A 76 28.05 31.36 -4.92
C GLU A 76 28.33 32.46 -5.94
N GLU A 77 29.47 33.12 -5.81
CA GLU A 77 29.85 34.17 -6.74
C GLU A 77 30.75 33.59 -7.82
N SER A 78 32.03 33.40 -7.49
CA SER A 78 33.00 32.81 -8.41
C SER A 78 33.38 31.38 -8.00
N PHE A 79 33.03 31.04 -6.75
CA PHE A 79 33.33 29.72 -6.21
C PHE A 79 32.12 28.81 -6.27
N HIS A 80 32.38 27.53 -6.48
CA HIS A 80 31.34 26.51 -6.46
C HIS A 80 31.58 25.60 -5.26
N TYR A 81 30.51 25.20 -4.58
CA TYR A 81 30.60 24.36 -3.39
C TYR A 81 29.94 23.00 -3.55
N LEU A 82 30.66 21.95 -3.18
CA LEU A 82 30.14 20.60 -3.28
C LEU A 82 30.31 19.92 -1.94
N VAL A 83 29.20 19.70 -1.25
CA VAL A 83 29.23 19.15 0.09
C VAL A 83 29.18 17.63 0.11
N PHE A 84 30.31 17.02 0.49
CA PHE A 84 30.44 15.56 0.42
C PHE A 84 30.49 14.92 1.79
N ASP A 85 30.16 13.64 1.85
CA ASP A 85 30.46 12.83 3.02
C ASP A 85 31.91 13.11 3.43
N LEU A 86 32.17 13.08 4.73
CA LEU A 86 33.51 13.27 5.24
C LEU A 86 34.11 11.92 5.61
N VAL A 87 35.25 11.59 5.02
CA VAL A 87 35.88 10.29 5.29
C VAL A 87 37.31 10.52 5.70
N THR A 88 37.77 9.81 6.72
CA THR A 88 39.04 10.11 7.37
C THR A 88 40.03 8.96 7.43
N GLY A 89 39.53 7.73 7.38
CA GLY A 89 40.38 6.55 7.48
C GLY A 89 41.42 6.44 6.38
N GLY A 90 41.49 7.45 5.52
CA GLY A 90 42.46 7.46 4.45
C GLY A 90 42.11 6.48 3.36
N GLU A 91 43.04 6.26 2.44
CA GLU A 91 42.81 5.36 1.30
C GLU A 91 42.95 3.91 1.66
N LEU A 92 42.27 3.04 0.91
CA LEU A 92 42.36 1.61 1.15
C LEU A 92 43.74 1.18 0.75
N PHE A 93 44.30 1.86 -0.23
CA PHE A 93 45.68 1.59 -0.67
C PHE A 93 46.63 1.58 0.52
N GLU A 94 46.59 2.68 1.28
CA GLU A 94 47.41 2.84 2.47
C GLU A 94 47.17 1.71 3.46
N ASP A 95 45.90 1.40 3.74
CA ASP A 95 45.61 0.35 4.70
C ASP A 95 46.18 -1.01 4.25
N ILE A 96 46.48 -1.14 2.96
CA ILE A 96 46.96 -2.40 2.43
C ILE A 96 48.47 -2.51 2.53
N VAL A 97 49.15 -1.39 2.27
CA VAL A 97 50.59 -1.38 2.47
C VAL A 97 50.82 -1.47 3.96
N ALA A 98 49.86 -0.93 4.71
CA ALA A 98 49.91 -0.94 6.16
C ALA A 98 50.02 -2.37 6.70
N ARG A 99 49.01 -3.17 6.40
CA ARG A 99 48.87 -4.49 7.00
C ARG A 99 49.56 -5.57 6.19
N GLU A 100 50.09 -5.18 5.01
CA GLU A 100 50.72 -6.08 4.03
C GLU A 100 49.73 -6.85 3.16
N PHE A 101 48.63 -7.27 3.74
CA PHE A 101 47.65 -8.08 3.03
C PHE A 101 46.55 -8.56 3.98
N TYR A 102 45.31 -8.52 3.55
CA TYR A 102 44.19 -8.95 4.37
C TYR A 102 44.08 -10.44 4.65
N SER A 103 43.35 -10.78 5.72
CA SER A 103 42.95 -12.16 5.92
C SER A 103 41.77 -12.37 5.01
N GLU A 104 41.42 -13.62 4.76
CA GLU A 104 40.31 -13.87 3.86
C GLU A 104 39.03 -13.24 4.40
N ALA A 105 38.86 -13.32 5.70
CA ALA A 105 37.69 -12.75 6.33
C ALA A 105 37.61 -11.24 6.06
N ASP A 106 38.64 -10.51 6.46
CA ASP A 106 38.67 -9.07 6.29
C ASP A 106 38.61 -8.74 4.80
N ALA A 107 39.20 -9.62 4.01
CA ALA A 107 39.18 -9.48 2.57
C ALA A 107 37.77 -9.66 2.06
N SER A 108 37.13 -10.76 2.48
CA SER A 108 35.77 -11.04 2.07
C SER A 108 34.92 -9.84 2.40
N HIS A 109 35.11 -9.32 3.59
CA HIS A 109 34.33 -8.18 4.02
C HIS A 109 34.63 -6.98 3.13
N CYS A 110 35.91 -6.75 2.88
CA CYS A 110 36.29 -5.56 2.15
C CYS A 110 35.76 -5.54 0.74
N ILE A 111 35.76 -6.71 0.10
CA ILE A 111 35.37 -6.81 -1.31
C ILE A 111 33.84 -6.78 -1.42
N GLN A 112 33.16 -7.35 -0.42
CA GLN A 112 31.71 -7.40 -0.40
C GLN A 112 31.16 -5.99 -0.35
N GLN A 113 31.92 -5.10 0.25
CA GLN A 113 31.53 -3.70 0.38
C GLN A 113 31.65 -3.00 -0.95
N ILE A 114 32.80 -3.16 -1.58
CA ILE A 114 33.02 -2.63 -2.90
C ILE A 114 32.00 -3.19 -3.90
N LEU A 115 31.77 -4.50 -3.85
CA LEU A 115 30.75 -5.12 -4.69
C LEU A 115 29.36 -4.47 -4.55
N GLU A 116 28.89 -4.34 -3.32
CA GLU A 116 27.60 -3.70 -3.11
C GLU A 116 27.57 -2.31 -3.71
N SER A 117 28.68 -1.59 -3.63
CA SER A 117 28.68 -0.23 -4.15
C SER A 117 28.63 -0.29 -5.67
N ILE A 118 29.53 -1.08 -6.26
CA ILE A 118 29.53 -1.32 -7.70
C ILE A 118 28.13 -1.74 -8.17
N ALA A 119 27.61 -2.81 -7.60
CA ALA A 119 26.27 -3.27 -7.91
C ALA A 119 25.30 -2.10 -8.03
N TYR A 120 25.25 -1.26 -7.00
CA TYR A 120 24.35 -0.10 -6.97
C TYR A 120 24.64 0.81 -8.14
N CYS A 121 25.91 1.11 -8.36
CA CYS A 121 26.31 1.94 -9.48
C CYS A 121 25.75 1.41 -10.80
N HIS A 122 25.92 0.12 -11.02
CA HIS A 122 25.49 -0.49 -12.26
C HIS A 122 23.99 -0.51 -12.38
N SER A 123 23.31 -0.95 -11.33
CA SER A 123 21.85 -1.00 -11.37
C SER A 123 21.29 0.40 -11.53
N ASN A 124 22.18 1.36 -11.69
CA ASN A 124 21.81 2.76 -11.90
C ASN A 124 22.45 3.36 -13.12
N GLY A 125 22.95 2.50 -14.01
CA GLY A 125 23.50 2.92 -15.29
C GLY A 125 24.86 3.58 -15.23
N ILE A 126 25.56 3.49 -14.11
CA ILE A 126 26.87 4.10 -13.99
C ILE A 126 28.00 3.09 -13.97
N VAL A 127 29.02 3.36 -14.78
CA VAL A 127 30.22 2.54 -14.83
C VAL A 127 31.37 3.40 -14.38
N HIS A 128 32.16 2.89 -13.45
CA HIS A 128 33.21 3.71 -12.85
C HIS A 128 34.45 3.82 -13.72
N ARG A 129 34.97 2.68 -14.16
CA ARG A 129 36.16 2.59 -15.01
C ARG A 129 37.46 2.75 -14.22
N ASN A 130 37.59 3.84 -13.49
CA ASN A 130 38.80 4.09 -12.71
C ASN A 130 38.75 3.47 -11.32
N LEU A 131 38.29 2.23 -11.25
CA LEU A 131 38.17 1.54 -9.98
C LEU A 131 39.50 0.91 -9.54
N LYS A 132 40.07 1.42 -8.45
CA LYS A 132 41.32 0.92 -7.91
C LYS A 132 41.37 1.14 -6.39
N PRO A 133 42.36 0.54 -5.71
CA PRO A 133 42.50 0.77 -4.27
C PRO A 133 42.70 2.23 -3.91
N GLU A 134 43.51 2.94 -4.67
CA GLU A 134 43.74 4.35 -4.38
C GLU A 134 42.47 5.22 -4.50
N ASN A 135 41.33 4.59 -4.80
CA ASN A 135 40.06 5.31 -4.94
C ASN A 135 38.97 4.78 -4.00
N LEU A 136 39.37 3.90 -3.10
CA LEU A 136 38.48 3.43 -2.08
C LEU A 136 38.90 4.00 -0.73
N LEU A 137 37.98 4.69 -0.07
CA LEU A 137 38.27 5.33 1.21
C LEU A 137 37.66 4.58 2.38
N LEU A 138 38.33 4.60 3.53
CA LEU A 138 37.85 3.93 4.73
C LEU A 138 37.21 4.92 5.71
N ALA A 139 36.13 4.51 6.37
CA ALA A 139 35.45 5.35 7.35
C ALA A 139 36.37 5.72 8.51
N SER A 140 37.01 4.69 9.07
CA SER A 140 38.14 4.84 9.99
C SER A 140 39.04 3.65 9.71
N LYS A 141 40.09 3.49 10.50
CA LYS A 141 40.92 2.29 10.34
C LYS A 141 40.44 1.25 11.35
N ALA A 142 39.17 1.33 11.71
CA ALA A 142 38.54 0.36 12.62
C ALA A 142 38.70 -1.05 12.09
N LYS A 143 38.43 -2.03 12.94
CA LYS A 143 38.40 -3.40 12.46
C LYS A 143 36.97 -3.74 12.06
N GLY A 144 36.48 -3.02 11.06
CA GLY A 144 35.15 -3.26 10.52
C GLY A 144 34.67 -2.05 9.75
N ALA A 145 35.44 -0.96 9.85
CA ALA A 145 35.06 0.30 9.22
C ALA A 145 34.54 0.09 7.80
N ALA A 146 33.61 0.94 7.40
CA ALA A 146 33.03 0.83 6.06
C ALA A 146 33.96 1.40 5.00
N VAL A 147 33.75 0.98 3.76
CA VAL A 147 34.55 1.45 2.63
C VAL A 147 33.71 2.26 1.66
N LYS A 148 34.27 3.36 1.16
CA LYS A 148 33.51 4.27 0.32
C LYS A 148 34.17 4.46 -1.04
N LEU A 149 33.35 4.60 -2.07
CA LEU A 149 33.80 4.68 -3.45
C LEU A 149 33.97 6.14 -3.84
N ALA A 150 35.06 6.48 -4.53
CA ALA A 150 35.29 7.87 -4.89
C ALA A 150 35.95 8.08 -6.25
N ASP A 151 36.03 9.35 -6.68
CA ASP A 151 36.59 9.75 -7.97
C ASP A 151 35.81 9.25 -9.18
N PHE A 152 34.82 10.02 -9.60
CA PHE A 152 34.03 9.62 -10.75
C PHE A 152 34.42 10.40 -12.00
N GLY A 153 35.67 10.87 -12.02
CA GLY A 153 36.15 11.62 -13.16
C GLY A 153 35.91 10.87 -14.46
N LEU A 154 36.09 9.56 -14.40
CA LEU A 154 35.94 8.73 -15.59
C LEU A 154 34.59 8.02 -15.64
N ALA A 155 33.75 8.24 -14.64
CA ALA A 155 32.43 7.63 -14.65
C ALA A 155 31.65 8.03 -15.89
N ILE A 156 30.80 7.12 -16.38
CA ILE A 156 29.96 7.42 -17.54
C ILE A 156 28.62 6.76 -17.35
N GLU A 157 27.57 7.35 -17.92
CA GLU A 157 26.23 6.78 -17.84
C GLU A 157 25.96 5.96 -19.09
N VAL A 158 25.41 4.76 -18.91
CA VAL A 158 25.24 3.84 -20.04
C VAL A 158 23.98 2.99 -19.95
N ASN A 159 23.56 2.50 -21.11
CA ASN A 159 22.51 1.47 -21.20
C ASN A 159 23.13 0.08 -21.12
N ASP A 160 22.29 -0.95 -21.27
CA ASP A 160 22.77 -2.33 -21.25
C ASP A 160 23.56 -2.69 -22.51
N SER A 161 23.66 -1.74 -23.43
CA SER A 161 24.24 -1.97 -24.74
C SER A 161 25.72 -1.62 -24.79
N GLU A 162 26.54 -2.58 -25.20
CA GLU A 162 27.98 -2.37 -25.27
C GLU A 162 28.37 -1.43 -26.41
N ALA A 163 29.31 -0.53 -26.14
CA ALA A 163 29.83 0.40 -27.14
C ALA A 163 31.33 0.60 -26.91
N TRP A 164 31.92 1.61 -27.53
CA TRP A 164 33.30 1.94 -27.25
C TRP A 164 33.41 3.30 -26.59
N HIS A 165 33.11 3.34 -25.29
CA HIS A 165 33.01 4.61 -24.58
C HIS A 165 34.38 5.21 -24.23
N GLY A 166 35.18 5.46 -25.24
CA GLY A 166 36.49 6.05 -25.02
C GLY A 166 37.46 5.05 -24.43
N PHE A 167 38.67 5.52 -24.14
CA PHE A 167 39.71 4.65 -23.60
C PHE A 167 40.40 5.36 -22.43
N ALA A 168 40.09 4.90 -21.23
CA ALA A 168 40.64 5.50 -20.02
C ALA A 168 40.55 4.55 -18.84
N GLY A 169 41.31 4.87 -17.79
CA GLY A 169 41.37 4.04 -16.59
C GLY A 169 42.82 3.91 -16.20
N THR A 170 43.08 3.24 -15.09
CA THR A 170 44.45 3.07 -14.64
C THR A 170 45.10 1.82 -15.20
N PRO A 171 46.27 1.98 -15.80
CA PRO A 171 47.04 0.87 -16.39
C PRO A 171 47.47 -0.07 -15.28
N GLY A 172 46.90 -1.28 -15.28
CA GLY A 172 47.16 -2.24 -14.23
C GLY A 172 45.86 -2.87 -13.83
N TYR A 173 44.80 -2.07 -13.88
CA TYR A 173 43.47 -2.54 -13.55
C TYR A 173 42.62 -2.63 -14.80
N LEU A 174 43.12 -2.09 -15.90
CA LEU A 174 42.36 -2.07 -17.15
C LEU A 174 41.90 -3.45 -17.60
N SER A 175 40.75 -3.48 -18.26
CA SER A 175 40.17 -4.75 -18.70
C SER A 175 40.64 -5.13 -20.09
N PRO A 176 40.68 -6.46 -20.39
CA PRO A 176 41.06 -6.93 -21.73
C PRO A 176 40.23 -6.26 -22.82
N GLU A 177 38.91 -6.29 -22.69
CA GLU A 177 38.02 -5.71 -23.69
C GLU A 177 38.33 -4.25 -24.03
N VAL A 178 38.91 -3.51 -23.10
CA VAL A 178 39.26 -2.13 -23.37
C VAL A 178 40.62 -2.01 -24.09
N LEU A 179 41.51 -2.95 -23.83
CA LEU A 179 42.81 -2.91 -24.49
C LEU A 179 42.68 -3.43 -25.92
N LYS A 180 41.68 -4.24 -26.17
CA LYS A 180 41.43 -4.77 -27.49
C LYS A 180 40.57 -3.78 -28.26
N LYS A 181 40.45 -2.58 -27.74
CA LYS A 181 39.58 -1.58 -28.34
C LYS A 181 38.21 -2.16 -28.71
N ASP A 182 37.78 -3.19 -27.98
CA ASP A 182 36.44 -3.77 -28.16
C ASP A 182 35.35 -2.92 -27.55
N PRO A 183 34.10 -3.27 -27.80
CA PRO A 183 33.06 -2.51 -27.09
C PRO A 183 32.98 -3.10 -25.70
N TYR A 184 32.80 -2.25 -24.70
CA TYR A 184 32.69 -2.70 -23.33
C TYR A 184 31.51 -2.07 -22.61
N SER A 185 31.19 -2.60 -21.44
CA SER A 185 30.12 -2.07 -20.61
C SER A 185 30.46 -2.27 -19.13
N LYS A 186 29.43 -2.49 -18.33
CA LYS A 186 29.59 -2.67 -16.90
C LYS A 186 30.75 -3.57 -16.47
N PRO A 187 30.91 -4.73 -17.10
CA PRO A 187 31.87 -5.68 -16.51
C PRO A 187 33.32 -5.22 -16.46
N VAL A 188 33.65 -4.08 -17.05
CA VAL A 188 35.01 -3.56 -16.90
C VAL A 188 35.35 -3.35 -15.43
N ASP A 189 34.32 -3.12 -14.63
CA ASP A 189 34.50 -2.86 -13.21
C ASP A 189 34.72 -4.12 -12.41
N ILE A 190 33.92 -5.13 -12.68
CA ILE A 190 34.15 -6.43 -12.07
C ILE A 190 35.56 -6.90 -12.36
N TRP A 191 36.13 -6.50 -13.48
CA TRP A 191 37.51 -6.89 -13.75
C TRP A 191 38.41 -6.24 -12.73
N ALA A 192 38.23 -4.95 -12.55
CA ALA A 192 39.03 -4.24 -11.57
C ALA A 192 38.90 -4.93 -10.22
N CYS A 193 37.70 -5.34 -9.84
CA CYS A 193 37.54 -5.97 -8.54
C CYS A 193 38.53 -7.11 -8.43
N GLY A 194 38.47 -8.03 -9.37
CA GLY A 194 39.32 -9.19 -9.29
C GLY A 194 40.78 -8.81 -9.05
N VAL A 195 41.20 -7.69 -9.63
CA VAL A 195 42.56 -7.24 -9.43
C VAL A 195 42.74 -6.91 -7.95
N ILE A 196 41.78 -6.14 -7.44
CA ILE A 196 41.81 -5.68 -6.07
C ILE A 196 41.72 -6.86 -5.12
N LEU A 197 40.59 -7.56 -5.15
CA LEU A 197 40.45 -8.77 -4.36
C LEU A 197 41.69 -9.66 -4.45
N TYR A 198 42.36 -9.65 -5.59
CA TYR A 198 43.57 -10.43 -5.74
C TYR A 198 44.67 -9.83 -4.85
N ILE A 199 44.79 -8.51 -4.90
CA ILE A 199 45.80 -7.85 -4.12
C ILE A 199 45.60 -8.06 -2.62
N LEU A 200 44.37 -7.83 -2.16
CA LEU A 200 44.03 -7.98 -0.75
C LEU A 200 44.59 -9.26 -0.18
N LEU A 201 44.32 -10.37 -0.86
CA LEU A 201 44.78 -11.65 -0.34
C LEU A 201 46.32 -11.82 -0.26
N VAL A 202 47.09 -11.11 -1.07
CA VAL A 202 48.54 -11.33 -1.09
C VAL A 202 49.41 -10.09 -1.17
N GLY A 203 48.81 -8.93 -1.42
CA GLY A 203 49.55 -7.68 -1.33
C GLY A 203 50.44 -7.30 -2.49
N TYR A 204 50.48 -8.18 -3.52
CA TYR A 204 51.02 -7.85 -4.86
C TYR A 204 49.94 -7.95 -5.95
N PRO A 205 50.18 -7.31 -7.11
CA PRO A 205 49.18 -7.32 -8.19
C PRO A 205 49.19 -8.63 -8.99
N PRO A 206 48.10 -8.89 -9.74
CA PRO A 206 48.03 -10.07 -10.63
C PRO A 206 48.79 -9.87 -11.94
N PHE A 207 48.56 -8.71 -12.57
CA PHE A 207 49.24 -8.33 -13.79
C PHE A 207 50.15 -7.16 -13.53
N TRP A 208 51.42 -7.32 -13.88
CA TRP A 208 52.37 -6.23 -13.71
C TRP A 208 53.69 -6.47 -14.45
N ASP A 209 54.11 -5.45 -15.20
CA ASP A 209 55.48 -5.37 -15.66
C ASP A 209 56.01 -3.93 -15.74
N GLU A 210 57.33 -3.84 -15.82
CA GLU A 210 58.06 -2.57 -15.92
C GLU A 210 57.67 -1.79 -17.17
N ASP A 211 57.53 -2.53 -18.27
CA ASP A 211 57.14 -1.95 -19.56
C ASP A 211 55.64 -1.97 -19.75
N GLN A 212 55.07 -0.79 -19.95
CA GLN A 212 53.63 -0.63 -20.09
C GLN A 212 53.03 -1.66 -21.05
N HIS A 213 53.68 -1.85 -22.20
CA HIS A 213 53.16 -2.75 -23.24
C HIS A 213 53.33 -4.23 -22.90
N ARG A 214 54.47 -4.57 -22.32
CA ARG A 214 54.64 -5.89 -21.74
C ARG A 214 53.43 -6.19 -20.85
N LEU A 215 52.94 -5.16 -20.16
CA LEU A 215 51.80 -5.29 -19.24
C LEU A 215 50.48 -5.55 -19.97
N TYR A 216 49.99 -4.55 -20.70
CA TYR A 216 48.74 -4.69 -21.44
C TYR A 216 48.69 -6.05 -22.12
N ALA A 217 49.85 -6.52 -22.56
CA ALA A 217 49.94 -7.83 -23.19
C ALA A 217 49.50 -8.92 -22.23
N GLN A 218 50.10 -8.90 -21.05
CA GLN A 218 49.85 -9.87 -20.01
C GLN A 218 48.37 -9.87 -19.64
N ILE A 219 47.82 -8.66 -19.48
CA ILE A 219 46.40 -8.45 -19.22
C ILE A 219 45.52 -9.07 -20.29
N LYS A 220 45.60 -8.52 -21.52
CA LYS A 220 44.86 -9.02 -22.70
C LYS A 220 44.91 -10.54 -22.77
N ALA A 221 46.07 -11.09 -22.44
CA ALA A 221 46.31 -12.51 -22.50
C ALA A 221 45.51 -13.28 -21.45
N GLY A 222 45.29 -12.64 -20.30
CA GLY A 222 44.65 -13.30 -19.18
C GLY A 222 45.69 -14.02 -18.34
N ALA A 223 46.91 -13.49 -18.38
CA ALA A 223 48.09 -14.13 -17.80
C ALA A 223 48.34 -13.86 -16.31
N TYR A 224 47.70 -14.64 -15.46
CA TYR A 224 47.98 -14.53 -14.03
C TYR A 224 47.99 -15.91 -13.41
N ASP A 225 48.63 -16.03 -12.26
CA ASP A 225 48.69 -17.32 -11.59
C ASP A 225 48.68 -17.17 -10.07
N TYR A 226 48.68 -18.32 -9.40
CA TYR A 226 48.67 -18.38 -7.95
C TYR A 226 49.97 -18.99 -7.41
N PRO A 227 51.03 -18.19 -7.38
CA PRO A 227 52.37 -18.60 -6.94
C PRO A 227 52.39 -19.23 -5.55
N SER A 228 53.13 -20.33 -5.40
CA SER A 228 53.33 -20.92 -4.10
C SER A 228 54.49 -20.23 -3.41
N PRO A 229 54.51 -20.25 -2.06
CA PRO A 229 53.54 -20.98 -1.22
C PRO A 229 52.36 -20.12 -0.79
N GLU A 230 52.46 -18.81 -0.98
CA GLU A 230 51.42 -17.89 -0.51
C GLU A 230 50.04 -18.42 -0.86
N TRP A 231 49.79 -18.71 -2.12
CA TRP A 231 48.45 -19.08 -2.53
C TRP A 231 48.08 -20.49 -2.10
N ASP A 232 49.07 -21.24 -1.62
CA ASP A 232 48.85 -22.64 -1.30
C ASP A 232 47.81 -22.80 -0.23
N THR A 233 47.58 -21.71 0.51
CA THR A 233 46.74 -21.78 1.70
C THR A 233 45.60 -20.76 1.69
N VAL A 234 45.14 -20.41 0.50
CA VAL A 234 43.96 -19.58 0.33
C VAL A 234 42.84 -20.46 -0.11
N THR A 235 41.71 -20.38 0.56
CA THR A 235 40.60 -21.27 0.22
C THR A 235 40.29 -21.17 -1.26
N PRO A 236 40.17 -22.31 -1.93
CA PRO A 236 39.82 -22.39 -3.35
C PRO A 236 38.58 -21.54 -3.67
N GLU A 237 37.61 -21.55 -2.77
CA GLU A 237 36.38 -20.77 -2.95
C GLU A 237 36.70 -19.31 -3.21
N ALA A 238 37.84 -18.86 -2.69
CA ALA A 238 38.27 -17.49 -2.84
C ALA A 238 38.93 -17.28 -4.18
N LYS A 239 39.76 -18.24 -4.57
CA LYS A 239 40.40 -18.20 -5.87
C LYS A 239 39.31 -18.21 -6.94
N SER A 240 38.45 -19.21 -6.87
CA SER A 240 37.31 -19.33 -7.78
C SER A 240 36.55 -18.02 -7.98
N LEU A 241 36.36 -17.26 -6.92
CA LEU A 241 35.67 -15.98 -7.05
C LEU A 241 36.53 -14.98 -7.84
N ILE A 242 37.85 -15.02 -7.65
CA ILE A 242 38.75 -14.18 -8.44
C ILE A 242 38.70 -14.64 -9.90
N ASP A 243 38.92 -15.94 -10.10
CA ASP A 243 38.90 -16.56 -11.41
C ASP A 243 37.72 -16.06 -12.22
N SER A 244 36.59 -15.86 -11.55
CA SER A 244 35.37 -15.51 -12.25
C SER A 244 35.24 -14.00 -12.47
N MET A 245 36.09 -13.24 -11.80
CA MET A 245 36.13 -11.80 -12.04
C MET A 245 37.16 -11.52 -13.08
N LEU A 246 38.22 -12.33 -13.07
CA LEU A 246 39.29 -12.21 -14.03
C LEU A 246 39.04 -13.15 -15.20
N THR A 247 37.76 -13.38 -15.46
CA THR A 247 37.28 -14.04 -16.68
C THR A 247 37.51 -13.07 -17.84
N VAL A 248 38.25 -13.51 -18.86
CA VAL A 248 38.66 -12.61 -19.94
C VAL A 248 37.52 -12.27 -20.87
N ASN A 249 36.62 -13.22 -21.07
CA ASN A 249 35.44 -12.99 -21.87
C ASN A 249 34.35 -12.23 -21.12
N PRO A 250 34.17 -10.94 -21.44
CA PRO A 250 33.16 -10.12 -20.76
C PRO A 250 31.79 -10.79 -20.59
N LYS A 251 31.26 -11.30 -21.69
CA LYS A 251 29.94 -11.93 -21.66
C LYS A 251 29.78 -12.95 -20.53
N LYS A 252 30.86 -13.56 -20.07
CA LYS A 252 30.71 -14.61 -19.07
C LYS A 252 31.39 -14.28 -17.75
N ARG A 253 31.87 -13.07 -17.63
CA ARG A 253 32.53 -12.64 -16.41
C ARG A 253 31.44 -12.26 -15.44
N ILE A 254 31.48 -12.87 -14.26
CA ILE A 254 30.51 -12.64 -13.18
C ILE A 254 30.11 -11.17 -12.97
N THR A 255 28.83 -10.94 -12.68
CA THR A 255 28.35 -9.60 -12.46
C THR A 255 28.40 -9.29 -10.98
N ALA A 256 28.15 -8.03 -10.62
CA ALA A 256 28.17 -7.64 -9.21
C ALA A 256 27.12 -8.38 -8.37
N ASP A 257 25.87 -8.25 -8.76
CA ASP A 257 24.78 -8.88 -8.03
C ASP A 257 24.94 -10.39 -7.92
N GLN A 258 25.85 -10.95 -8.71
CA GLN A 258 26.05 -12.39 -8.70
C GLN A 258 27.13 -12.70 -7.71
N ALA A 259 28.15 -11.84 -7.70
CA ALA A 259 29.28 -12.04 -6.78
C ALA A 259 28.83 -11.94 -5.33
N LEU A 260 27.80 -11.13 -5.09
CA LEU A 260 27.30 -10.89 -3.74
C LEU A 260 26.56 -12.09 -3.22
N LYS A 261 26.28 -13.05 -4.08
CA LYS A 261 25.55 -14.23 -3.64
C LYS A 261 26.42 -15.46 -3.46
N VAL A 262 27.74 -15.28 -3.46
CA VAL A 262 28.64 -16.41 -3.28
C VAL A 262 28.89 -16.68 -1.81
N PRO A 263 28.93 -17.97 -1.43
CA PRO A 263 29.29 -18.45 -0.10
C PRO A 263 30.41 -17.64 0.54
N TRP A 264 31.55 -17.58 -0.11
CA TRP A 264 32.71 -16.90 0.45
C TRP A 264 32.44 -15.41 0.72
N ILE A 265 31.25 -14.93 0.37
CA ILE A 265 30.88 -13.55 0.68
C ILE A 265 29.64 -13.54 1.56
N CYS A 266 28.79 -14.57 1.36
CA CYS A 266 27.53 -14.72 2.08
C CYS A 266 27.73 -15.42 3.42
N ASN A 267 28.94 -15.26 3.97
CA ASN A 267 29.27 -15.78 5.28
C ASN A 267 29.70 -14.70 6.29
N ARG A 268 28.62 -14.05 6.74
CA ARG A 268 28.50 -13.39 8.03
C ARG A 268 28.04 -14.46 9.03
N GLU A 269 28.88 -14.68 10.03
CA GLU A 269 28.63 -15.64 11.09
C GLU A 269 29.43 -15.16 12.31
N LYS B 1 25.93 -14.03 14.16
CA LYS B 1 26.79 -14.97 14.88
C LYS B 1 26.35 -15.23 16.33
N ARG B 2 26.88 -16.31 16.92
CA ARG B 2 27.22 -16.34 18.36
C ARG B 2 27.85 -17.75 18.50
N PRO B 3 28.42 -17.96 19.67
CA PRO B 3 29.07 -19.22 20.06
C PRO B 3 28.68 -19.45 21.50
N PRO B 4 28.68 -20.69 21.96
CA PRO B 4 28.24 -20.97 23.34
C PRO B 4 29.21 -20.40 24.37
N LYS B 5 28.72 -20.05 25.55
CA LYS B 5 29.63 -19.52 26.57
C LYS B 5 30.60 -20.60 27.04
N LEU B 6 31.78 -20.16 27.45
CA LEU B 6 32.89 -21.07 27.75
C LEU B 6 32.51 -22.17 28.72
N GLY B 7 31.54 -21.89 29.58
CA GLY B 7 31.05 -22.88 30.51
C GLY B 7 30.33 -24.00 29.78
N GLN B 8 29.41 -23.62 28.88
CA GLN B 8 28.66 -24.59 28.13
C GLN B 8 29.58 -25.49 27.29
N ILE B 9 30.64 -24.93 26.71
CA ILE B 9 31.37 -25.68 25.70
C ILE B 9 32.26 -26.77 26.28
N GLY B 10 32.78 -26.55 27.49
CA GLY B 10 33.66 -27.53 28.12
C GLY B 10 35.11 -27.11 28.05
N ARG B 11 36.03 -28.07 28.24
CA ARG B 11 37.45 -27.72 28.43
C ARG B 11 38.41 -28.40 27.47
N SER B 12 38.77 -27.68 26.41
CA SER B 12 39.87 -28.04 25.50
C SER B 12 40.01 -29.53 25.12
N LYS B 13 41.21 -29.89 24.67
CA LYS B 13 41.47 -31.25 24.23
C LYS B 13 42.97 -31.47 24.05
N ARG B 14 43.59 -30.70 23.17
CA ARG B 14 45.02 -30.78 22.87
C ARG B 14 45.18 -31.67 21.64
N VAL B 15 46.34 -31.58 20.99
CA VAL B 15 46.56 -32.17 19.66
C VAL B 15 48.07 -32.38 19.43
N VAL B 16 48.49 -33.53 18.87
CA VAL B 16 49.93 -33.70 18.57
C VAL B 16 50.32 -34.60 17.35
N ILE B 17 51.46 -34.26 16.72
CA ILE B 17 52.09 -35.10 15.69
C ILE B 17 53.63 -35.02 15.78
N ALA B 18 54.15 -33.81 15.99
CA ALA B 18 55.58 -33.56 16.22
C ALA B 18 55.80 -32.19 16.90
N LYS C 3 9.46 34.81 -53.24
CA LYS C 3 10.57 33.94 -53.62
C LYS C 3 10.10 32.51 -53.85
N PHE C 4 8.78 32.30 -53.83
CA PHE C 4 8.20 30.98 -54.01
C PHE C 4 7.68 30.80 -55.42
N SER C 5 6.75 31.70 -55.75
CA SER C 5 6.28 31.85 -57.10
C SER C 5 7.54 31.70 -57.92
N ASP C 6 8.67 31.93 -57.28
CA ASP C 6 9.96 31.80 -57.96
C ASP C 6 10.26 30.41 -58.52
N ASN C 7 10.28 29.38 -57.66
CA ASN C 7 10.66 28.05 -58.13
C ASN C 7 9.51 27.04 -58.19
N TYR C 8 8.64 27.08 -57.19
CA TYR C 8 7.61 26.06 -57.04
C TYR C 8 6.33 26.34 -57.82
N ASP C 9 5.74 25.28 -58.35
CA ASP C 9 4.58 25.37 -59.21
C ASP C 9 3.43 24.62 -58.54
N VAL C 10 2.36 25.35 -58.20
CA VAL C 10 1.25 24.77 -57.45
C VAL C 10 0.41 23.78 -58.27
N LYS C 11 -0.05 22.72 -57.61
CA LYS C 11 -0.98 21.76 -58.21
C LYS C 11 -2.24 21.67 -57.35
N GLU C 12 -2.84 20.47 -57.29
CA GLU C 12 -4.03 20.24 -56.47
C GLU C 12 -3.76 20.36 -54.99
N GLU C 13 -4.74 19.99 -54.16
CA GLU C 13 -4.62 20.13 -52.71
C GLU C 13 -5.05 18.90 -51.93
N LEU C 14 -5.03 19.02 -50.60
CA LEU C 14 -5.61 18.02 -49.69
C LEU C 14 -5.28 18.32 -48.22
N SER C 20 -3.80 27.83 -43.40
CA SER C 20 -3.82 26.52 -42.73
C SER C 20 -3.96 25.36 -43.73
N VAL C 21 -4.26 25.68 -44.99
CA VAL C 21 -4.44 24.68 -46.06
C VAL C 21 -3.12 24.21 -46.68
N VAL C 22 -3.13 23.00 -47.25
CA VAL C 22 -1.96 22.44 -47.91
C VAL C 22 -2.27 21.95 -49.32
N ARG C 23 -1.23 21.75 -50.12
CA ARG C 23 -1.40 21.31 -51.51
C ARG C 23 -0.05 20.99 -52.16
N ARG C 24 -0.08 20.15 -53.19
CA ARG C 24 1.15 19.71 -53.83
C ARG C 24 1.83 20.84 -54.62
N CYS C 25 2.99 20.52 -55.17
CA CYS C 25 3.78 21.47 -55.96
C CYS C 25 5.06 20.79 -56.42
N VAL C 26 5.76 21.43 -57.36
CA VAL C 26 6.98 20.85 -57.92
C VAL C 26 8.06 21.89 -58.13
N HIS C 27 9.27 21.57 -57.68
CA HIS C 27 10.41 22.45 -57.88
C HIS C 27 10.61 22.68 -59.38
N LYS C 28 11.00 23.89 -59.74
CA LYS C 28 11.22 24.23 -61.15
C LYS C 28 12.52 23.61 -61.67
N THR C 29 13.59 23.76 -60.90
CA THR C 29 14.91 23.19 -61.25
C THR C 29 14.88 21.65 -61.26
N THR C 30 14.81 21.07 -60.07
CA THR C 30 14.96 19.63 -59.90
C THR C 30 13.67 18.84 -60.13
N GLY C 31 12.54 19.54 -60.18
CA GLY C 31 11.26 18.94 -60.52
C GLY C 31 10.76 17.87 -59.57
N LEU C 32 11.20 17.92 -58.32
CA LEU C 32 10.81 16.95 -57.31
C LEU C 32 9.49 17.36 -56.67
N GLU C 33 8.49 16.48 -56.74
CA GLU C 33 7.20 16.73 -56.12
C GLU C 33 7.36 17.03 -54.63
N PHE C 34 6.58 17.99 -54.12
CA PHE C 34 6.56 18.28 -52.70
C PHE C 34 5.15 18.57 -52.20
N ALA C 35 5.06 18.86 -50.92
CA ALA C 35 3.80 19.29 -50.30
C ALA C 35 4.03 20.64 -49.64
N ALA C 36 3.26 21.64 -50.05
CA ALA C 36 3.47 22.97 -49.52
C ALA C 36 2.30 23.41 -48.65
N LYS C 37 2.53 23.49 -47.35
CA LYS C 37 1.56 24.08 -46.46
C LYS C 37 1.55 25.60 -46.65
N ILE C 38 0.35 26.15 -46.82
CA ILE C 38 0.19 27.58 -47.12
C ILE C 38 -0.72 28.27 -46.10
N ILE C 39 -0.11 29.07 -45.22
CA ILE C 39 -0.86 29.75 -44.16
C ILE C 39 -1.15 31.20 -44.55
N ASN C 40 -1.95 31.87 -43.72
CA ASN C 40 -2.50 33.16 -44.12
C ASN C 40 -2.28 34.34 -43.15
N THR C 41 -2.51 35.54 -43.68
CA THR C 41 -2.42 36.79 -42.94
C THR C 41 -3.76 37.54 -42.98
N ASP C 48 -1.26 33.48 -32.79
CA ASP C 48 -1.56 32.24 -33.49
C ASP C 48 -0.39 31.91 -34.41
N PHE C 49 0.04 32.92 -35.16
CA PHE C 49 1.18 32.81 -36.05
C PHE C 49 2.46 32.55 -35.26
N GLN C 50 2.54 33.17 -34.08
CA GLN C 50 3.74 33.03 -33.24
C GLN C 50 3.82 31.68 -32.54
N LYS C 51 2.77 30.87 -32.68
CA LYS C 51 2.79 29.50 -32.21
C LYS C 51 3.40 28.62 -33.30
N LEU C 52 3.28 29.06 -34.54
CA LEU C 52 3.84 28.38 -35.71
C LEU C 52 5.30 28.78 -35.90
N GLU C 53 5.65 29.96 -35.43
CA GLU C 53 7.03 30.36 -35.30
C GLU C 53 7.77 29.22 -34.61
N ARG C 54 7.47 29.01 -33.33
CA ARG C 54 8.12 27.97 -32.54
C ARG C 54 8.07 26.61 -33.27
N GLU C 55 6.85 26.17 -33.60
CA GLU C 55 6.66 24.87 -34.22
C GLU C 55 7.54 24.65 -35.46
N ALA C 56 7.59 25.64 -36.33
CA ALA C 56 8.34 25.52 -37.58
C ALA C 56 9.85 25.40 -37.35
N ARG C 57 10.38 26.22 -36.44
CA ARG C 57 11.78 26.15 -36.09
C ARG C 57 12.18 24.70 -35.85
N ILE C 58 11.32 23.98 -35.13
CA ILE C 58 11.60 22.61 -34.73
C ILE C 58 11.82 21.67 -35.92
N CYS C 59 10.86 21.62 -36.84
CA CYS C 59 10.93 20.69 -37.99
C CYS C 59 12.16 20.97 -38.84
N ARG C 60 12.70 22.17 -38.67
CA ARG C 60 13.86 22.60 -39.42
C ARG C 60 15.16 22.08 -38.77
N LYS C 61 15.05 21.65 -37.52
CA LYS C 61 16.17 21.01 -36.85
C LYS C 61 16.17 19.53 -37.18
N LEU C 62 15.00 19.04 -37.59
CA LEU C 62 14.79 17.62 -37.79
C LEU C 62 14.85 17.18 -39.26
N GLN C 63 16.04 16.77 -39.69
CA GLN C 63 16.26 16.28 -41.04
C GLN C 63 16.66 14.80 -41.04
N HIS C 64 15.66 13.93 -41.14
CA HIS C 64 15.89 12.49 -41.02
C HIS C 64 14.89 11.75 -41.88
N PRO C 65 15.33 10.66 -42.49
CA PRO C 65 14.51 9.98 -43.49
C PRO C 65 13.14 9.62 -42.96
N ASN C 66 13.00 9.34 -41.69
CA ASN C 66 11.70 8.92 -41.19
C ASN C 66 10.95 10.05 -40.56
N ILE C 67 11.38 11.25 -40.87
CA ILE C 67 10.67 12.43 -40.38
C ILE C 67 10.26 13.26 -41.58
N VAL C 68 8.95 13.48 -41.75
CA VAL C 68 8.44 14.34 -42.80
C VAL C 68 9.22 15.66 -42.78
N ARG C 69 10.34 15.66 -43.48
CA ARG C 69 11.31 16.74 -43.41
C ARG C 69 10.73 18.04 -43.92
N LEU C 70 11.01 19.14 -43.24
CA LEU C 70 10.72 20.46 -43.77
C LEU C 70 11.94 20.92 -44.56
N HIS C 71 11.72 21.33 -45.81
CA HIS C 71 12.81 21.66 -46.70
C HIS C 71 13.05 23.15 -46.85
N ASP C 72 11.98 23.91 -47.07
CA ASP C 72 12.11 25.36 -47.12
C ASP C 72 10.95 26.12 -46.48
N SER C 73 11.25 27.29 -45.93
CA SER C 73 10.26 28.18 -45.34
C SER C 73 10.33 29.52 -46.05
N ILE C 74 9.20 29.98 -46.57
CA ILE C 74 9.17 31.21 -47.36
C ILE C 74 8.00 32.12 -47.03
N GLN C 75 8.33 33.39 -46.79
CA GLN C 75 7.32 34.42 -46.57
C GLN C 75 7.08 35.24 -47.84
N GLU C 76 5.85 35.22 -48.33
CA GLU C 76 5.48 35.99 -49.51
C GLU C 76 4.86 37.31 -49.08
N GLU C 77 3.60 37.53 -49.44
CA GLU C 77 2.89 38.75 -49.06
C GLU C 77 2.10 38.51 -47.78
N SER C 78 0.94 37.89 -47.91
CA SER C 78 0.11 37.57 -46.75
C SER C 78 0.14 36.07 -46.46
N PHE C 79 0.63 35.30 -47.42
CA PHE C 79 0.71 33.85 -47.28
C PHE C 79 2.10 33.40 -46.86
N HIS C 80 2.15 32.33 -46.07
CA HIS C 80 3.41 31.71 -45.69
C HIS C 80 3.51 30.32 -46.31
N TYR C 81 4.68 29.96 -46.80
CA TYR C 81 4.86 28.68 -47.48
C TYR C 81 5.83 27.77 -46.73
N LEU C 82 5.41 26.51 -46.53
CA LEU C 82 6.26 25.51 -45.89
C LEU C 82 6.36 24.27 -46.76
N VAL C 83 7.53 24.06 -47.36
CA VAL C 83 7.71 22.96 -48.30
C VAL C 83 8.14 21.70 -47.61
N PHE C 84 7.24 20.71 -47.59
CA PHE C 84 7.47 19.46 -46.88
C PHE C 84 7.67 18.28 -47.80
N ASP C 85 8.32 17.23 -47.29
CA ASP C 85 8.35 15.94 -47.95
C ASP C 85 6.92 15.62 -48.35
N LEU C 86 6.75 14.94 -49.48
CA LEU C 86 5.43 14.55 -49.91
C LEU C 86 5.23 13.07 -49.59
N VAL C 87 4.18 12.77 -48.83
CA VAL C 87 3.94 11.38 -48.46
C VAL C 87 2.50 11.01 -48.85
N THR C 88 2.32 9.82 -49.41
CA THR C 88 1.06 9.46 -50.04
C THR C 88 0.37 8.19 -49.50
N GLY C 89 1.16 7.27 -48.94
CA GLY C 89 0.65 6.02 -48.41
C GLY C 89 -0.39 6.16 -47.31
N GLY C 90 -0.79 7.40 -47.04
CA GLY C 90 -1.80 7.65 -46.02
C GLY C 90 -1.26 7.38 -44.64
N GLU C 91 -2.15 7.40 -43.66
CA GLU C 91 -1.76 7.20 -42.28
C GLU C 91 -1.47 5.72 -41.97
N LEU C 92 -0.63 5.51 -40.96
CA LEU C 92 -0.39 4.17 -40.47
C LEU C 92 -1.65 3.65 -39.81
N PHE C 93 -2.42 4.55 -39.18
CA PHE C 93 -3.70 4.19 -38.61
C PHE C 93 -4.54 3.41 -39.62
N GLU C 94 -4.72 3.99 -40.80
CA GLU C 94 -5.49 3.36 -41.86
C GLU C 94 -4.93 2.00 -42.24
N ASP C 95 -3.61 1.93 -42.39
CA ASP C 95 -3.02 0.66 -42.81
C ASP C 95 -3.24 -0.41 -41.76
N ILE C 96 -3.53 -0.02 -40.54
CA ILE C 96 -3.74 -0.99 -39.47
C ILE C 96 -5.17 -1.47 -39.37
N VAL C 97 -6.14 -0.58 -39.57
CA VAL C 97 -7.52 -1.04 -39.70
C VAL C 97 -7.63 -1.83 -41.00
N ALA C 98 -6.81 -1.44 -41.97
CA ALA C 98 -6.73 -2.13 -43.26
C ALA C 98 -6.40 -3.61 -43.13
N ARG C 99 -5.28 -3.92 -42.49
CA ARG C 99 -4.78 -5.29 -42.41
C ARG C 99 -5.23 -6.02 -41.15
N GLU C 100 -5.91 -5.29 -40.27
CA GLU C 100 -6.36 -5.79 -38.96
C GLU C 100 -5.24 -5.79 -37.91
N PHE C 101 -4.04 -6.18 -38.30
CA PHE C 101 -2.94 -6.27 -37.38
C PHE C 101 -1.73 -6.87 -38.06
N TYR C 102 -0.54 -6.35 -37.74
CA TYR C 102 0.72 -6.76 -38.36
C TYR C 102 1.22 -8.13 -37.93
N SER C 103 2.07 -8.71 -38.77
CA SER C 103 2.82 -9.88 -38.36
C SER C 103 3.95 -9.35 -37.54
N GLU C 104 4.61 -10.22 -36.78
CA GLU C 104 5.68 -9.74 -35.91
C GLU C 104 6.79 -9.14 -36.75
N ALA C 105 7.04 -9.74 -37.91
CA ALA C 105 8.08 -9.24 -38.80
C ALA C 105 7.78 -7.82 -39.24
N ASP C 106 6.64 -7.64 -39.89
CA ASP C 106 6.21 -6.32 -40.34
C ASP C 106 6.11 -5.37 -39.16
N ALA C 107 5.68 -5.89 -38.02
CA ALA C 107 5.60 -5.11 -36.78
C ALA C 107 6.97 -4.69 -36.30
N SER C 108 7.89 -5.65 -36.20
CA SER C 108 9.28 -5.35 -35.88
C SER C 108 9.80 -4.26 -36.77
N HIS C 109 9.57 -4.40 -38.07
CA HIS C 109 10.04 -3.41 -39.00
C HIS C 109 9.37 -2.07 -38.74
N CYS C 110 8.06 -2.09 -38.53
CA CYS C 110 7.31 -0.86 -38.40
C CYS C 110 7.71 -0.06 -37.19
N ILE C 111 7.98 -0.75 -36.09
CA ILE C 111 8.32 -0.11 -34.82
C ILE C 111 9.78 0.39 -34.83
N GLN C 112 10.65 -0.38 -35.49
CA GLN C 112 12.07 -0.05 -35.62
C GLN C 112 12.23 1.26 -36.34
N GLN C 113 11.34 1.53 -37.27
CA GLN C 113 11.39 2.78 -38.00
C GLN C 113 11.02 3.93 -37.10
N ILE C 114 9.93 3.76 -36.37
CA ILE C 114 9.46 4.78 -35.45
C ILE C 114 10.52 5.03 -34.39
N LEU C 115 11.10 3.94 -33.87
CA LEU C 115 12.18 4.05 -32.88
C LEU C 115 13.34 4.89 -33.37
N GLU C 116 13.89 4.55 -34.54
CA GLU C 116 14.94 5.36 -35.14
C GLU C 116 14.56 6.84 -35.26
N SER C 117 13.31 7.13 -35.62
CA SER C 117 12.91 8.52 -35.74
C SER C 117 12.87 9.17 -34.36
N ILE C 118 12.19 8.54 -33.40
CA ILE C 118 12.16 8.99 -32.03
C ILE C 118 13.57 9.21 -31.50
N ALA C 119 14.40 8.17 -31.55
CA ALA C 119 15.81 8.26 -31.15
C ALA C 119 16.45 9.56 -31.66
N TYR C 120 16.40 9.78 -32.97
CA TYR C 120 16.93 11.00 -33.56
C TYR C 120 16.34 12.25 -32.92
N CYS C 121 15.02 12.31 -32.80
CA CYS C 121 14.33 13.42 -32.15
C CYS C 121 14.91 13.72 -30.77
N HIS C 122 15.08 12.67 -29.97
CA HIS C 122 15.55 12.81 -28.60
C HIS C 122 17.01 13.22 -28.57
N SER C 123 17.84 12.53 -29.33
CA SER C 123 19.25 12.88 -29.40
C SER C 123 19.43 14.30 -29.94
N ASN C 124 18.31 14.99 -30.17
CA ASN C 124 18.34 16.37 -30.62
C ASN C 124 17.50 17.28 -29.75
N GLY C 125 17.16 16.81 -28.56
CA GLY C 125 16.42 17.60 -27.59
C GLY C 125 14.93 17.78 -27.83
N ILE C 126 14.37 17.02 -28.77
CA ILE C 126 12.96 17.15 -29.08
C ILE C 126 12.12 16.01 -28.53
N VAL C 127 11.03 16.36 -27.87
CA VAL C 127 10.07 15.39 -27.39
C VAL C 127 8.76 15.60 -28.14
N HIS C 128 8.18 14.52 -28.67
CA HIS C 128 7.02 14.68 -29.51
C HIS C 128 5.75 14.89 -28.71
N ARG C 129 5.51 13.97 -27.78
CA ARG C 129 4.32 14.00 -26.92
C ARG C 129 3.09 13.46 -27.62
N ASN C 130 2.74 14.03 -28.78
CA ASN C 130 1.55 13.57 -29.50
C ASN C 130 1.85 12.40 -30.44
N LEU C 131 2.60 11.42 -29.97
CA LEU C 131 2.97 10.27 -30.80
C LEU C 131 1.91 9.16 -30.81
N LYS C 132 1.30 8.95 -31.97
CA LYS C 132 0.22 7.98 -32.14
C LYS C 132 0.20 7.49 -33.59
N PRO C 133 -0.57 6.42 -33.86
CA PRO C 133 -0.65 5.91 -35.24
C PRO C 133 -1.21 6.95 -36.23
N GLU C 134 -2.17 7.73 -35.80
CA GLU C 134 -2.78 8.71 -36.70
C GLU C 134 -1.80 9.83 -37.06
N ASN C 135 -0.56 9.73 -36.59
CA ASN C 135 0.48 10.73 -36.86
C ASN C 135 1.72 10.15 -37.52
N LEU C 136 1.61 8.88 -37.91
CA LEU C 136 2.68 8.22 -38.64
C LEU C 136 2.22 7.99 -40.08
N LEU C 137 3.00 8.49 -41.03
CA LEU C 137 2.62 8.38 -42.42
C LEU C 137 3.48 7.33 -43.15
N LEU C 138 2.89 6.67 -44.13
CA LEU C 138 3.62 5.69 -44.92
C LEU C 138 4.03 6.25 -46.29
N ALA C 139 5.20 5.85 -46.78
CA ALA C 139 5.71 6.31 -48.08
C ALA C 139 4.80 5.86 -49.21
N SER C 140 4.49 4.57 -49.19
CA SER C 140 3.43 4.00 -50.00
C SER C 140 2.83 2.88 -49.15
N LYS C 141 1.88 2.13 -49.69
CA LYS C 141 1.38 0.97 -48.97
C LYS C 141 2.18 -0.27 -49.42
N ALA C 142 3.41 -0.03 -49.83
CA ALA C 142 4.32 -1.11 -50.25
C ALA C 142 4.49 -2.11 -49.14
N LYS C 143 5.08 -3.25 -49.45
CA LYS C 143 5.41 -4.21 -48.40
C LYS C 143 6.85 -3.98 -47.97
N GLY C 144 7.09 -2.78 -47.44
CA GLY C 144 8.38 -2.40 -46.93
C GLY C 144 8.49 -0.89 -46.86
N ALA C 145 7.50 -0.20 -47.41
CA ALA C 145 7.50 1.26 -47.47
C ALA C 145 7.98 1.86 -46.15
N ALA C 146 8.63 3.00 -46.22
CA ALA C 146 9.12 3.67 -45.03
C ALA C 146 8.01 4.39 -44.26
N VAL C 147 8.25 4.67 -42.98
CA VAL C 147 7.30 5.39 -42.12
C VAL C 147 7.85 6.75 -41.69
N LYS C 148 6.97 7.75 -41.70
CA LYS C 148 7.42 9.11 -41.45
C LYS C 148 6.65 9.72 -40.28
N LEU C 149 7.35 10.54 -39.50
CA LEU C 149 6.81 11.14 -38.28
C LEU C 149 6.26 12.53 -38.58
N ALA C 150 5.09 12.85 -38.05
CA ALA C 150 4.49 14.14 -38.38
C ALA C 150 3.70 14.76 -37.21
N ASP C 151 3.29 16.02 -37.40
CA ASP C 151 2.53 16.79 -36.40
C ASP C 151 3.32 17.10 -35.13
N PHE C 152 4.06 18.18 -35.18
CA PHE C 152 4.85 18.58 -34.02
C PHE C 152 4.20 19.74 -33.28
N GLY C 153 2.87 19.82 -33.38
CA GLY C 153 2.14 20.85 -32.67
C GLY C 153 2.47 20.86 -31.20
N LEU C 154 2.65 19.67 -30.63
CA LEU C 154 2.93 19.54 -29.22
C LEU C 154 4.41 19.32 -28.92
N ALA C 155 5.23 19.22 -29.95
CA ALA C 155 6.67 19.07 -29.77
C ALA C 155 7.21 20.20 -28.89
N ILE C 156 8.26 19.86 -28.13
CA ILE C 156 8.93 20.82 -27.25
C ILE C 156 10.41 20.50 -27.20
N GLU C 157 11.23 21.53 -27.03
CA GLU C 157 12.67 21.35 -26.95
C GLU C 157 13.09 21.33 -25.48
N VAL C 158 13.93 20.36 -25.11
CA VAL C 158 14.24 20.13 -23.71
C VAL C 158 15.67 19.68 -23.46
N ASN C 159 16.13 19.91 -22.24
CA ASN C 159 17.39 19.35 -21.77
C ASN C 159 17.15 17.99 -21.13
N ASP C 160 18.21 17.39 -20.58
CA ASP C 160 18.11 16.08 -19.96
C ASP C 160 17.36 16.16 -18.62
N SER C 161 16.95 17.37 -18.24
CA SER C 161 16.35 17.62 -16.94
C SER C 161 14.81 17.55 -16.97
N GLU C 162 14.25 16.70 -16.12
CA GLU C 162 12.80 16.54 -16.06
C GLU C 162 12.14 17.77 -15.43
N ALA C 163 11.02 18.19 -16.01
CA ALA C 163 10.20 19.30 -15.50
C ALA C 163 8.73 18.98 -15.73
N TRP C 164 7.88 19.99 -15.61
CA TRP C 164 6.48 19.78 -15.92
C TRP C 164 6.07 20.60 -17.13
N HIS C 165 6.44 20.13 -18.32
CA HIS C 165 6.25 20.90 -19.55
C HIS C 165 4.80 20.87 -20.04
N GLY C 166 3.88 21.34 -19.19
CA GLY C 166 2.48 21.43 -19.54
C GLY C 166 1.82 20.07 -19.55
N PHE C 167 0.55 20.03 -19.95
CA PHE C 167 -0.19 18.78 -20.01
C PHE C 167 -0.95 18.66 -21.32
N ALA C 168 -0.45 17.82 -22.22
CA ALA C 168 -1.05 17.65 -23.53
C ALA C 168 -0.65 16.33 -24.17
N GLY C 169 -1.38 15.92 -25.19
CA GLY C 169 -1.16 14.64 -25.84
C GLY C 169 -2.50 13.94 -26.04
N THR C 170 -2.50 12.78 -26.69
CA THR C 170 -3.77 12.11 -26.95
C THR C 170 -4.13 11.12 -25.85
N PRO C 171 -5.35 11.25 -25.31
CA PRO C 171 -5.84 10.38 -24.24
C PRO C 171 -5.96 8.97 -24.76
N GLY C 172 -5.10 8.09 -24.26
CA GLY C 172 -5.04 6.71 -24.74
C GLY C 172 -3.59 6.32 -24.91
N TYR C 173 -2.78 7.29 -25.31
CA TYR C 173 -1.35 7.10 -25.44
C TYR C 173 -0.58 7.82 -24.32
N LEU C 174 -1.28 8.64 -23.56
CA LEU C 174 -0.65 9.43 -22.51
C LEU C 174 0.09 8.59 -21.49
N SER C 175 1.17 9.13 -20.96
CA SER C 175 2.05 8.42 -20.03
C SER C 175 1.60 8.60 -18.60
N PRO C 176 1.85 7.59 -17.75
CA PRO C 176 1.52 7.71 -16.32
C PRO C 176 2.10 8.99 -15.72
N GLU C 177 3.39 9.24 -15.94
CA GLU C 177 4.05 10.41 -15.35
C GLU C 177 3.34 11.73 -15.66
N VAL C 178 2.64 11.79 -16.78
CA VAL C 178 1.95 13.01 -17.16
C VAL C 178 0.55 13.11 -16.52
N LEU C 179 -0.06 11.97 -16.25
CA LEU C 179 -1.35 11.98 -15.58
C LEU C 179 -1.18 12.22 -14.09
N LYS C 180 0.00 11.91 -13.58
CA LYS C 180 0.30 12.10 -12.17
C LYS C 180 0.81 13.50 -11.97
N LYS C 181 0.67 14.30 -13.01
CA LYS C 181 1.21 15.65 -13.00
C LYS C 181 2.65 15.68 -12.53
N ASP C 182 3.38 14.58 -12.70
CA ASP C 182 4.80 14.51 -12.34
C ASP C 182 5.68 15.26 -13.34
N PRO C 183 6.97 15.38 -13.03
CA PRO C 183 7.81 15.97 -14.07
C PRO C 183 8.12 14.86 -15.04
N TYR C 184 8.14 15.16 -16.33
CA TYR C 184 8.46 14.16 -17.34
C TYR C 184 9.49 14.67 -18.35
N SER C 185 10.01 13.75 -19.16
CA SER C 185 10.98 14.10 -20.19
C SER C 185 10.79 13.19 -21.39
N LYS C 186 11.87 12.89 -22.08
CA LYS C 186 11.87 12.04 -23.27
C LYS C 186 11.01 10.77 -23.17
N PRO C 187 11.13 9.99 -22.07
CA PRO C 187 10.46 8.69 -22.08
C PRO C 187 8.96 8.70 -22.25
N VAL C 188 8.28 9.86 -22.22
CA VAL C 188 6.83 9.89 -22.52
C VAL C 188 6.54 9.34 -23.90
N ASP C 189 7.51 9.43 -24.78
CA ASP C 189 7.37 8.98 -26.15
C ASP C 189 7.53 7.47 -26.24
N ILE C 190 8.54 6.93 -25.58
CA ILE C 190 8.71 5.50 -25.51
C ILE C 190 7.44 4.86 -24.96
N TRP C 191 6.74 5.58 -24.09
CA TRP C 191 5.49 5.03 -23.59
C TRP C 191 4.52 4.86 -24.77
N ALA C 192 4.36 5.93 -25.53
CA ALA C 192 3.51 5.90 -26.71
C ALA C 192 3.87 4.71 -27.63
N CYS C 193 5.16 4.48 -27.86
CA CYS C 193 5.56 3.36 -28.71
C CYS C 193 4.94 2.06 -28.22
N GLY C 194 5.18 1.74 -26.95
CA GLY C 194 4.62 0.53 -26.39
C GLY C 194 3.14 0.40 -26.71
N VAL C 195 2.42 1.50 -26.68
CA VAL C 195 1.00 1.46 -27.00
C VAL C 195 0.87 1.01 -28.43
N ILE C 196 1.60 1.68 -29.31
CA ILE C 196 1.53 1.41 -30.75
C ILE C 196 1.98 -0.01 -31.04
N LEU C 197 3.23 -0.31 -30.74
CA LEU C 197 3.72 -1.65 -30.93
C LEU C 197 2.75 -2.69 -30.37
N TYR C 198 2.02 -2.32 -29.32
CA TYR C 198 1.05 -3.24 -28.73
C TYR C 198 -0.09 -3.42 -29.73
N ILE C 199 -0.57 -2.30 -30.28
CA ILE C 199 -1.66 -2.32 -31.25
C ILE C 199 -1.28 -3.14 -32.48
N LEU C 200 -0.15 -2.81 -33.08
CA LEU C 200 0.31 -3.53 -34.26
C LEU C 200 0.11 -5.02 -34.13
N LEU C 201 0.54 -5.58 -33.03
CA LEU C 201 0.51 -7.02 -32.90
C LEU C 201 -0.91 -7.58 -32.80
N VAL C 202 -1.88 -6.80 -32.33
CA VAL C 202 -3.23 -7.36 -32.12
C VAL C 202 -4.42 -6.52 -32.62
N GLY C 203 -4.15 -5.26 -32.93
CA GLY C 203 -5.17 -4.41 -33.55
C GLY C 203 -6.18 -3.77 -32.62
N TYR C 204 -6.09 -4.07 -31.31
CA TYR C 204 -6.78 -3.33 -30.24
C TYR C 204 -5.76 -2.64 -29.31
N PRO C 205 -6.22 -1.61 -28.55
CA PRO C 205 -5.32 -0.87 -27.66
C PRO C 205 -5.04 -1.61 -26.35
N PRO C 206 -3.97 -1.23 -25.62
CA PRO C 206 -3.64 -1.81 -24.31
C PRO C 206 -4.57 -1.26 -23.22
N PHE C 207 -4.61 0.07 -23.15
CA PHE C 207 -5.46 0.79 -22.22
C PHE C 207 -6.63 1.41 -22.96
N TRP C 208 -7.85 1.13 -22.49
CA TRP C 208 -9.01 1.77 -23.06
C TRP C 208 -10.26 1.59 -22.21
N ASP C 209 -10.97 2.69 -21.96
CA ASP C 209 -12.34 2.62 -21.50
C ASP C 209 -13.23 3.72 -22.08
N GLU C 210 -14.54 3.49 -21.99
CA GLU C 210 -15.57 4.43 -22.42
C GLU C 210 -15.47 5.76 -21.69
N ASP C 211 -15.20 5.68 -20.39
CA ASP C 211 -15.09 6.86 -19.53
C ASP C 211 -13.63 7.32 -19.41
N GLN C 212 -13.39 8.57 -19.81
CA GLN C 212 -12.05 9.13 -19.86
C GLN C 212 -11.29 8.86 -18.58
N HIS C 213 -11.94 9.04 -17.45
CA HIS C 213 -11.27 8.89 -16.17
C HIS C 213 -11.03 7.43 -15.81
N ARG C 214 -12.02 6.58 -16.06
CA ARG C 214 -11.81 5.15 -15.93
C ARG C 214 -10.49 4.78 -16.65
N LEU C 215 -10.22 5.50 -17.75
CA LEU C 215 -9.06 5.24 -18.61
C LEU C 215 -7.77 5.68 -17.95
N TYR C 216 -7.60 6.99 -17.77
CA TYR C 216 -6.42 7.52 -17.11
C TYR C 216 -6.05 6.66 -15.90
N ALA C 217 -7.08 6.20 -15.18
CA ALA C 217 -6.89 5.33 -14.03
C ALA C 217 -6.12 4.09 -14.43
N GLN C 218 -6.65 3.40 -15.43
CA GLN C 218 -6.07 2.18 -15.94
C GLN C 218 -4.62 2.41 -16.37
N ILE C 219 -4.39 3.54 -17.03
CA ILE C 219 -3.06 3.91 -17.47
C ILE C 219 -2.12 4.09 -16.30
N LYS C 220 -2.44 5.06 -15.44
CA LYS C 220 -1.65 5.38 -14.25
C LYS C 220 -1.34 4.12 -13.49
N ALA C 221 -2.29 3.20 -13.45
CA ALA C 221 -2.12 1.96 -12.71
C ALA C 221 -1.11 1.01 -13.36
N GLY C 222 -0.96 1.14 -14.68
CA GLY C 222 -0.14 0.21 -15.44
C GLY C 222 -0.92 -1.04 -15.83
N ALA C 223 -2.23 -0.88 -16.00
CA ALA C 223 -3.14 -2.01 -16.11
C ALA C 223 -3.31 -2.47 -17.52
N TYR C 224 -2.46 -3.38 -17.98
CA TYR C 224 -2.68 -4.04 -19.27
C TYR C 224 -2.30 -5.52 -19.16
N ASP C 225 -2.82 -6.32 -20.08
CA ASP C 225 -2.51 -7.75 -20.09
C ASP C 225 -2.48 -8.32 -21.51
N TYR C 226 -2.17 -9.59 -21.58
CA TYR C 226 -2.01 -10.28 -22.84
C TYR C 226 -3.06 -11.38 -22.97
N PRO C 227 -4.29 -10.99 -23.26
CA PRO C 227 -5.42 -11.91 -23.29
C PRO C 227 -5.29 -13.03 -24.32
N SER C 228 -5.69 -14.22 -23.91
CA SER C 228 -5.66 -15.39 -24.76
C SER C 228 -6.89 -15.41 -25.66
N PRO C 229 -6.78 -16.05 -26.84
CA PRO C 229 -5.61 -16.79 -27.30
C PRO C 229 -4.69 -15.95 -28.16
N GLU C 230 -5.16 -14.79 -28.59
CA GLU C 230 -4.35 -13.97 -29.47
C GLU C 230 -2.89 -13.89 -29.04
N TRP C 231 -2.63 -13.50 -27.80
CA TRP C 231 -1.26 -13.29 -27.36
C TRP C 231 -0.52 -14.60 -27.09
N ASP C 232 -1.26 -15.69 -27.04
CA ASP C 232 -0.67 -17.00 -26.75
C ASP C 232 0.43 -17.37 -27.71
N THR C 233 0.44 -16.75 -28.88
CA THR C 233 1.36 -17.12 -29.96
C THR C 233 2.16 -15.93 -30.49
N VAL C 234 2.43 -14.97 -29.61
CA VAL C 234 3.34 -13.89 -29.91
C VAL C 234 4.65 -14.17 -29.17
N THR C 235 5.77 -14.09 -29.88
CA THR C 235 7.03 -14.43 -29.26
C THR C 235 7.21 -13.59 -28.01
N PRO C 236 7.57 -14.25 -26.91
CA PRO C 236 7.84 -13.57 -25.64
C PRO C 236 8.80 -12.40 -25.83
N GLU C 237 9.82 -12.59 -26.67
CA GLU C 237 10.78 -11.51 -26.95
C GLU C 237 10.06 -10.22 -27.32
N ALA C 238 8.87 -10.36 -27.87
CA ALA C 238 8.12 -9.23 -28.39
C ALA C 238 7.36 -8.60 -27.25
N LYS C 239 6.77 -9.44 -26.43
CA LYS C 239 6.05 -8.98 -25.25
C LYS C 239 7.04 -8.23 -24.36
N SER C 240 8.13 -8.90 -23.99
CA SER C 240 9.19 -8.29 -23.21
C SER C 240 9.58 -6.88 -23.69
N LEU C 241 9.63 -6.67 -24.99
CA LEU C 241 9.97 -5.35 -25.51
C LEU C 241 8.86 -4.35 -25.24
N ILE C 242 7.61 -4.80 -25.29
CA ILE C 242 6.48 -3.95 -24.90
C ILE C 242 6.55 -3.70 -23.40
N ASP C 243 6.64 -4.78 -22.64
CA ASP C 243 6.74 -4.69 -21.19
C ASP C 243 7.70 -3.59 -20.77
N SER C 244 8.78 -3.43 -21.52
CA SER C 244 9.82 -2.51 -21.16
C SER C 244 9.53 -1.09 -21.63
N MET C 245 8.57 -0.95 -22.54
CA MET C 245 8.14 0.37 -22.98
C MET C 245 7.00 0.82 -22.08
N LEU C 246 6.19 -0.14 -21.68
CA LEU C 246 5.06 0.12 -20.80
C LEU C 246 5.50 -0.08 -19.36
N THR C 247 6.79 0.15 -19.13
CA THR C 247 7.34 0.27 -17.80
C THR C 247 6.79 1.58 -17.21
N VAL C 248 6.09 1.48 -16.07
CA VAL C 248 5.42 2.66 -15.50
C VAL C 248 6.37 3.67 -14.84
N ASN C 249 7.45 3.18 -14.24
CA ASN C 249 8.51 4.05 -13.73
C ASN C 249 9.43 4.62 -14.84
N PRO C 250 9.28 5.90 -15.18
CA PRO C 250 10.07 6.55 -16.23
C PRO C 250 11.55 6.27 -16.11
N LYS C 251 12.12 6.42 -14.92
CA LYS C 251 13.54 6.22 -14.74
C LYS C 251 14.02 4.89 -15.31
N LYS C 252 13.17 3.87 -15.32
CA LYS C 252 13.61 2.55 -15.75
C LYS C 252 12.98 2.05 -17.05
N ARG C 253 12.26 2.93 -17.72
CA ARG C 253 11.60 2.58 -18.96
C ARG C 253 12.58 2.75 -20.08
N ILE C 254 12.78 1.67 -20.83
CA ILE C 254 13.74 1.61 -21.94
C ILE C 254 13.77 2.86 -22.82
N THR C 255 14.96 3.23 -23.27
CA THR C 255 15.12 4.41 -24.11
C THR C 255 15.08 3.98 -25.57
N ALA C 256 15.05 4.96 -26.48
CA ALA C 256 14.98 4.66 -27.91
C ALA C 256 16.22 3.89 -28.36
N ASP C 257 17.38 4.49 -28.15
CA ASP C 257 18.65 3.90 -28.57
C ASP C 257 18.92 2.52 -27.95
N GLN C 258 18.13 2.15 -26.95
CA GLN C 258 18.32 0.86 -26.30
C GLN C 258 17.38 -0.12 -26.96
N ALA C 259 16.18 0.33 -27.26
CA ALA C 259 15.20 -0.52 -27.91
C ALA C 259 15.73 -0.97 -29.29
N LEU C 260 16.48 -0.10 -29.95
CA LEU C 260 16.98 -0.37 -31.28
C LEU C 260 18.03 -1.47 -31.26
N LYS C 261 18.47 -1.85 -30.07
CA LYS C 261 19.53 -2.86 -29.97
C LYS C 261 19.02 -4.19 -29.49
N VAL C 262 17.71 -4.37 -29.49
CA VAL C 262 17.13 -5.66 -29.11
C VAL C 262 17.05 -6.62 -30.27
N PRO C 263 17.38 -7.89 -30.01
CA PRO C 263 17.22 -9.00 -30.96
C PRO C 263 15.97 -8.86 -31.83
N TRP C 264 14.81 -8.85 -31.20
CA TRP C 264 13.57 -8.80 -31.94
C TRP C 264 13.49 -7.57 -32.84
N ILE C 265 14.51 -6.73 -32.85
CA ILE C 265 14.51 -5.60 -33.78
C ILE C 265 15.75 -5.69 -34.64
N CYS C 266 16.81 -6.28 -34.08
CA CYS C 266 18.11 -6.41 -34.74
C CYS C 266 18.23 -7.68 -35.54
N ASN C 267 17.11 -8.26 -35.95
CA ASN C 267 17.15 -9.51 -36.71
C ASN C 267 16.48 -9.47 -38.10
N ARG C 268 17.34 -9.24 -39.09
CA ARG C 268 17.07 -9.57 -40.47
C ARG C 268 18.04 -10.72 -40.76
N GLU C 269 17.60 -11.93 -40.44
CA GLU C 269 18.28 -13.16 -40.83
C GLU C 269 19.74 -13.25 -40.40
N LYS D 1 20.03 -13.56 -44.83
CA LYS D 1 19.27 -14.80 -45.04
C LYS D 1 19.74 -15.49 -46.33
N ARG D 2 19.43 -16.79 -46.46
CA ARG D 2 19.15 -17.43 -47.77
C ARG D 2 18.78 -18.80 -47.20
N PRO D 3 18.12 -19.57 -48.07
CA PRO D 3 17.77 -20.98 -47.90
C PRO D 3 18.19 -21.70 -49.20
N PRO D 4 18.43 -23.02 -49.15
CA PRO D 4 18.89 -23.79 -50.31
C PRO D 4 17.89 -23.89 -51.47
N LYS D 5 18.37 -23.96 -52.71
CA LYS D 5 17.47 -24.01 -53.86
C LYS D 5 16.67 -25.29 -53.82
N LEU D 6 15.43 -25.20 -54.32
CA LEU D 6 14.47 -26.29 -54.19
C LEU D 6 15.00 -27.66 -54.65
N GLY D 7 15.93 -27.62 -55.60
CA GLY D 7 16.61 -28.81 -56.07
C GLY D 7 17.43 -29.43 -54.93
N GLN D 8 18.27 -28.60 -54.31
CA GLN D 8 19.13 -29.10 -53.23
C GLN D 8 18.33 -29.67 -52.06
N ILE D 9 17.17 -29.08 -51.77
CA ILE D 9 16.49 -29.42 -50.51
C ILE D 9 15.76 -30.76 -50.54
N GLY D 10 15.24 -31.13 -51.70
CA GLY D 10 14.50 -32.37 -51.82
C GLY D 10 13.00 -32.18 -51.93
N ARG D 11 12.25 -33.25 -51.69
CA ARG D 11 10.82 -33.17 -51.96
C ARG D 11 9.90 -33.52 -50.78
N SER D 12 9.43 -32.47 -50.10
CA SER D 12 8.36 -32.56 -49.09
C SER D 12 8.40 -33.75 -48.14
N LYS D 13 7.26 -34.05 -47.52
CA LYS D 13 7.15 -35.13 -46.55
C LYS D 13 5.70 -35.46 -46.25
N ARG D 14 4.96 -34.46 -45.76
CA ARG D 14 3.53 -34.60 -45.46
C ARG D 14 3.46 -34.85 -43.97
N VAL D 15 2.28 -34.67 -43.39
CA VAL D 15 2.12 -34.69 -41.95
C VAL D 15 0.71 -35.11 -41.56
N VAL D 16 0.70 -36.28 -40.90
CA VAL D 16 -0.31 -36.72 -39.94
C VAL D 16 0.46 -37.56 -38.91
N LYS E 3 -34.29 34.67 1.66
CA LYS E 3 -32.97 34.88 1.07
C LYS E 3 -32.20 33.55 0.94
N PHE E 4 -32.88 32.45 1.25
CA PHE E 4 -32.26 31.14 1.20
C PHE E 4 -32.63 30.41 -0.07
N SER E 5 -33.94 30.25 -0.22
CA SER E 5 -34.53 29.78 -1.45
C SER E 5 -33.73 30.48 -2.53
N ASP E 6 -33.13 31.60 -2.14
CA ASP E 6 -32.28 32.34 -3.05
C ASP E 6 -31.10 31.56 -3.65
N ASN E 7 -30.20 31.06 -2.81
CA ASN E 7 -28.99 30.42 -3.33
C ASN E 7 -28.93 28.91 -3.15
N TYR E 8 -29.40 28.44 -2.00
CA TYR E 8 -29.23 27.04 -1.63
C TYR E 8 -30.36 26.14 -2.16
N ASP E 9 -29.98 24.94 -2.55
CA ASP E 9 -30.90 23.98 -3.12
C ASP E 9 -30.97 22.74 -2.23
N VAL E 10 -32.16 22.47 -1.67
CA VAL E 10 -32.32 21.38 -0.70
C VAL E 10 -32.18 19.98 -1.32
N LYS E 11 -31.57 19.06 -0.57
CA LYS E 11 -31.50 17.64 -0.96
C LYS E 11 -32.13 16.78 0.14
N GLU E 12 -31.58 15.57 0.35
CA GLU E 12 -32.09 14.67 1.38
C GLU E 12 -31.80 15.19 2.78
N GLU E 13 -32.07 14.36 3.79
CA GLU E 13 -31.89 14.80 5.18
C GLU E 13 -31.01 13.87 6.03
N SER E 20 -36.07 21.85 14.03
CA SER E 20 -35.02 21.13 14.71
C SER E 20 -34.34 20.13 13.78
N VAL E 21 -34.95 19.90 12.61
CA VAL E 21 -34.44 18.95 11.62
C VAL E 21 -33.33 19.53 10.72
N VAL E 22 -32.48 18.66 10.19
CA VAL E 22 -31.39 19.08 9.30
C VAL E 22 -31.40 18.30 8.00
N ARG E 23 -30.70 18.82 7.00
CA ARG E 23 -30.62 18.18 5.69
C ARG E 23 -29.63 18.88 4.76
N ARG E 24 -29.11 18.13 3.80
CA ARG E 24 -28.08 18.65 2.91
C ARG E 24 -28.61 19.75 1.99
N CYS E 25 -27.70 20.32 1.20
CA CYS E 25 -28.00 21.41 0.28
C CYS E 25 -26.72 21.87 -0.41
N VAL E 26 -26.88 22.64 -1.47
CA VAL E 26 -25.73 23.07 -2.27
C VAL E 26 -25.88 24.51 -2.70
N HIS E 27 -24.82 25.29 -2.54
CA HIS E 27 -24.80 26.68 -2.97
C HIS E 27 -25.03 26.76 -4.46
N LYS E 28 -25.76 27.78 -4.91
CA LYS E 28 -26.06 27.93 -6.33
C LYS E 28 -24.84 28.42 -7.12
N THR E 29 -24.17 29.43 -6.60
CA THR E 29 -22.97 29.99 -7.21
C THR E 29 -21.79 29.00 -7.20
N THR E 30 -21.25 28.74 -6.00
CA THR E 30 -20.03 27.94 -5.84
C THR E 30 -20.27 26.42 -5.77
N GLY E 31 -21.52 26.01 -5.61
CA GLY E 31 -21.90 24.61 -5.70
C GLY E 31 -21.27 23.71 -4.66
N LEU E 32 -20.88 24.28 -3.52
CA LEU E 32 -20.27 23.52 -2.44
C LEU E 32 -21.32 22.91 -1.54
N GLU E 33 -21.29 21.59 -1.41
CA GLU E 33 -22.22 20.89 -0.53
C GLU E 33 -22.17 21.44 0.89
N PHE E 34 -23.33 21.56 1.53
CA PHE E 34 -23.41 21.96 2.93
C PHE E 34 -24.45 21.17 3.71
N ALA E 35 -24.57 21.51 4.99
CA ALA E 35 -25.61 20.93 5.82
C ALA E 35 -26.42 22.08 6.40
N ALA E 36 -27.72 22.09 6.12
CA ALA E 36 -28.57 23.17 6.57
C ALA E 36 -29.53 22.75 7.68
N LYS E 37 -29.29 23.21 8.91
CA LYS E 37 -30.25 22.99 9.99
C LYS E 37 -31.43 23.93 9.80
N ILE E 38 -32.63 23.36 9.88
CA ILE E 38 -33.84 24.10 9.61
C ILE E 38 -34.82 24.04 10.78
N ILE E 39 -34.92 25.14 11.51
CA ILE E 39 -35.78 25.20 12.69
C ILE E 39 -37.13 25.85 12.34
N ASN E 40 -38.05 25.83 13.30
CA ASN E 40 -39.44 26.18 13.02
C ASN E 40 -40.05 27.25 13.93
N ALA E 46 -40.91 30.36 20.92
CA ALA E 46 -40.59 31.59 21.65
C ALA E 46 -39.18 31.59 22.27
N ARG E 47 -39.09 31.47 23.60
CA ARG E 47 -37.77 31.57 24.27
C ARG E 47 -36.95 30.28 24.19
N ASP E 48 -37.57 29.19 23.73
CA ASP E 48 -36.83 28.03 23.26
C ASP E 48 -35.94 28.50 22.11
N PHE E 49 -36.52 29.32 21.25
CA PHE E 49 -35.82 29.98 20.15
C PHE E 49 -34.71 30.90 20.67
N GLN E 50 -34.97 31.58 21.80
CA GLN E 50 -34.03 32.53 22.38
C GLN E 50 -32.86 31.84 23.08
N LYS E 51 -32.94 30.52 23.18
CA LYS E 51 -31.81 29.71 23.63
C LYS E 51 -30.89 29.44 22.45
N LEU E 52 -31.47 29.43 21.26
CA LEU E 52 -30.74 29.21 20.00
C LEU E 52 -30.14 30.53 19.52
N GLU E 53 -30.79 31.62 19.89
CA GLU E 53 -30.17 32.94 19.74
C GLU E 53 -28.75 32.86 20.28
N ARG E 54 -28.63 32.67 21.59
CA ARG E 54 -27.33 32.63 22.24
C ARG E 54 -26.42 31.62 21.56
N GLU E 55 -26.88 30.37 21.47
CA GLU E 55 -26.06 29.29 20.92
C GLU E 55 -25.49 29.61 19.54
N ALA E 56 -26.34 30.14 18.66
CA ALA E 56 -25.93 30.43 17.28
C ALA E 56 -24.87 31.53 17.19
N ARG E 57 -25.06 32.62 17.93
CA ARG E 57 -24.06 33.66 18.01
C ARG E 57 -22.66 33.06 18.19
N ILE E 58 -22.58 32.03 19.04
CA ILE E 58 -21.32 31.42 19.41
C ILE E 58 -20.59 30.79 18.22
N CYS E 59 -21.26 29.89 17.52
CA CYS E 59 -20.67 29.17 16.39
C CYS E 59 -20.21 30.14 15.30
N ARG E 60 -20.75 31.35 15.33
CA ARG E 60 -20.43 32.35 14.34
C ARG E 60 -19.15 33.09 14.73
N LYS E 61 -18.75 32.95 15.99
CA LYS E 61 -17.47 33.49 16.43
C LYS E 61 -16.37 32.47 16.11
N LEU E 62 -16.78 31.23 15.93
CA LEU E 62 -15.85 30.11 15.81
C LEU E 62 -15.64 29.63 14.37
N GLN E 63 -14.64 30.20 13.72
CA GLN E 63 -14.30 29.81 12.36
C GLN E 63 -12.92 29.16 12.34
N HIS E 64 -12.91 27.83 12.44
CA HIS E 64 -11.65 27.11 12.49
C HIS E 64 -11.81 25.75 11.84
N PRO E 65 -10.76 25.27 11.19
CA PRO E 65 -10.85 24.06 10.38
C PRO E 65 -11.40 22.89 11.17
N ASN E 66 -11.08 22.77 12.46
CA ASN E 66 -11.55 21.63 13.20
C ASN E 66 -12.85 21.88 13.94
N ILE E 67 -13.55 22.94 13.58
CA ILE E 67 -14.81 23.23 14.21
C ILE E 67 -15.85 23.26 13.12
N VAL E 68 -16.87 22.44 13.28
CA VAL E 68 -17.97 22.44 12.32
C VAL E 68 -18.48 23.85 12.09
N ARG E 69 -17.86 24.56 11.16
CA ARG E 69 -18.06 26.01 11.02
C ARG E 69 -19.50 26.34 10.65
N LEU E 70 -20.05 27.38 11.26
CA LEU E 70 -21.32 27.93 10.80
C LEU E 70 -21.03 29.02 9.78
N HIS E 71 -21.63 28.91 8.60
CA HIS E 71 -21.29 29.80 7.48
C HIS E 71 -22.31 30.91 7.30
N ASP E 72 -23.59 30.56 7.30
CA ASP E 72 -24.61 31.59 7.20
C ASP E 72 -25.84 31.30 8.07
N SER E 73 -26.47 32.37 8.54
CA SER E 73 -27.73 32.28 9.28
C SER E 73 -28.79 33.10 8.58
N ILE E 74 -29.94 32.47 8.32
CA ILE E 74 -30.98 33.12 7.52
C ILE E 74 -32.38 32.88 8.07
N GLN E 75 -33.12 33.99 8.21
CA GLN E 75 -34.50 33.93 8.63
C GLN E 75 -35.44 34.06 7.43
N GLU E 76 -36.26 33.04 7.20
CA GLU E 76 -37.24 33.07 6.11
C GLU E 76 -38.59 33.55 6.65
N GLU E 77 -39.60 32.68 6.54
CA GLU E 77 -40.93 32.98 7.04
C GLU E 77 -41.10 32.47 8.47
N SER E 78 -41.37 31.17 8.60
CA SER E 78 -41.50 30.52 9.91
C SER E 78 -40.29 29.64 10.18
N PHE E 79 -39.50 29.35 9.15
CA PHE E 79 -38.34 28.50 9.28
C PHE E 79 -37.06 29.31 9.41
N HIS E 80 -36.11 28.79 10.17
CA HIS E 80 -34.79 29.39 10.29
C HIS E 80 -33.75 28.46 9.68
N TYR E 81 -32.79 29.03 8.97
CA TYR E 81 -31.79 28.23 8.27
C TYR E 81 -30.38 28.49 8.83
N LEU E 82 -29.65 27.41 9.10
CA LEU E 82 -28.27 27.51 9.57
C LEU E 82 -27.38 26.65 8.70
N VAL E 83 -26.55 27.29 7.89
CA VAL E 83 -25.70 26.57 6.94
C VAL E 83 -24.36 26.18 7.56
N PHE E 84 -24.17 24.87 7.77
CA PHE E 84 -22.99 24.34 8.43
C PHE E 84 -22.08 23.57 7.49
N ASP E 85 -20.81 23.46 7.88
CA ASP E 85 -19.89 22.54 7.23
C ASP E 85 -20.60 21.21 7.13
N LEU E 86 -20.32 20.48 6.06
CA LEU E 86 -20.92 19.16 5.90
C LEU E 86 -19.87 18.11 6.26
N VAL E 87 -20.19 17.26 7.24
CA VAL E 87 -19.27 16.23 7.69
C VAL E 87 -19.93 14.86 7.61
N THR E 88 -19.21 13.87 7.10
CA THR E 88 -19.80 12.58 6.74
C THR E 88 -19.19 11.36 7.45
N GLY E 89 -17.92 11.45 7.83
CA GLY E 89 -17.23 10.34 8.45
C GLY E 89 -17.86 9.81 9.72
N GLY E 90 -19.02 10.34 10.07
CA GLY E 90 -19.70 9.93 11.28
C GLY E 90 -18.98 10.40 12.54
N GLU E 91 -19.45 9.90 13.68
CA GLU E 91 -18.88 10.31 14.96
C GLU E 91 -17.56 9.62 15.23
N LEU E 92 -16.72 10.28 16.02
CA LEU E 92 -15.48 9.67 16.46
C LEU E 92 -15.80 8.51 17.37
N PHE E 93 -16.88 8.63 18.14
CA PHE E 93 -17.32 7.53 18.99
C PHE E 93 -17.37 6.24 18.16
N GLU E 94 -18.09 6.31 17.05
CA GLU E 94 -18.25 5.14 16.18
C GLU E 94 -16.92 4.62 15.71
N ASP E 95 -16.02 5.52 15.29
CA ASP E 95 -14.72 5.09 14.77
C ASP E 95 -13.87 4.42 15.83
N ILE E 96 -14.20 4.66 17.10
CA ILE E 96 -13.48 4.04 18.19
C ILE E 96 -14.00 2.63 18.52
N VAL E 97 -15.31 2.45 18.57
CA VAL E 97 -15.84 1.12 18.76
C VAL E 97 -15.43 0.32 17.53
N ALA E 98 -15.33 1.01 16.39
CA ALA E 98 -14.97 0.40 15.13
C ALA E 98 -13.62 -0.29 15.20
N ARG E 99 -12.60 0.48 15.57
CA ARG E 99 -11.22 0.01 15.57
C ARG E 99 -10.79 -0.60 16.90
N GLU E 100 -11.67 -0.50 17.89
CA GLU E 100 -11.40 -0.95 19.26
C GLU E 100 -10.57 0.04 20.08
N PHE E 101 -9.56 0.64 19.45
CA PHE E 101 -8.66 1.57 20.14
C PHE E 101 -7.52 2.00 19.24
N TYR E 102 -7.18 3.26 19.28
CA TYR E 102 -6.13 3.80 18.41
C TYR E 102 -4.71 3.34 18.74
N SER E 103 -3.82 3.47 17.75
CA SER E 103 -2.40 3.37 18.00
C SER E 103 -1.98 4.72 18.56
N GLU E 104 -0.81 4.78 19.18
CA GLU E 104 -0.41 6.03 19.80
C GLU E 104 -0.28 7.10 18.74
N ALA E 105 0.17 6.69 17.56
CA ALA E 105 0.36 7.65 16.49
C ALA E 105 -0.97 8.25 16.10
N ASP E 106 -1.92 7.40 15.73
CA ASP E 106 -3.26 7.86 15.33
C ASP E 106 -3.92 8.61 16.48
N ALA E 107 -3.66 8.15 17.71
CA ALA E 107 -4.16 8.78 18.92
C ALA E 107 -3.56 10.16 19.06
N SER E 108 -2.23 10.24 18.99
CA SER E 108 -1.54 11.52 19.05
C SER E 108 -2.13 12.49 18.05
N HIS E 109 -2.35 12.00 16.85
CA HIS E 109 -2.90 12.85 15.82
C HIS E 109 -4.31 13.27 16.19
N CYS E 110 -5.09 12.31 16.67
CA CYS E 110 -6.50 12.58 16.93
C CYS E 110 -6.70 13.60 18.03
N ILE E 111 -5.87 13.51 19.08
CA ILE E 111 -5.97 14.38 20.23
C ILE E 111 -5.41 15.77 19.94
N GLN E 112 -4.38 15.82 19.09
CA GLN E 112 -3.77 17.08 18.69
C GLN E 112 -4.75 17.93 17.90
N GLN E 113 -5.64 17.26 17.19
CA GLN E 113 -6.64 17.95 16.44
C GLN E 113 -7.63 18.58 17.39
N ILE E 114 -8.16 17.77 18.30
CA ILE E 114 -9.10 18.25 19.30
C ILE E 114 -8.47 19.40 20.13
N LEU E 115 -7.23 19.22 20.58
CA LEU E 115 -6.53 20.25 21.34
C LEU E 115 -6.48 21.58 20.59
N GLU E 116 -6.06 21.55 19.32
CA GLU E 116 -6.05 22.77 18.52
C GLU E 116 -7.42 23.43 18.45
N SER E 117 -8.48 22.64 18.37
CA SER E 117 -9.82 23.21 18.31
C SER E 117 -10.16 23.84 19.66
N ILE E 118 -9.99 23.07 20.72
CA ILE E 118 -10.17 23.57 22.09
C ILE E 118 -9.38 24.86 22.31
N ALA E 119 -8.06 24.79 22.10
CA ALA E 119 -7.20 25.96 22.17
C ALA E 119 -7.85 27.18 21.56
N TYR E 120 -8.24 27.07 20.29
CA TYR E 120 -8.90 28.16 19.58
C TYR E 120 -10.14 28.62 20.31
N CYS E 121 -10.99 27.68 20.72
CA CYS E 121 -12.20 28.00 21.49
C CYS E 121 -11.89 28.85 22.72
N HIS E 122 -10.89 28.43 23.48
CA HIS E 122 -10.54 29.11 24.70
C HIS E 122 -9.90 30.47 24.44
N SER E 123 -8.96 30.52 23.52
CA SER E 123 -8.34 31.79 23.17
C SER E 123 -9.39 32.76 22.61
N ASN E 124 -10.64 32.31 22.58
CA ASN E 124 -11.76 33.11 22.10
C ASN E 124 -12.91 33.20 23.11
N GLY E 125 -12.59 32.88 24.36
CA GLY E 125 -13.54 33.01 25.46
C GLY E 125 -14.64 31.98 25.49
N ILE E 126 -14.52 30.91 24.71
CA ILE E 126 -15.55 29.90 24.72
C ILE E 126 -15.12 28.65 25.46
N VAL E 127 -16.00 28.14 26.32
CA VAL E 127 -15.82 26.87 27.01
C VAL E 127 -16.91 25.90 26.57
N HIS E 128 -16.51 24.69 26.20
CA HIS E 128 -17.47 23.79 25.57
C HIS E 128 -18.34 23.09 26.62
N ARG E 129 -17.67 22.48 27.59
CA ARG E 129 -18.32 21.73 28.67
C ARG E 129 -18.76 20.33 28.25
N ASN E 130 -19.57 20.25 27.18
CA ASN E 130 -20.07 18.96 26.70
C ASN E 130 -19.11 18.27 25.72
N LEU E 131 -17.82 18.28 26.05
CA LEU E 131 -16.81 17.70 25.17
C LEU E 131 -16.66 16.20 25.38
N LYS E 132 -17.07 15.43 24.37
CA LYS E 132 -17.00 13.98 24.42
C LYS E 132 -16.77 13.39 23.01
N PRO E 133 -16.43 12.08 22.93
CA PRO E 133 -16.29 11.46 21.61
C PRO E 133 -17.56 11.54 20.76
N GLU E 134 -18.73 11.41 21.38
CA GLU E 134 -19.96 11.45 20.62
C GLU E 134 -20.24 12.84 20.03
N ASN E 135 -19.34 13.78 20.26
CA ASN E 135 -19.48 15.14 19.75
C ASN E 135 -18.33 15.57 18.84
N LEU E 136 -17.47 14.62 18.52
CA LEU E 136 -16.39 14.87 17.57
C LEU E 136 -16.67 14.13 16.28
N LEU E 137 -16.71 14.87 15.17
CA LEU E 137 -17.04 14.29 13.86
C LEU E 137 -15.80 14.14 12.99
N LEU E 138 -15.79 13.13 12.14
CA LEU E 138 -14.67 12.91 11.25
C LEU E 138 -15.00 13.37 9.83
N ALA E 139 -14.00 13.90 9.12
CA ALA E 139 -14.21 14.36 7.74
C ALA E 139 -14.60 13.20 6.82
N SER E 140 -13.83 12.12 6.94
CA SER E 140 -14.15 10.83 6.35
C SER E 140 -13.56 9.82 7.31
N LYS E 141 -13.63 8.54 6.99
CA LYS E 141 -12.95 7.54 7.81
C LYS E 141 -11.56 7.26 7.22
N ALA E 142 -11.01 8.26 6.53
CA ALA E 142 -9.67 8.18 5.96
C ALA E 142 -8.66 7.85 7.04
N LYS E 143 -7.45 7.49 6.64
CA LYS E 143 -6.38 7.30 7.61
C LYS E 143 -5.62 8.61 7.71
N GLY E 144 -6.32 9.64 8.17
CA GLY E 144 -5.73 10.94 8.36
C GLY E 144 -6.80 12.01 8.41
N ALA E 145 -8.03 11.62 8.07
CA ALA E 145 -9.14 12.56 8.02
C ALA E 145 -9.13 13.50 9.22
N ALA E 146 -9.61 14.72 9.00
CA ALA E 146 -9.64 15.71 10.06
C ALA E 146 -10.82 15.48 11.00
N VAL E 147 -10.73 16.03 12.20
CA VAL E 147 -11.77 15.90 13.21
C VAL E 147 -12.41 17.25 13.49
N LYS E 148 -13.72 17.27 13.66
CA LYS E 148 -14.44 18.53 13.84
C LYS E 148 -15.23 18.54 15.15
N LEU E 149 -15.33 19.72 15.75
CA LEU E 149 -15.96 19.87 17.03
C LEU E 149 -17.41 20.29 16.82
N ALA E 150 -18.33 19.73 17.59
CA ALA E 150 -19.74 20.05 17.42
C ALA E 150 -20.57 20.07 18.71
N ASP E 151 -21.83 20.49 18.58
CA ASP E 151 -22.76 20.63 19.71
C ASP E 151 -22.33 21.64 20.78
N PHE E 152 -22.71 22.90 20.59
CA PHE E 152 -22.37 23.93 21.55
C PHE E 152 -23.56 24.30 22.43
N GLY E 153 -24.49 23.36 22.58
CA GLY E 153 -25.66 23.57 23.41
C GLY E 153 -25.25 24.08 24.77
N LEU E 154 -24.15 23.56 25.29
CA LEU E 154 -23.69 23.89 26.63
C LEU E 154 -22.54 24.89 26.61
N ALA E 155 -22.12 25.28 25.43
CA ALA E 155 -21.08 26.30 25.33
C ALA E 155 -21.48 27.58 26.07
N ILE E 156 -20.49 28.28 26.59
CA ILE E 156 -20.71 29.54 27.29
C ILE E 156 -19.52 30.45 27.04
N GLU E 157 -19.76 31.76 27.04
CA GLU E 157 -18.69 32.73 26.84
C GLU E 157 -18.21 33.25 28.18
N VAL E 158 -16.89 33.34 28.36
CA VAL E 158 -16.35 33.64 29.67
C VAL E 158 -15.07 34.46 29.63
N ASN E 159 -14.80 35.15 30.73
CA ASN E 159 -13.51 35.81 30.95
C ASN E 159 -12.53 34.86 31.61
N ASP E 160 -11.36 35.36 31.95
CA ASP E 160 -10.33 34.54 32.60
C ASP E 160 -10.68 34.22 34.05
N SER E 161 -11.81 34.76 34.50
CA SER E 161 -12.24 34.68 35.89
C SER E 161 -13.16 33.51 36.18
N GLU E 162 -12.75 32.67 37.12
CA GLU E 162 -13.53 31.49 37.50
C GLU E 162 -14.83 31.89 38.24
N ALA E 163 -15.92 31.20 37.88
CA ALA E 163 -17.21 31.39 38.51
C ALA E 163 -17.92 30.05 38.62
N TRP E 164 -19.21 30.08 38.91
CA TRP E 164 -20.01 28.85 38.90
C TRP E 164 -21.05 28.90 37.80
N HIS E 165 -20.60 28.68 36.57
CA HIS E 165 -21.46 28.85 35.40
C HIS E 165 -22.42 27.67 35.21
N GLY E 166 -23.27 27.41 36.21
CA GLY E 166 -24.24 26.35 36.10
C GLY E 166 -23.59 24.99 36.25
N PHE E 167 -24.40 23.95 36.16
CA PHE E 167 -23.93 22.57 36.30
C PHE E 167 -24.52 21.73 35.18
N ALA E 168 -23.67 21.42 34.21
CA ALA E 168 -24.07 20.63 33.03
C ALA E 168 -22.87 19.95 32.34
N GLY E 169 -23.18 18.97 31.49
CA GLY E 169 -22.15 18.22 30.80
C GLY E 169 -22.50 16.75 30.90
N THR E 170 -21.72 15.89 30.25
CA THR E 170 -22.01 14.45 30.29
C THR E 170 -21.34 13.74 31.46
N PRO E 171 -22.13 12.97 32.21
CA PRO E 171 -21.64 12.25 33.38
C PRO E 171 -20.69 11.18 32.90
N GLY E 172 -19.41 11.31 33.24
CA GLY E 172 -18.38 10.41 32.75
C GLY E 172 -17.17 11.20 32.28
N TYR E 173 -17.44 12.37 31.73
CA TYR E 173 -16.41 13.31 31.32
C TYR E 173 -16.33 14.53 32.25
N LEU E 174 -17.30 14.64 33.16
CA LEU E 174 -17.39 15.81 34.02
C LEU E 174 -16.13 15.97 34.86
N SER E 175 -15.81 17.24 35.15
CA SER E 175 -14.61 17.60 35.90
C SER E 175 -14.83 17.58 37.41
N PRO E 176 -13.78 17.30 38.19
CA PRO E 176 -13.88 17.37 39.65
C PRO E 176 -14.43 18.72 40.14
N GLU E 177 -13.87 19.82 39.64
CA GLU E 177 -14.26 21.15 40.07
C GLU E 177 -15.77 21.42 39.89
N VAL E 178 -16.40 20.75 38.93
CA VAL E 178 -17.83 20.94 38.68
C VAL E 178 -18.70 20.08 39.60
N LEU E 179 -18.18 18.92 39.99
CA LEU E 179 -18.90 18.06 40.93
C LEU E 179 -18.78 18.58 42.37
N LYS E 180 -17.72 19.32 42.62
CA LYS E 180 -17.52 19.90 43.92
C LYS E 180 -18.25 21.24 43.98
N LYS E 181 -19.08 21.49 42.98
CA LYS E 181 -19.80 22.76 42.86
C LYS E 181 -18.86 23.95 43.02
N ASP E 182 -17.58 23.75 42.73
CA ASP E 182 -16.58 24.80 42.80
C ASP E 182 -16.72 25.78 41.65
N PRO E 183 -15.96 26.89 41.68
CA PRO E 183 -15.99 27.72 40.48
C PRO E 183 -15.06 27.08 39.48
N TYR E 184 -15.44 27.09 38.21
CA TYR E 184 -14.61 26.51 37.18
C TYR E 184 -14.49 27.44 35.98
N SER E 185 -13.57 27.11 35.08
CA SER E 185 -13.34 27.89 33.87
C SER E 185 -12.94 26.97 32.73
N LYS E 186 -12.09 27.48 31.85
CA LYS E 186 -11.62 26.74 30.69
C LYS E 186 -11.17 25.29 30.98
N PRO E 187 -10.35 25.07 32.03
CA PRO E 187 -9.76 23.73 32.18
C PRO E 187 -10.75 22.57 32.30
N VAL E 188 -12.05 22.84 32.45
CA VAL E 188 -13.01 21.75 32.47
C VAL E 188 -12.94 20.93 31.20
N ASP E 189 -12.47 21.58 30.13
CA ASP E 189 -12.41 20.95 28.82
C ASP E 189 -11.16 20.07 28.67
N ILE E 190 -10.03 20.57 29.13
CA ILE E 190 -8.82 19.76 29.18
C ILE E 190 -9.05 18.52 30.04
N TRP E 191 -9.96 18.59 31.00
CA TRP E 191 -10.27 17.38 31.76
C TRP E 191 -10.90 16.37 30.83
N ALA E 192 -11.89 16.81 30.07
CA ALA E 192 -12.57 15.96 29.11
C ALA E 192 -11.57 15.32 28.12
N CYS E 193 -10.63 16.11 27.61
CA CYS E 193 -9.60 15.55 26.75
C CYS E 193 -8.98 14.32 27.37
N GLY E 194 -8.38 14.48 28.55
CA GLY E 194 -7.74 13.37 29.22
C GLY E 194 -8.58 12.10 29.22
N VAL E 195 -9.88 12.27 29.39
CA VAL E 195 -10.81 11.14 29.40
C VAL E 195 -10.77 10.52 28.03
N ILE E 196 -10.96 11.37 27.02
CA ILE E 196 -10.96 10.92 25.63
C ILE E 196 -9.63 10.28 25.22
N LEU E 197 -8.55 11.06 25.28
CA LEU E 197 -7.20 10.56 25.02
C LEU E 197 -6.94 9.27 25.78
N TYR E 198 -7.51 9.14 26.97
CA TYR E 198 -7.40 7.90 27.72
C TYR E 198 -8.12 6.78 26.99
N ILE E 199 -9.33 7.06 26.54
CA ILE E 199 -10.12 6.06 25.83
C ILE E 199 -9.45 5.61 24.54
N LEU E 200 -9.06 6.56 23.70
CA LEU E 200 -8.37 6.25 22.45
C LEU E 200 -7.33 5.18 22.67
N LEU E 201 -6.49 5.31 23.69
CA LEU E 201 -5.37 4.39 23.81
C LEU E 201 -5.78 2.98 24.18
N VAL E 202 -6.95 2.82 24.81
CA VAL E 202 -7.36 1.49 25.29
C VAL E 202 -8.81 1.08 25.00
N GLY E 203 -9.66 2.03 24.68
CA GLY E 203 -11.04 1.74 24.31
C GLY E 203 -12.04 1.51 25.44
N TYR E 204 -11.59 1.66 26.68
CA TYR E 204 -12.47 1.76 27.84
C TYR E 204 -12.23 3.12 28.53
N PRO E 205 -13.18 3.55 29.38
CA PRO E 205 -13.07 4.85 30.07
C PRO E 205 -12.17 4.79 31.30
N PRO E 206 -11.71 5.95 31.78
CA PRO E 206 -10.89 6.03 33.00
C PRO E 206 -11.77 5.89 34.25
N PHE E 207 -12.83 6.71 34.31
CA PHE E 207 -13.78 6.68 35.40
C PHE E 207 -15.07 6.09 34.92
N TRP E 208 -15.56 5.09 35.62
CA TRP E 208 -16.86 4.52 35.29
C TRP E 208 -17.40 3.60 36.37
N ASP E 209 -18.67 3.80 36.73
CA ASP E 209 -19.44 2.81 37.49
C ASP E 209 -20.91 2.80 37.11
N GLU E 210 -21.56 1.70 37.47
CA GLU E 210 -22.99 1.47 37.26
C GLU E 210 -23.86 2.51 37.95
N ASP E 211 -23.48 2.85 39.18
CA ASP E 211 -24.18 3.85 39.99
C ASP E 211 -23.61 5.25 39.80
N GLN E 212 -24.46 6.16 39.33
CA GLN E 212 -24.04 7.52 38.99
C GLN E 212 -23.18 8.13 40.10
N HIS E 213 -23.60 7.94 41.34
CA HIS E 213 -22.90 8.56 42.45
C HIS E 213 -21.58 7.85 42.74
N ARG E 214 -21.58 6.53 42.71
CA ARG E 214 -20.34 5.80 42.81
C ARG E 214 -19.35 6.44 41.86
N LEU E 215 -19.85 6.89 40.70
CA LEU E 215 -19.03 7.48 39.64
C LEU E 215 -18.46 8.84 40.03
N TYR E 216 -19.33 9.84 40.17
CA TYR E 216 -18.88 11.18 40.53
C TYR E 216 -17.87 11.13 41.65
N ALA E 217 -18.03 10.14 42.54
CA ALA E 217 -17.11 9.94 43.66
C ALA E 217 -15.73 9.65 43.15
N GLN E 218 -15.67 8.65 42.26
CA GLN E 218 -14.44 8.18 41.64
C GLN E 218 -13.75 9.34 40.91
N ILE E 219 -14.54 10.09 40.14
CA ILE E 219 -14.06 11.28 39.48
C ILE E 219 -13.46 12.31 40.45
N LYS E 220 -14.31 12.85 41.32
CA LYS E 220 -13.91 13.82 42.34
C LYS E 220 -12.61 13.39 43.04
N ALA E 221 -12.52 12.10 43.28
CA ALA E 221 -11.38 11.55 43.99
C ALA E 221 -10.10 11.62 43.14
N GLY E 222 -10.25 11.54 41.81
CA GLY E 222 -9.12 11.43 40.90
C GLY E 222 -8.70 9.97 40.70
N ALA E 223 -9.66 9.07 40.85
CA ALA E 223 -9.39 7.65 40.94
C ALA E 223 -9.33 6.95 39.58
N TYR E 224 -8.16 6.94 38.96
CA TYR E 224 -7.97 6.14 37.75
C TYR E 224 -6.61 5.47 37.79
N ASP E 225 -6.44 4.43 37.00
CA ASP E 225 -5.15 3.75 36.94
C ASP E 225 -4.83 3.22 35.54
N TYR E 226 -3.66 2.60 35.43
CA TYR E 226 -3.20 2.07 34.17
C TYR E 226 -3.05 0.56 34.27
N PRO E 227 -4.18 -0.16 34.22
CA PRO E 227 -4.25 -1.62 34.37
C PRO E 227 -3.32 -2.38 33.42
N SER E 228 -2.67 -3.42 33.93
CA SER E 228 -1.85 -4.28 33.09
C SER E 228 -2.73 -5.36 32.46
N PRO E 229 -2.32 -5.90 31.29
CA PRO E 229 -1.07 -5.59 30.59
C PRO E 229 -1.22 -4.51 29.55
N GLU E 230 -2.46 -4.12 29.24
CA GLU E 230 -2.68 -3.12 28.19
C GLU E 230 -1.76 -1.91 28.32
N TRP E 231 -1.75 -1.29 29.49
CA TRP E 231 -0.98 -0.06 29.65
C TRP E 231 0.50 -0.29 29.78
N ASP E 232 0.88 -1.53 30.04
CA ASP E 232 2.29 -1.89 30.18
C ASP E 232 3.15 -1.46 29.00
N THR E 233 2.53 -1.24 27.85
CA THR E 233 3.26 -0.99 26.61
C THR E 233 2.83 0.29 25.93
N VAL E 234 2.37 1.24 26.71
CA VAL E 234 2.06 2.57 26.22
C VAL E 234 3.18 3.49 26.66
N THR E 235 3.76 4.24 25.73
CA THR E 235 4.89 5.09 26.09
C THR E 235 4.50 5.96 27.27
N PRO E 236 5.35 5.99 28.30
CA PRO E 236 5.17 6.86 29.45
C PRO E 236 4.86 8.30 29.06
N GLU E 237 5.54 8.83 28.04
CA GLU E 237 5.30 10.18 27.57
C GLU E 237 3.81 10.41 27.33
N ALA E 238 3.10 9.33 27.02
CA ALA E 238 1.69 9.43 26.65
C ALA E 238 0.88 9.43 27.91
N LYS E 239 1.27 8.57 28.85
CA LYS E 239 0.62 8.53 30.15
C LYS E 239 0.76 9.89 30.81
N SER E 240 2.01 10.33 30.97
CA SER E 240 2.28 11.66 31.49
C SER E 240 1.39 12.80 30.91
N LEU E 241 1.13 12.77 29.62
CA LEU E 241 0.26 13.77 29.03
C LEU E 241 -1.19 13.62 29.54
N ILE E 242 -1.62 12.37 29.77
CA ILE E 242 -2.92 12.12 30.37
C ILE E 242 -2.89 12.59 31.81
N ASP E 243 -1.91 12.09 32.55
CA ASP E 243 -1.75 12.46 33.94
C ASP E 243 -1.95 13.96 34.14
N SER E 244 -1.50 14.75 33.16
CA SER E 244 -1.50 16.19 33.32
C SER E 244 -2.81 16.79 32.90
N MET E 245 -3.64 16.02 32.21
CA MET E 245 -4.96 16.50 31.85
C MET E 245 -5.94 16.08 32.92
N LEU E 246 -5.66 14.92 33.49
CA LEU E 246 -6.43 14.38 34.60
C LEU E 246 -5.82 14.80 35.95
N THR E 247 -5.19 15.97 35.93
CA THR E 247 -4.76 16.66 37.13
C THR E 247 -6.02 17.18 37.79
N VAL E 248 -6.24 16.80 39.05
CA VAL E 248 -7.50 17.16 39.74
C VAL E 248 -7.60 18.62 40.16
N ASN E 249 -6.47 19.22 40.47
CA ASN E 249 -6.40 20.64 40.78
C ASN E 249 -6.37 21.54 39.51
N PRO E 250 -7.51 22.17 39.20
CA PRO E 250 -7.65 23.00 38.00
C PRO E 250 -6.48 23.95 37.79
N LYS E 251 -6.10 24.68 38.84
CA LYS E 251 -5.02 25.64 38.73
C LYS E 251 -3.74 25.05 38.09
N LYS E 252 -3.52 23.75 38.27
CA LYS E 252 -2.26 23.17 37.78
C LYS E 252 -2.43 22.16 36.66
N ARG E 253 -3.66 22.07 36.16
CA ARG E 253 -3.97 21.17 35.07
C ARG E 253 -3.59 21.85 33.77
N ILE E 254 -2.71 21.20 33.02
CA ILE E 254 -2.23 21.68 31.72
C ILE E 254 -3.29 22.36 30.83
N THR E 255 -2.89 23.42 30.16
CA THR E 255 -3.81 24.13 29.28
C THR E 255 -3.70 23.57 27.88
N ALA E 256 -4.58 24.02 26.99
CA ALA E 256 -4.57 23.56 25.62
C ALA E 256 -3.27 23.90 24.92
N ASP E 257 -2.95 25.20 24.89
CA ASP E 257 -1.76 25.70 24.21
C ASP E 257 -0.46 25.10 24.76
N GLN E 258 -0.56 24.45 25.90
CA GLN E 258 0.61 23.86 26.50
C GLN E 258 0.71 22.42 26.06
N ALA E 259 -0.43 21.75 25.98
CA ALA E 259 -0.48 20.37 25.54
C ALA E 259 0.01 20.23 24.10
N LEU E 260 -0.23 21.26 23.29
CA LEU E 260 0.15 21.24 21.89
C LEU E 260 1.66 21.32 21.71
N LYS E 261 2.38 21.61 22.78
CA LYS E 261 3.82 21.77 22.66
C LYS E 261 4.56 20.60 23.26
N VAL E 262 3.86 19.52 23.55
CA VAL E 262 4.54 18.33 24.06
C VAL E 262 5.12 17.46 22.95
N PRO E 263 6.32 16.91 23.17
CA PRO E 263 6.95 15.93 22.30
C PRO E 263 5.95 14.97 21.67
N TRP E 264 5.28 14.18 22.50
CA TRP E 264 4.36 13.16 22.03
C TRP E 264 3.23 13.71 21.16
N ILE E 265 3.22 15.02 20.94
CA ILE E 265 2.25 15.62 20.02
C ILE E 265 3.01 16.37 18.94
N CYS E 266 4.20 16.85 19.31
CA CYS E 266 5.07 17.63 18.42
C CYS E 266 6.01 16.80 17.55
N ASN E 267 5.65 15.55 17.29
CA ASN E 267 6.51 14.67 16.52
C ASN E 267 5.85 14.10 15.26
N ARG E 268 5.77 14.95 14.24
CA ARG E 268 5.51 14.55 12.86
C ARG E 268 6.86 14.53 12.14
N GLU E 269 7.64 13.47 12.40
CA GLU E 269 9.02 13.36 11.95
C GLU E 269 9.63 12.00 12.31
N LYS F 1 8.85 10.75 4.79
CA LYS F 1 9.28 10.63 6.19
C LYS F 1 10.65 11.25 6.39
N ARG F 2 11.60 10.90 5.52
CA ARG F 2 11.33 9.96 4.43
C ARG F 2 12.57 9.03 4.45
N PRO F 3 12.33 7.72 4.49
CA PRO F 3 13.37 6.67 4.55
C PRO F 3 14.11 6.38 3.23
N PRO F 4 15.27 5.72 3.30
CA PRO F 4 16.05 5.41 2.10
C PRO F 4 15.36 4.35 1.26
N LYS F 5 15.59 4.36 -0.05
CA LYS F 5 14.95 3.38 -0.91
C LYS F 5 15.52 2.01 -0.61
N LEU F 6 14.70 0.99 -0.77
CA LEU F 6 15.05 -0.36 -0.36
C LEU F 6 16.41 -0.81 -0.91
N GLY F 7 16.79 -0.27 -2.06
CA GLY F 7 18.08 -0.59 -2.64
C GLY F 7 19.22 -0.04 -1.80
N GLN F 8 19.11 1.22 -1.41
CA GLN F 8 20.10 1.84 -0.55
C GLN F 8 20.25 1.17 0.82
N ILE F 9 19.16 0.65 1.37
CA ILE F 9 19.21 0.21 2.74
C ILE F 9 19.89 -1.15 2.92
N GLY F 10 19.71 -2.04 1.94
CA GLY F 10 20.30 -3.37 2.05
C GLY F 10 19.26 -4.43 2.35
N ARG F 11 19.70 -5.61 2.76
CA ARG F 11 18.78 -6.75 2.90
C ARG F 11 18.68 -7.38 4.29
N SER F 12 17.69 -6.96 5.08
CA SER F 12 17.25 -7.58 6.35
C SER F 12 18.27 -7.88 7.48
N LYS F 13 18.09 -9.04 8.14
CA LYS F 13 19.02 -9.52 9.14
C LYS F 13 18.49 -10.78 9.84
N ARG F 14 17.32 -10.65 10.49
CA ARG F 14 16.63 -11.76 11.16
C ARG F 14 17.04 -11.70 12.61
N VAL F 15 16.23 -12.32 13.48
CA VAL F 15 16.33 -12.16 14.94
C VAL F 15 15.72 -13.37 15.66
N VAL F 16 16.36 -13.91 16.68
CA VAL F 16 15.65 -14.91 17.50
C VAL F 16 15.95 -14.83 19.00
N ILE F 17 15.36 -15.74 19.77
CA ILE F 17 15.49 -15.73 21.22
C ILE F 17 15.07 -17.08 21.82
N THR G 2 19.41 -44.30 -0.13
CA THR G 2 19.34 -45.60 -0.79
C THR G 2 18.42 -45.58 -2.02
N LYS G 3 17.69 -44.47 -2.19
CA LYS G 3 16.54 -44.42 -3.09
C LYS G 3 16.51 -43.17 -3.97
N PHE G 4 17.58 -42.39 -3.91
CA PHE G 4 17.67 -41.12 -4.63
C PHE G 4 18.51 -41.33 -5.87
N SER G 5 19.74 -41.75 -5.61
CA SER G 5 20.63 -42.18 -6.66
C SER G 5 19.75 -42.99 -7.57
N ASP G 6 18.60 -43.38 -7.03
CA ASP G 6 17.65 -44.16 -7.81
C ASP G 6 17.06 -43.41 -9.01
N ASN G 7 16.42 -42.28 -8.78
CA ASN G 7 15.75 -41.58 -9.88
C ASN G 7 16.40 -40.28 -10.31
N TYR G 8 16.87 -39.51 -9.33
CA TYR G 8 17.36 -38.17 -9.61
C TYR G 8 18.83 -38.12 -10.05
N ASP G 9 19.13 -37.21 -10.97
CA ASP G 9 20.45 -37.06 -11.52
C ASP G 9 21.00 -35.66 -11.19
N VAL G 10 22.08 -35.61 -10.43
CA VAL G 10 22.63 -34.33 -9.96
C VAL G 10 23.27 -33.49 -11.06
N LYS G 11 23.08 -32.18 -10.97
CA LYS G 11 23.74 -31.22 -11.86
C LYS G 11 24.54 -30.23 -11.03
N GLU G 12 24.60 -28.98 -11.49
CA GLU G 12 25.36 -27.93 -10.80
C GLU G 12 24.69 -27.54 -9.49
N GLU G 13 25.19 -26.49 -8.85
CA GLU G 13 24.67 -26.11 -7.54
C GLU G 13 24.31 -24.64 -7.39
N SER G 20 23.89 -28.85 4.21
CA SER G 20 23.19 -27.57 4.16
C SER G 20 23.18 -26.99 2.75
N VAL G 21 23.95 -27.62 1.85
CA VAL G 21 24.09 -27.18 0.45
C VAL G 21 22.99 -27.70 -0.48
N VAL G 22 22.71 -26.96 -1.55
CA VAL G 22 21.67 -27.32 -2.52
C VAL G 22 22.20 -27.34 -3.92
N ARG G 23 21.46 -27.97 -4.81
CA ARG G 23 21.87 -28.08 -6.21
C ARG G 23 20.80 -28.72 -7.08
N ARG G 24 20.83 -28.42 -8.37
CA ARG G 24 19.80 -28.89 -9.29
C ARG G 24 19.84 -30.39 -9.48
N CYS G 25 18.89 -30.89 -10.25
CA CYS G 25 18.75 -32.32 -10.52
C CYS G 25 17.52 -32.56 -11.39
N VAL G 26 17.41 -33.75 -11.97
CA VAL G 26 16.30 -34.06 -12.86
C VAL G 26 15.78 -35.46 -12.67
N HIS G 27 14.47 -35.60 -12.60
CA HIS G 27 13.83 -36.90 -12.41
C HIS G 27 14.18 -37.78 -13.58
N LYS G 28 14.39 -39.07 -13.34
CA LYS G 28 14.77 -39.98 -14.40
C LYS G 28 13.57 -40.30 -15.29
N THR G 29 12.42 -40.58 -14.67
CA THR G 29 11.20 -40.91 -15.39
C THR G 29 10.67 -39.69 -16.15
N THR G 30 10.17 -38.72 -15.41
CA THR G 30 9.46 -37.58 -15.99
C THR G 30 10.37 -36.45 -16.45
N GLY G 31 11.63 -36.50 -16.03
CA GLY G 31 12.64 -35.56 -16.49
C GLY G 31 12.40 -34.10 -16.16
N LEU G 32 11.65 -33.85 -15.10
CA LEU G 32 11.35 -32.49 -14.64
C LEU G 32 12.44 -31.93 -13.74
N GLU G 33 13.03 -30.82 -14.15
CA GLU G 33 14.07 -30.19 -13.36
C GLU G 33 13.58 -29.92 -11.94
N PHE G 34 14.46 -30.10 -10.96
CA PHE G 34 14.15 -29.77 -9.57
C PHE G 34 15.33 -29.16 -8.86
N ALA G 35 15.15 -28.86 -7.58
CA ALA G 35 16.22 -28.38 -6.72
C ALA G 35 16.29 -29.29 -5.52
N ALA G 36 17.45 -29.89 -5.31
CA ALA G 36 17.61 -30.85 -4.22
C ALA G 36 18.52 -30.33 -3.12
N LYS G 37 17.93 -30.02 -1.97
CA LYS G 37 18.73 -29.65 -0.81
C LYS G 37 19.37 -30.91 -0.25
N ILE G 38 20.67 -30.86 0.00
CA ILE G 38 21.37 -32.04 0.47
C ILE G 38 22.11 -31.77 1.77
N ILE G 39 21.60 -32.35 2.87
CA ILE G 39 22.16 -32.11 4.18
C ILE G 39 23.07 -33.27 4.60
N ASN G 40 23.75 -33.10 5.72
CA ASN G 40 24.83 -34.02 6.07
C ASN G 40 24.77 -34.67 7.46
N THR G 41 25.55 -35.73 7.60
CA THR G 41 25.71 -36.43 8.85
C THR G 41 27.18 -36.32 9.23
N SER G 45 25.13 -32.67 12.98
CA SER G 45 23.71 -32.38 13.20
C SER G 45 23.13 -32.72 14.59
N ALA G 46 23.08 -34.01 14.94
CA ALA G 46 22.15 -34.49 15.97
C ALA G 46 20.87 -33.66 16.03
N ARG G 47 20.69 -32.86 17.08
CA ARG G 47 19.42 -32.15 17.26
C ARG G 47 19.33 -30.88 16.42
N ASP G 48 20.44 -30.47 15.83
CA ASP G 48 20.39 -29.51 14.74
C ASP G 48 19.54 -30.11 13.63
N PHE G 49 19.74 -31.41 13.42
CA PHE G 49 18.97 -32.19 12.46
C PHE G 49 17.52 -32.27 12.92
N GLN G 50 17.30 -32.36 14.23
CA GLN G 50 15.95 -32.49 14.76
C GLN G 50 15.17 -31.19 14.69
N LYS G 51 15.86 -30.12 14.28
CA LYS G 51 15.21 -28.85 14.03
C LYS G 51 14.68 -28.86 12.61
N LEU G 52 15.33 -29.66 11.78
CA LEU G 52 14.94 -29.81 10.37
C LEU G 52 13.87 -30.87 10.25
N GLU G 53 13.85 -31.78 11.22
CA GLU G 53 12.72 -32.69 11.38
C GLU G 53 11.46 -31.83 11.34
N ARG G 54 11.27 -31.02 12.37
CA ARG G 54 10.09 -30.19 12.48
C ARG G 54 9.87 -29.40 11.19
N GLU G 55 10.86 -28.60 10.81
CA GLU G 55 10.72 -27.74 9.65
C GLU G 55 10.26 -28.47 8.39
N ALA G 56 10.84 -29.63 8.12
CA ALA G 56 10.53 -30.35 6.90
C ALA G 56 9.09 -30.85 6.89
N ARG G 57 8.64 -31.40 8.02
CA ARG G 57 7.27 -31.86 8.14
C ARG G 57 6.32 -30.79 7.61
N ILE G 58 6.61 -29.55 7.95
CA ILE G 58 5.76 -28.43 7.59
C ILE G 58 5.58 -28.25 6.07
N CYS G 59 6.70 -28.12 5.35
CA CYS G 59 6.65 -27.90 3.90
C CYS G 59 5.93 -29.03 3.18
N ARG G 60 5.83 -30.17 3.87
CA ARG G 60 5.20 -31.34 3.30
C ARG G 60 3.68 -31.24 3.47
N LYS G 61 3.24 -30.36 4.36
CA LYS G 61 1.81 -30.09 4.53
C LYS G 61 1.38 -29.06 3.50
N LEU G 62 2.37 -28.32 3.01
CA LEU G 62 2.11 -27.17 2.16
C LEU G 62 2.35 -27.43 0.66
N GLN G 63 1.28 -27.84 -0.02
CA GLN G 63 1.32 -28.07 -1.45
C GLN G 63 0.44 -27.07 -2.19
N HIS G 64 1.02 -25.96 -2.60
CA HIS G 64 0.28 -24.89 -3.22
C HIS G 64 1.14 -24.17 -4.25
N PRO G 65 0.54 -23.73 -5.34
CA PRO G 65 1.29 -23.21 -6.47
C PRO G 65 2.23 -22.09 -6.06
N ASN G 66 1.85 -21.27 -5.10
CA ASN G 66 2.72 -20.16 -4.75
C ASN G 66 3.59 -20.46 -3.55
N ILE G 67 3.76 -21.74 -3.25
CA ILE G 67 4.64 -22.14 -2.17
C ILE G 67 5.67 -23.09 -2.73
N VAL G 68 6.94 -22.73 -2.60
CA VAL G 68 8.03 -23.57 -3.04
C VAL G 68 7.80 -24.98 -2.50
N ARG G 69 7.06 -25.79 -3.24
CA ARG G 69 6.57 -27.09 -2.76
C ARG G 69 7.72 -28.05 -2.50
N LEU G 70 7.62 -28.79 -1.39
CA LEU G 70 8.51 -29.90 -1.17
C LEU G 70 7.85 -31.14 -1.76
N HIS G 71 8.57 -31.83 -2.63
CA HIS G 71 8.00 -32.97 -3.34
C HIS G 71 8.37 -34.32 -2.75
N ASP G 72 9.66 -34.53 -2.49
CA ASP G 72 10.09 -35.75 -1.83
C ASP G 72 11.19 -35.56 -0.79
N SER G 73 11.17 -36.40 0.25
CA SER G 73 12.18 -36.42 1.29
C SER G 73 12.82 -37.81 1.33
N ILE G 74 14.14 -37.88 1.22
CA ILE G 74 14.83 -39.15 1.14
C ILE G 74 16.10 -39.22 1.98
N GLN G 75 16.22 -40.29 2.76
CA GLN G 75 17.39 -40.52 3.57
C GLN G 75 18.28 -41.55 2.90
N GLU G 76 19.51 -41.17 2.60
CA GLU G 76 20.49 -42.06 2.02
C GLU G 76 21.39 -42.67 3.10
N GLU G 77 22.68 -42.40 3.00
CA GLU G 77 23.62 -42.88 4.01
C GLU G 77 23.85 -41.82 5.09
N SER G 78 24.67 -40.83 4.79
CA SER G 78 24.93 -39.72 5.72
C SER G 78 24.27 -38.43 5.25
N PHE G 79 23.84 -38.44 3.98
CA PHE G 79 23.23 -37.27 3.36
C PHE G 79 21.71 -37.40 3.33
N HIS G 80 21.04 -36.26 3.50
CA HIS G 80 19.58 -36.21 3.40
C HIS G 80 19.22 -35.38 2.18
N TYR G 81 18.20 -35.83 1.45
CA TYR G 81 17.79 -35.17 0.21
C TYR G 81 16.38 -34.61 0.29
N LEU G 82 16.22 -33.35 -0.11
CA LEU G 82 14.93 -32.70 -0.10
C LEU G 82 14.66 -32.12 -1.48
N VAL G 83 13.72 -32.72 -2.19
CA VAL G 83 13.45 -32.31 -3.56
C VAL G 83 12.41 -31.21 -3.63
N PHE G 84 12.84 -30.02 -4.01
CA PHE G 84 11.98 -28.85 -4.05
C PHE G 84 11.67 -28.34 -5.44
N ASP G 85 10.57 -27.61 -5.58
CA ASP G 85 10.28 -26.87 -6.79
C ASP G 85 11.56 -26.13 -7.14
N LEU G 86 11.80 -25.95 -8.43
CA LEU G 86 12.96 -25.18 -8.87
C LEU G 86 12.50 -23.80 -9.30
N VAL G 87 13.07 -22.77 -8.70
CA VAL G 87 12.69 -21.40 -9.02
C VAL G 87 13.93 -20.61 -9.37
N THR G 88 13.84 -19.80 -10.41
CA THR G 88 15.02 -19.17 -11.01
C THR G 88 14.99 -17.64 -11.08
N GLY G 89 13.79 -17.07 -11.17
CA GLY G 89 13.65 -15.62 -11.28
C GLY G 89 14.30 -14.81 -10.16
N GLY G 90 15.00 -15.49 -9.26
CA GLY G 90 15.64 -14.82 -8.16
C GLY G 90 14.63 -14.31 -7.14
N GLU G 91 15.12 -13.52 -6.19
CA GLU G 91 14.28 -13.01 -5.11
C GLU G 91 13.43 -11.83 -5.55
N LEU G 92 12.31 -11.64 -4.87
CA LEU G 92 11.42 -10.52 -5.15
C LEU G 92 12.12 -9.25 -4.72
N PHE G 93 12.93 -9.37 -3.68
CA PHE G 93 13.74 -8.25 -3.24
C PHE G 93 14.50 -7.65 -4.41
N GLU G 94 15.25 -8.51 -5.11
CA GLU G 94 16.05 -8.09 -6.25
C GLU G 94 15.19 -7.45 -7.33
N ASP G 95 14.04 -8.04 -7.63
CA ASP G 95 13.17 -7.47 -8.66
C ASP G 95 12.64 -6.09 -8.28
N ILE G 96 12.65 -5.79 -6.98
CA ILE G 96 12.15 -4.49 -6.53
C ILE G 96 13.22 -3.40 -6.57
N VAL G 97 14.45 -3.74 -6.17
CA VAL G 97 15.56 -2.80 -6.39
C VAL G 97 15.74 -2.63 -7.89
N ALA G 98 15.43 -3.68 -8.62
CA ALA G 98 15.55 -3.68 -10.06
C ALA G 98 14.71 -2.59 -10.69
N ARG G 99 13.40 -2.62 -10.42
CA ARG G 99 12.44 -1.75 -11.09
C ARG G 99 12.18 -0.47 -10.31
N GLU G 100 12.79 -0.39 -9.12
CA GLU G 100 12.60 0.73 -8.18
C GLU G 100 11.31 0.63 -7.37
N PHE G 101 10.22 0.24 -8.03
CA PHE G 101 8.91 0.16 -7.38
C PHE G 101 7.85 -0.24 -8.39
N TYR G 102 6.91 -1.08 -7.98
CA TYR G 102 5.83 -1.55 -8.85
C TYR G 102 4.77 -0.52 -9.22
N SER G 103 4.05 -0.81 -10.30
CA SER G 103 2.85 -0.06 -10.62
C SER G 103 1.80 -0.70 -9.76
N GLU G 104 0.67 -0.02 -9.60
CA GLU G 104 -0.36 -0.55 -8.72
C GLU G 104 -0.85 -1.87 -9.26
N ALA G 105 -0.95 -1.95 -10.58
CA ALA G 105 -1.42 -3.17 -11.21
C ALA G 105 -0.49 -4.32 -10.85
N ASP G 106 0.79 -4.16 -11.17
CA ASP G 106 1.77 -5.20 -10.92
C ASP G 106 1.87 -5.45 -9.42
N ALA G 107 1.72 -4.38 -8.65
CA ALA G 107 1.70 -4.50 -7.20
C ALA G 107 0.48 -5.29 -6.72
N SER G 108 -0.70 -4.91 -7.18
CA SER G 108 -1.93 -5.64 -6.88
C SER G 108 -1.73 -7.12 -7.17
N HIS G 109 -1.19 -7.41 -8.35
CA HIS G 109 -0.96 -8.78 -8.73
C HIS G 109 0.03 -9.44 -7.77
N CYS G 110 1.12 -8.75 -7.46
CA CYS G 110 2.18 -9.35 -6.67
C CYS G 110 1.70 -9.68 -5.28
N ILE G 111 0.88 -8.80 -4.72
CA ILE G 111 0.45 -8.95 -3.33
C ILE G 111 -0.64 -10.03 -3.25
N GLN G 112 -1.42 -10.11 -4.32
CA GLN G 112 -2.55 -11.04 -4.36
C GLN G 112 -2.00 -12.43 -4.36
N GLN G 113 -0.81 -12.56 -4.90
CA GLN G 113 -0.20 -13.87 -4.96
C GLN G 113 0.24 -14.26 -3.58
N ILE G 114 0.95 -13.36 -2.91
CA ILE G 114 1.44 -13.62 -1.58
C ILE G 114 0.26 -13.87 -0.65
N LEU G 115 -0.78 -13.06 -0.77
CA LEU G 115 -1.99 -13.25 0.04
C LEU G 115 -2.59 -14.65 -0.09
N GLU G 116 -2.78 -15.11 -1.32
CA GLU G 116 -3.28 -16.47 -1.56
C GLU G 116 -2.39 -17.52 -0.90
N SER G 117 -1.08 -17.31 -0.94
CA SER G 117 -0.18 -18.27 -0.32
C SER G 117 -0.33 -18.22 1.19
N ILE G 118 -0.23 -17.02 1.76
CA ILE G 118 -0.50 -16.82 3.19
C ILE G 118 -1.83 -17.43 3.62
N ALA G 119 -2.90 -17.07 2.92
CA ALA G 119 -4.23 -17.62 3.20
C ALA G 119 -4.19 -19.13 3.35
N TYR G 120 -3.60 -19.80 2.36
CA TYR G 120 -3.50 -21.24 2.37
C TYR G 120 -2.74 -21.71 3.61
N CYS G 121 -1.59 -21.10 3.87
CA CYS G 121 -0.78 -21.43 5.03
C CYS G 121 -1.60 -21.41 6.30
N HIS G 122 -2.35 -20.32 6.48
CA HIS G 122 -3.14 -20.11 7.70
C HIS G 122 -4.29 -21.07 7.77
N SER G 123 -5.05 -21.20 6.68
CA SER G 123 -6.16 -22.15 6.66
C SER G 123 -5.63 -23.56 6.90
N ASN G 124 -4.33 -23.69 7.11
CA ASN G 124 -3.69 -24.97 7.38
C ASN G 124 -2.89 -24.95 8.67
N GLY G 125 -3.14 -23.96 9.51
CA GLY G 125 -2.52 -23.87 10.82
C GLY G 125 -1.06 -23.47 10.83
N ILE G 126 -0.55 -22.95 9.73
CA ILE G 126 0.84 -22.52 9.69
C ILE G 126 0.99 -21.00 9.69
N VAL G 127 1.88 -20.52 10.53
CA VAL G 127 2.20 -19.10 10.57
C VAL G 127 3.66 -18.94 10.16
N HIS G 128 3.95 -18.02 9.25
CA HIS G 128 5.29 -17.95 8.70
C HIS G 128 6.25 -17.20 9.61
N ARG G 129 5.84 -16.00 10.00
CA ARG G 129 6.63 -15.14 10.87
C ARG G 129 7.75 -14.42 10.12
N ASN G 130 8.59 -15.16 9.42
CA ASN G 130 9.70 -14.52 8.71
C ASN G 130 9.33 -14.09 7.31
N LEU G 131 8.17 -13.47 7.17
CA LEU G 131 7.67 -13.06 5.85
C LEU G 131 8.23 -11.71 5.41
N LYS G 132 9.02 -11.73 4.34
CA LYS G 132 9.68 -10.54 3.81
C LYS G 132 9.96 -10.72 2.33
N PRO G 133 10.32 -9.62 1.63
CA PRO G 133 10.68 -9.72 0.21
C PRO G 133 11.83 -10.67 -0.07
N GLU G 134 12.85 -10.66 0.78
CA GLU G 134 13.99 -11.54 0.53
C GLU G 134 13.64 -13.02 0.67
N ASN G 135 12.37 -13.33 0.88
CA ASN G 135 11.90 -14.70 1.03
C ASN G 135 10.81 -15.07 0.04
N LEU G 136 10.54 -14.16 -0.88
CA LEU G 136 9.59 -14.42 -1.96
C LEU G 136 10.36 -14.59 -3.26
N LEU G 137 10.19 -15.74 -3.92
CA LEU G 137 10.92 -16.02 -5.15
C LEU G 137 10.02 -15.90 -6.36
N LEU G 138 10.61 -15.51 -7.47
CA LEU G 138 9.87 -15.36 -8.73
C LEU G 138 10.10 -16.54 -9.68
N ALA G 139 9.05 -16.96 -10.40
CA ALA G 139 9.18 -18.06 -11.35
C ALA G 139 10.19 -17.72 -12.45
N SER G 140 10.02 -16.54 -13.02
CA SER G 140 11.00 -15.93 -13.91
C SER G 140 10.82 -14.45 -13.68
N LYS G 141 11.54 -13.62 -14.43
CA LYS G 141 11.33 -12.18 -14.34
C LYS G 141 10.33 -11.74 -15.41
N ALA G 142 9.46 -12.67 -15.79
CA ALA G 142 8.40 -12.39 -16.75
C ALA G 142 7.55 -11.22 -16.29
N LYS G 143 6.72 -10.69 -17.18
CA LYS G 143 5.75 -9.68 -16.78
C LYS G 143 4.44 -10.40 -16.44
N GLY G 144 4.51 -11.25 -15.43
CA GLY G 144 3.35 -11.98 -14.95
C GLY G 144 3.77 -13.18 -14.14
N ALA G 145 5.07 -13.46 -14.16
CA ALA G 145 5.60 -14.64 -13.47
C ALA G 145 4.99 -14.80 -12.08
N ALA G 146 4.85 -16.04 -11.65
CA ALA G 146 4.28 -16.34 -10.34
C ALA G 146 5.30 -16.11 -9.22
N VAL G 147 4.80 -15.91 -8.01
CA VAL G 147 5.64 -15.71 -6.83
C VAL G 147 5.50 -16.86 -5.85
N LYS G 148 6.63 -17.29 -5.30
CA LYS G 148 6.63 -18.46 -4.43
C LYS G 148 7.15 -18.12 -3.03
N LEU G 149 6.62 -18.80 -2.03
CA LEU G 149 6.92 -18.52 -0.63
C LEU G 149 7.99 -19.49 -0.17
N ALA G 150 8.96 -18.99 0.59
CA ALA G 150 10.07 -19.85 1.03
C ALA G 150 10.61 -19.54 2.42
N ASP G 151 11.51 -20.40 2.89
CA ASP G 151 12.14 -20.27 4.22
C ASP G 151 11.16 -20.37 5.37
N PHE G 152 10.92 -21.59 5.82
CA PHE G 152 10.00 -21.81 6.92
C PHE G 152 10.74 -22.12 8.21
N GLY G 153 11.99 -21.64 8.29
CA GLY G 153 12.79 -21.82 9.48
C GLY G 153 12.03 -21.41 10.73
N LEU G 154 11.26 -20.33 10.62
CA LEU G 154 10.55 -19.79 11.76
C LEU G 154 9.08 -20.19 11.76
N ALA G 155 8.66 -20.91 10.73
CA ALA G 155 7.27 -21.38 10.66
C ALA G 155 6.91 -22.14 11.93
N ILE G 156 5.65 -22.06 12.31
CA ILE G 156 5.13 -22.81 13.46
C ILE G 156 3.69 -23.23 13.20
N GLU G 157 3.29 -24.36 13.78
CA GLU G 157 1.93 -24.87 13.61
C GLU G 157 1.13 -24.45 14.82
N VAL G 158 -0.08 -23.93 14.56
CA VAL G 158 -0.88 -23.34 15.63
C VAL G 158 -2.39 -23.54 15.47
N ASN G 159 -3.09 -23.46 16.60
CA ASN G 159 -4.55 -23.39 16.62
C ASN G 159 -5.04 -21.95 16.50
N ASP G 160 -6.35 -21.76 16.58
CA ASP G 160 -6.93 -20.42 16.49
C ASP G 160 -6.66 -19.61 17.76
N SER G 161 -5.97 -20.22 18.72
CA SER G 161 -5.75 -19.63 20.04
C SER G 161 -4.42 -18.89 20.15
N GLU G 162 -4.49 -17.62 20.52
CA GLU G 162 -3.30 -16.78 20.65
C GLU G 162 -2.45 -17.19 21.86
N ALA G 163 -1.14 -17.24 21.65
CA ALA G 163 -0.18 -17.56 22.72
C ALA G 163 1.06 -16.70 22.53
N TRP G 164 2.14 -17.05 23.23
CA TRP G 164 3.40 -16.37 23.00
C TRP G 164 4.44 -17.31 22.39
N HIS G 165 4.30 -17.59 21.10
CA HIS G 165 5.14 -18.59 20.45
C HIS G 165 6.55 -18.07 20.16
N GLY G 166 7.27 -17.70 21.22
CA GLY G 166 8.63 -17.25 21.08
C GLY G 166 8.70 -15.88 20.46
N PHE G 167 9.92 -15.40 20.23
CA PHE G 167 10.15 -14.09 19.64
C PHE G 167 11.20 -14.20 18.54
N ALA G 168 10.74 -14.11 17.30
CA ALA G 168 11.62 -14.20 16.13
C ALA G 168 10.99 -13.57 14.88
N GLY G 169 11.82 -13.29 13.89
CA GLY G 169 11.34 -12.66 12.68
C GLY G 169 12.30 -11.55 12.34
N THR G 170 12.12 -10.93 11.19
CA THR G 170 13.07 -9.91 10.77
C THR G 170 12.68 -8.53 11.30
N PRO G 171 13.63 -7.85 11.93
CA PRO G 171 13.43 -6.50 12.45
C PRO G 171 13.19 -5.56 11.30
N GLY G 172 11.97 -5.07 11.19
CA GLY G 172 11.58 -4.19 10.11
C GLY G 172 10.20 -4.61 9.65
N TYR G 173 9.97 -5.91 9.71
CA TYR G 173 8.67 -6.45 9.34
C TYR G 173 7.91 -6.94 10.57
N LEU G 174 8.58 -6.93 11.71
CA LEU G 174 7.98 -7.45 12.94
C LEU G 174 6.72 -6.71 13.31
N SER G 175 5.79 -7.44 13.94
CA SER G 175 4.47 -6.93 14.29
C SER G 175 4.47 -6.30 15.66
N PRO G 176 3.61 -5.30 15.88
CA PRO G 176 3.52 -4.68 17.22
C PRO G 176 3.25 -5.71 18.33
N GLU G 177 2.28 -6.60 18.14
CA GLU G 177 1.95 -7.58 19.16
C GLU G 177 3.15 -8.42 19.61
N VAL G 178 4.13 -8.59 18.72
CA VAL G 178 5.32 -9.38 19.05
C VAL G 178 6.38 -8.57 19.81
N LEU G 179 6.42 -7.27 19.54
CA LEU G 179 7.35 -6.40 20.24
C LEU G 179 6.83 -6.08 21.62
N LYS G 180 5.52 -6.16 21.79
CA LYS G 180 4.90 -5.93 23.08
C LYS G 180 4.91 -7.21 23.89
N LYS G 181 5.61 -8.20 23.39
CA LYS G 181 5.65 -9.51 24.02
C LYS G 181 4.24 -10.01 24.30
N ASP G 182 3.28 -9.54 23.51
CA ASP G 182 1.88 -9.98 23.65
C ASP G 182 1.68 -11.39 23.09
N PRO G 183 0.49 -11.97 23.30
CA PRO G 183 0.28 -13.23 22.61
C PRO G 183 -0.08 -12.88 21.18
N TYR G 184 0.41 -13.66 20.21
CA TYR G 184 0.07 -13.40 18.82
C TYR G 184 -0.34 -14.68 18.10
N SER G 185 -0.85 -14.51 16.88
CA SER G 185 -1.26 -15.64 16.04
C SER G 185 -1.05 -15.30 14.57
N LYS G 186 -1.92 -15.84 13.74
CA LYS G 186 -1.84 -15.64 12.30
C LYS G 186 -1.60 -14.20 11.85
N PRO G 187 -2.30 -13.21 12.43
CA PRO G 187 -2.20 -11.89 11.80
C PRO G 187 -0.79 -11.27 11.78
N VAL G 188 0.18 -11.83 12.50
CA VAL G 188 1.56 -11.32 12.41
C VAL G 188 2.05 -11.27 10.97
N ASP G 189 1.50 -12.15 10.14
CA ASP G 189 1.88 -12.27 8.75
C ASP G 189 1.22 -11.19 7.91
N ILE G 190 -0.06 -10.95 8.16
CA ILE G 190 -0.74 -9.86 7.46
C ILE G 190 -0.05 -8.54 7.76
N TRP G 191 0.58 -8.44 8.92
CA TRP G 191 1.33 -7.23 9.21
C TRP G 191 2.49 -7.11 8.25
N ALA G 192 3.26 -8.18 8.13
CA ALA G 192 4.36 -8.21 7.16
C ALA G 192 3.90 -7.85 5.73
N CYS G 193 2.75 -8.36 5.30
CA CYS G 193 2.24 -8.00 3.98
C CYS G 193 2.19 -6.48 3.85
N GLY G 194 1.47 -5.83 4.75
CA GLY G 194 1.36 -4.39 4.68
C GLY G 194 2.70 -3.74 4.44
N VAL G 195 3.73 -4.25 5.09
CA VAL G 195 5.04 -3.67 4.97
C VAL G 195 5.46 -3.84 3.54
N ILE G 196 5.32 -5.06 3.03
CA ILE G 196 5.73 -5.38 1.68
C ILE G 196 4.93 -4.59 0.66
N LEU G 197 3.62 -4.80 0.64
CA LEU G 197 2.74 -4.03 -0.23
C LEU G 197 3.05 -2.54 -0.16
N TYR G 198 3.49 -2.09 0.99
CA TYR G 198 3.86 -0.68 1.15
C TYR G 198 5.10 -0.42 0.33
N ILE G 199 6.07 -1.31 0.45
CA ILE G 199 7.32 -1.15 -0.26
C ILE G 199 7.13 -1.17 -1.76
N LEU G 200 6.37 -2.15 -2.25
CA LEU G 200 6.10 -2.29 -3.68
C LEU G 200 5.70 -0.97 -4.28
N LEU G 201 4.75 -0.30 -3.66
CA LEU G 201 4.24 0.93 -4.26
C LEU G 201 5.28 2.08 -4.33
N VAL G 202 6.28 2.10 -3.46
CA VAL G 202 7.19 3.23 -3.41
C VAL G 202 8.67 2.90 -3.27
N GLY G 203 8.96 1.67 -2.90
CA GLY G 203 10.33 1.19 -2.92
C GLY G 203 11.17 1.60 -1.74
N TYR G 204 10.55 2.25 -0.75
CA TYR G 204 11.13 2.41 0.60
C TYR G 204 10.21 1.79 1.65
N PRO G 205 10.73 1.49 2.85
CA PRO G 205 9.93 0.83 3.89
C PRO G 205 9.00 1.81 4.60
N PRO G 206 7.99 1.30 5.34
CA PRO G 206 7.10 2.13 6.16
C PRO G 206 7.84 2.52 7.43
N PHE G 207 8.25 1.51 8.20
CA PHE G 207 9.01 1.74 9.41
C PHE G 207 10.49 1.52 9.18
N TRP G 208 11.30 2.49 9.58
CA TRP G 208 12.74 2.31 9.54
C TRP G 208 13.53 3.39 10.28
N ASP G 209 14.49 2.93 11.09
CA ASP G 209 15.54 3.80 11.61
C ASP G 209 16.87 3.09 11.78
N GLU G 210 17.91 3.91 11.92
CA GLU G 210 19.29 3.46 12.11
C GLU G 210 19.47 2.64 13.39
N ASP G 211 18.79 3.10 14.44
CA ASP G 211 18.85 2.45 15.75
C ASP G 211 17.71 1.45 15.90
N GLN G 212 18.06 0.18 16.14
CA GLN G 212 17.10 -0.89 16.23
C GLN G 212 15.93 -0.52 17.13
N HIS G 213 16.22 0.09 18.27
CA HIS G 213 15.17 0.40 19.25
C HIS G 213 14.32 1.59 18.86
N ARG G 214 14.95 2.63 18.31
CA ARG G 214 14.21 3.69 17.67
C ARG G 214 13.18 3.07 16.71
N LEU G 215 13.56 1.98 16.06
CA LEU G 215 12.69 1.31 15.10
C LEU G 215 11.51 0.62 15.76
N TYR G 216 11.77 -0.44 16.53
CA TYR G 216 10.70 -1.14 17.26
C TYR G 216 9.69 -0.15 17.87
N ALA G 217 10.20 0.98 18.35
CA ALA G 217 9.36 2.01 18.90
C ALA G 217 8.36 2.45 17.85
N GLN G 218 8.88 2.84 16.69
CA GLN G 218 8.10 3.36 15.58
C GLN G 218 7.05 2.37 15.16
N ILE G 219 7.45 1.10 15.13
CA ILE G 219 6.56 0.00 14.82
C ILE G 219 5.44 -0.11 15.82
N LYS G 220 5.82 -0.39 17.08
CA LYS G 220 4.87 -0.53 18.18
C LYS G 220 3.88 0.60 18.18
N ALA G 221 4.39 1.80 17.89
CA ALA G 221 3.57 3.01 17.89
C ALA G 221 2.53 3.01 16.76
N GLY G 222 2.86 2.37 15.64
CA GLY G 222 2.00 2.40 14.46
C GLY G 222 2.34 3.61 13.61
N ALA G 223 3.60 4.02 13.67
CA ALA G 223 4.04 5.30 13.13
C ALA G 223 4.48 5.22 11.68
N TYR G 224 3.54 5.34 10.74
CA TYR G 224 3.89 5.45 9.33
C TYR G 224 3.01 6.47 8.64
N ASP G 225 3.46 6.97 7.51
CA ASP G 225 2.68 7.95 6.77
C ASP G 225 2.87 7.81 5.27
N TYR G 226 2.18 8.67 4.54
CA TYR G 226 2.17 8.64 3.10
C TYR G 226 2.74 9.94 2.56
N PRO G 227 4.06 10.08 2.62
CA PRO G 227 4.72 11.34 2.26
C PRO G 227 4.53 11.77 0.81
N SER G 228 4.32 13.07 0.61
CA SER G 228 4.14 13.64 -0.72
C SER G 228 5.48 13.90 -1.37
N PRO G 229 5.53 13.90 -2.70
CA PRO G 229 4.39 13.74 -3.61
C PRO G 229 4.16 12.29 -4.04
N GLU G 230 5.11 11.39 -3.75
CA GLU G 230 4.95 10.03 -4.20
C GLU G 230 3.55 9.48 -3.94
N TRP G 231 3.10 9.52 -2.70
CA TRP G 231 1.84 8.90 -2.37
C TRP G 231 0.65 9.69 -2.86
N ASP G 232 0.87 10.93 -3.26
CA ASP G 232 -0.20 11.80 -3.71
C ASP G 232 -1.01 11.17 -4.85
N THR G 233 -0.43 10.22 -5.54
CA THR G 233 -1.03 9.70 -6.77
C THR G 233 -1.16 8.18 -6.72
N VAL G 234 -1.34 7.65 -5.52
CA VAL G 234 -1.68 6.24 -5.35
C VAL G 234 -3.15 6.13 -4.98
N THR G 235 -3.88 5.29 -5.69
CA THR G 235 -5.31 5.22 -5.42
C THR G 235 -5.53 4.96 -3.95
N PRO G 236 -6.42 5.74 -3.35
CA PRO G 236 -6.81 5.56 -1.96
C PRO G 236 -7.16 4.10 -1.65
N GLU G 237 -7.86 3.45 -2.58
CA GLU G 237 -8.25 2.06 -2.38
C GLU G 237 -7.04 1.22 -1.98
N ALA G 238 -5.87 1.68 -2.39
CA ALA G 238 -4.65 0.91 -2.20
C ALA G 238 -4.11 1.22 -0.84
N LYS G 239 -4.17 2.49 -0.49
CA LYS G 239 -3.71 2.92 0.81
C LYS G 239 -4.58 2.20 1.84
N SER G 240 -5.89 2.34 1.68
CA SER G 240 -6.84 1.69 2.58
C SER G 240 -6.52 0.21 2.84
N LEU G 241 -6.11 -0.49 1.81
CA LEU G 241 -5.76 -1.89 1.97
C LEU G 241 -4.51 -2.05 2.80
N ILE G 242 -3.56 -1.14 2.65
CA ILE G 242 -2.38 -1.11 3.53
C ILE G 242 -2.79 -0.76 4.95
N ASP G 243 -3.51 0.35 5.08
CA ASP G 243 -4.01 0.81 6.37
C ASP G 243 -4.60 -0.34 7.18
N SER G 244 -5.27 -1.26 6.49
CA SER G 244 -5.96 -2.33 7.16
C SER G 244 -5.04 -3.51 7.49
N MET G 245 -3.87 -3.53 6.88
CA MET G 245 -2.91 -4.58 7.19
C MET G 245 -2.05 -4.05 8.31
N LEU G 246 -1.79 -2.76 8.26
CA LEU G 246 -0.95 -2.09 9.23
C LEU G 246 -1.83 -1.54 10.34
N THR G 247 -2.94 -2.23 10.54
CA THR G 247 -3.78 -2.01 11.70
C THR G 247 -3.04 -2.56 12.92
N VAL G 248 -2.85 -1.72 13.94
CA VAL G 248 -2.00 -2.12 15.07
C VAL G 248 -2.69 -3.10 16.01
N ASN G 249 -4.01 -3.04 16.05
CA ASN G 249 -4.77 -3.97 16.86
C ASN G 249 -5.00 -5.29 16.17
N PRO G 250 -4.26 -6.34 16.53
CA PRO G 250 -4.41 -7.64 15.88
C PRO G 250 -5.86 -8.07 15.67
N LYS G 251 -6.68 -7.98 16.70
CA LYS G 251 -8.07 -8.42 16.64
C LYS G 251 -8.82 -7.80 15.45
N LYS G 252 -8.42 -6.61 15.01
CA LYS G 252 -9.16 -5.94 13.93
C LYS G 252 -8.36 -5.75 12.64
N ARG G 253 -7.18 -6.35 12.58
CA ARG G 253 -6.35 -6.32 11.38
C ARG G 253 -6.81 -7.36 10.38
N ILE G 254 -7.18 -6.88 9.21
CA ILE G 254 -7.71 -7.71 8.14
C ILE G 254 -7.00 -9.06 8.00
N THR G 255 -7.76 -10.11 7.70
CA THR G 255 -7.20 -11.43 7.51
C THR G 255 -6.84 -11.63 6.03
N ALA G 256 -6.19 -12.75 5.72
CA ALA G 256 -5.83 -13.06 4.34
C ALA G 256 -7.06 -13.23 3.43
N ASP G 257 -7.94 -14.15 3.81
CA ASP G 257 -9.10 -14.45 3.00
C ASP G 257 -9.98 -13.23 2.81
N GLN G 258 -9.79 -12.22 3.64
CA GLN G 258 -10.58 -11.00 3.54
C GLN G 258 -9.93 -10.03 2.55
N ALA G 259 -8.61 -9.95 2.61
CA ALA G 259 -7.86 -9.08 1.73
C ALA G 259 -8.07 -9.50 0.28
N LEU G 260 -8.27 -10.80 0.07
CA LEU G 260 -8.38 -11.34 -1.28
C LEU G 260 -9.69 -10.96 -1.89
N LYS G 261 -10.58 -10.40 -1.09
CA LYS G 261 -11.89 -10.04 -1.62
C LYS G 261 -12.07 -8.53 -1.85
N VAL G 262 -10.99 -7.79 -1.79
CA VAL G 262 -11.07 -6.35 -2.00
C VAL G 262 -10.99 -6.02 -3.45
N PRO G 263 -11.79 -5.06 -3.90
CA PRO G 263 -11.77 -4.50 -5.26
C PRO G 263 -10.35 -4.38 -5.86
N TRP G 264 -9.50 -3.62 -5.20
CA TRP G 264 -8.16 -3.35 -5.69
C TRP G 264 -7.36 -4.62 -5.84
N ILE G 265 -7.94 -5.77 -5.50
CA ILE G 265 -7.29 -7.05 -5.74
C ILE G 265 -8.15 -7.89 -6.66
N CYS G 266 -9.46 -7.68 -6.57
CA CYS G 266 -10.47 -8.45 -7.32
C CYS G 266 -10.79 -7.91 -8.70
N ASN G 267 -9.81 -7.34 -9.40
CA ASN G 267 -10.09 -6.77 -10.71
C ASN G 267 -9.08 -7.15 -11.78
N ARG G 268 -9.47 -8.17 -12.54
CA ARG G 268 -8.74 -8.62 -13.72
C ARG G 268 -9.66 -8.41 -14.93
N GLU G 269 -10.90 -8.90 -14.80
CA GLU G 269 -11.93 -8.62 -15.77
C GLU G 269 -12.60 -7.30 -15.43
N LYS H 1 -11.33 -9.13 -19.82
CA LYS H 1 -10.99 -7.97 -20.63
C LYS H 1 -11.18 -8.21 -22.14
N ARG H 2 -11.45 -7.13 -22.88
CA ARG H 2 -11.04 -6.95 -24.28
C ARG H 2 -11.57 -5.55 -24.57
N PRO H 3 -11.02 -4.89 -25.60
CA PRO H 3 -11.36 -3.51 -25.94
C PRO H 3 -11.71 -3.70 -27.41
N PRO H 4 -12.29 -2.67 -28.04
CA PRO H 4 -12.68 -2.72 -29.46
C PRO H 4 -11.47 -2.57 -30.37
N LYS H 5 -11.53 -3.15 -31.57
CA LYS H 5 -10.43 -2.99 -32.53
C LYS H 5 -10.30 -1.54 -33.01
N LEU H 6 -9.07 -1.15 -33.29
CA LEU H 6 -8.76 0.24 -33.54
C LEU H 6 -9.65 0.87 -34.58
N GLY H 7 -10.16 0.05 -35.48
CA GLY H 7 -11.06 0.53 -36.52
C GLY H 7 -12.39 0.94 -35.94
N GLN H 8 -12.94 0.08 -35.09
CA GLN H 8 -14.20 0.36 -34.44
C GLN H 8 -14.13 1.61 -33.59
N ILE H 9 -13.01 1.85 -32.92
CA ILE H 9 -13.00 2.89 -31.90
C ILE H 9 -12.96 4.31 -32.48
N GLY H 10 -12.32 4.48 -33.63
CA GLY H 10 -12.16 5.80 -34.22
C GLY H 10 -10.77 6.39 -34.03
N ARG H 11 -10.62 7.69 -34.26
CA ARG H 11 -9.29 8.29 -34.30
C ARG H 11 -9.02 9.44 -33.31
N SER H 12 -8.42 9.09 -32.17
CA SER H 12 -7.87 10.06 -31.22
C SER H 12 -8.72 11.21 -30.62
N LYS H 13 -8.14 12.42 -30.61
CA LYS H 13 -8.77 13.59 -30.01
C LYS H 13 -7.33 13.96 -29.68
N ARG H 14 -7.16 14.97 -28.83
CA ARG H 14 -5.84 15.44 -28.39
C ARG H 14 -6.38 16.16 -27.17
N VAL H 15 -5.50 16.88 -26.46
CA VAL H 15 -5.81 17.43 -25.14
C VAL H 15 -4.86 18.58 -24.79
N VAL H 16 -5.42 19.67 -24.25
CA VAL H 16 -4.64 20.85 -23.87
C VAL H 16 -4.95 21.45 -22.46
N ILE H 17 -3.90 21.81 -21.72
CA ILE H 17 -4.01 22.69 -20.53
C ILE H 17 -2.73 23.51 -20.32
N THR I 2 -14.50 -31.39 35.24
CA THR I 2 -13.58 -31.52 36.36
C THR I 2 -13.55 -30.26 37.22
N LYS I 3 -14.17 -29.19 36.70
CA LYS I 3 -13.93 -27.83 37.19
C LYS I 3 -15.22 -27.03 37.41
N PHE I 4 -16.35 -27.72 37.27
CA PHE I 4 -17.66 -27.09 37.40
C PHE I 4 -18.25 -27.37 38.77
N SER I 5 -18.41 -28.67 39.01
CA SER I 5 -18.75 -29.16 40.32
C SER I 5 -17.94 -28.29 41.25
N ASP I 6 -16.87 -27.71 40.69
CA ASP I 6 -16.02 -26.83 41.48
C ASP I 6 -16.73 -25.61 42.07
N ASN I 7 -17.30 -24.76 41.24
CA ASN I 7 -17.88 -23.53 41.75
C ASN I 7 -19.41 -23.48 41.72
N TYR I 8 -20.00 -24.02 40.66
CA TYR I 8 -21.43 -23.85 40.43
C TYR I 8 -22.26 -24.93 41.10
N ASP I 9 -23.42 -24.52 41.57
CA ASP I 9 -24.32 -25.39 42.31
C ASP I 9 -25.64 -25.49 41.53
N VAL I 10 -25.97 -26.71 41.11
CA VAL I 10 -27.16 -26.92 40.29
C VAL I 10 -28.50 -26.74 41.04
N LYS I 11 -29.47 -26.16 40.35
CA LYS I 11 -30.84 -26.05 40.87
C LYS I 11 -31.80 -26.72 39.89
N GLU I 12 -33.01 -26.16 39.78
CA GLU I 12 -34.04 -26.73 38.88
C GLU I 12 -33.67 -26.53 37.42
N GLY I 15 -34.74 -25.18 33.32
CA GLY I 15 -35.51 -24.27 32.50
C GLY I 15 -35.66 -24.91 31.13
N LYS I 16 -35.13 -26.13 31.03
CA LYS I 16 -35.31 -27.05 29.89
C LYS I 16 -34.97 -26.52 28.51
N GLY I 17 -35.25 -27.35 27.51
CA GLY I 17 -34.87 -27.08 26.13
C GLY I 17 -34.02 -28.19 25.57
N SER I 20 -28.21 -31.61 25.83
CA SER I 20 -29.00 -30.58 25.17
C SER I 20 -29.91 -29.83 26.15
N VAL I 21 -30.01 -30.35 27.37
CA VAL I 21 -30.86 -29.77 28.42
C VAL I 21 -30.19 -28.62 29.19
N VAL I 22 -31.00 -27.70 29.72
CA VAL I 22 -30.49 -26.58 30.50
C VAL I 22 -31.14 -26.48 31.89
N ARG I 23 -30.49 -25.72 32.79
CA ARG I 23 -31.01 -25.57 34.13
C ARG I 23 -30.22 -24.51 34.90
N ARG I 24 -30.84 -23.95 35.92
CA ARG I 24 -30.22 -22.87 36.69
C ARG I 24 -29.05 -23.36 37.54
N CYS I 25 -28.37 -22.42 38.18
CA CYS I 25 -27.21 -22.69 39.02
C CYS I 25 -26.69 -21.39 39.63
N VAL I 26 -25.80 -21.48 40.60
CA VAL I 26 -25.29 -20.29 41.26
C VAL I 26 -23.79 -20.41 41.57
N HIS I 27 -23.04 -19.36 41.24
CA HIS I 27 -21.61 -19.34 41.52
C HIS I 27 -21.41 -19.47 43.02
N LYS I 28 -20.34 -20.17 43.41
CA LYS I 28 -20.06 -20.39 44.83
C LYS I 28 -19.49 -19.14 45.48
N THR I 29 -18.54 -18.51 44.80
CA THR I 29 -17.92 -17.27 45.28
C THR I 29 -18.91 -16.10 45.29
N THR I 30 -19.28 -15.63 44.10
CA THR I 30 -20.07 -14.41 43.95
C THR I 30 -21.58 -14.64 44.04
N GLY I 31 -21.98 -15.90 43.99
CA GLY I 31 -23.38 -16.26 44.25
C GLY I 31 -24.38 -15.69 43.26
N LEU I 32 -23.92 -15.37 42.06
CA LEU I 32 -24.79 -14.82 41.04
C LEU I 32 -25.51 -15.93 40.28
N GLU I 33 -26.83 -15.89 40.29
CA GLU I 33 -27.62 -16.86 39.54
C GLU I 33 -27.19 -16.89 38.07
N PHE I 34 -27.17 -18.08 37.49
CA PHE I 34 -26.91 -18.28 36.06
C PHE I 34 -27.79 -19.35 35.43
N ALA I 35 -27.60 -19.55 34.13
CA ALA I 35 -28.24 -20.63 33.39
C ALA I 35 -27.16 -21.48 32.75
N ALA I 36 -27.14 -22.77 33.08
CA ALA I 36 -26.09 -23.64 32.59
C ALA I 36 -26.64 -24.68 31.62
N LYS I 37 -26.32 -24.51 30.34
CA LYS I 37 -26.66 -25.53 29.36
C LYS I 37 -25.73 -26.72 29.53
N ILE I 38 -26.31 -27.92 29.59
CA ILE I 38 -25.54 -29.11 29.87
C ILE I 38 -25.73 -30.13 28.76
N ILE I 39 -24.70 -30.31 27.94
CA ILE I 39 -24.75 -31.26 26.83
C ILE I 39 -24.07 -32.58 27.16
N ASN I 40 -24.22 -33.57 26.27
CA ASN I 40 -23.86 -34.94 26.59
C ASN I 40 -22.89 -35.65 25.63
N THR I 41 -22.30 -36.74 26.13
CA THR I 41 -21.39 -37.62 25.40
C THR I 41 -21.94 -39.06 25.33
N GLN I 50 -19.36 -31.10 17.07
CA GLN I 50 -18.44 -30.21 16.35
C GLN I 50 -19.18 -29.08 15.66
N LYS I 51 -20.52 -29.16 15.70
CA LYS I 51 -21.34 -28.05 15.25
C LYS I 51 -21.49 -27.04 16.39
N LEU I 52 -21.38 -27.54 17.61
CA LEU I 52 -21.46 -26.73 18.83
C LEU I 52 -20.10 -26.11 19.16
N GLU I 53 -19.05 -26.77 18.69
CA GLU I 53 -17.72 -26.19 18.68
C GLU I 53 -17.82 -24.80 18.07
N ARG I 54 -18.11 -24.76 16.78
CA ARG I 54 -18.25 -23.49 16.06
C ARG I 54 -19.20 -22.54 16.81
N GLU I 55 -20.45 -22.97 16.99
CA GLU I 55 -21.47 -22.13 17.61
C GLU I 55 -21.00 -21.50 18.92
N ALA I 56 -20.36 -22.28 19.77
CA ALA I 56 -19.96 -21.78 21.09
C ALA I 56 -18.87 -20.72 20.99
N ARG I 57 -17.87 -20.96 20.14
CA ARG I 57 -16.83 -19.99 19.91
C ARG I 57 -17.42 -18.60 19.71
N ILE I 58 -18.50 -18.55 18.95
CA ILE I 58 -19.15 -17.30 18.59
C ILE I 58 -19.66 -16.49 19.78
N CYS I 59 -20.52 -17.11 20.60
CA CYS I 59 -21.10 -16.44 21.77
C CYS I 59 -20.03 -15.93 22.74
N ARG I 60 -18.82 -16.45 22.59
CA ARG I 60 -17.69 -16.11 23.45
C ARG I 60 -17.02 -14.85 22.91
N LYS I 61 -17.30 -14.52 21.65
CA LYS I 61 -16.81 -13.29 21.06
C LYS I 61 -17.77 -12.18 21.41
N LEU I 62 -19.00 -12.57 21.74
CA LEU I 62 -20.09 -11.62 21.94
C LEU I 62 -20.43 -11.32 23.40
N GLN I 63 -19.81 -10.27 23.94
CA GLN I 63 -20.04 -9.86 25.32
C GLN I 63 -20.67 -8.48 25.33
N HIS I 64 -22.00 -8.45 25.31
CA HIS I 64 -22.72 -7.19 25.26
C HIS I 64 -23.99 -7.30 26.06
N PRO I 65 -24.40 -6.21 26.69
CA PRO I 65 -25.52 -6.26 27.63
C PRO I 65 -26.78 -6.83 27.01
N ASN I 66 -27.04 -6.54 25.74
CA ASN I 66 -28.25 -7.07 25.13
C ASN I 66 -28.07 -8.41 24.41
N ILE I 67 -26.96 -9.08 24.70
CA ILE I 67 -26.73 -10.39 24.15
C ILE I 67 -26.58 -11.36 25.30
N VAL I 68 -27.46 -12.36 25.35
CA VAL I 68 -27.35 -13.42 26.34
C VAL I 68 -25.91 -13.94 26.38
N ARG I 69 -25.08 -13.28 27.20
CA ARG I 69 -23.63 -13.49 27.21
C ARG I 69 -23.26 -14.87 27.70
N LEU I 70 -22.32 -15.50 27.01
CA LEU I 70 -21.74 -16.74 27.50
C LEU I 70 -20.55 -16.38 28.39
N HIS I 71 -20.56 -16.89 29.61
CA HIS I 71 -19.56 -16.51 30.60
C HIS I 71 -18.44 -17.52 30.73
N ASP I 72 -18.79 -18.80 30.86
CA ASP I 72 -17.78 -19.85 30.90
C ASP I 72 -18.17 -21.13 30.15
N SER I 73 -17.16 -21.80 29.62
CA SER I 73 -17.32 -23.08 28.95
C SER I 73 -16.44 -24.12 29.66
N ILE I 74 -17.05 -25.23 30.08
CA ILE I 74 -16.33 -26.21 30.87
C ILE I 74 -16.62 -27.65 30.45
N GLN I 75 -15.55 -28.41 30.22
CA GLN I 75 -15.63 -29.83 29.90
C GLN I 75 -15.38 -30.68 31.14
N GLU I 76 -16.38 -31.47 31.53
CA GLU I 76 -16.25 -32.39 32.66
C GLU I 76 -15.84 -33.77 32.18
N GLU I 77 -16.69 -34.76 32.43
CA GLU I 77 -16.44 -36.12 31.97
C GLU I 77 -17.12 -36.37 30.63
N SER I 78 -18.42 -36.64 30.66
CA SER I 78 -19.19 -36.84 29.44
C SER I 78 -20.11 -35.65 29.17
N PHE I 79 -20.28 -34.81 30.17
CA PHE I 79 -21.15 -33.63 30.03
C PHE I 79 -20.35 -32.37 29.74
N HIS I 80 -20.93 -31.47 28.97
CA HIS I 80 -20.35 -30.17 28.70
C HIS I 80 -21.20 -29.07 29.32
N TYR I 81 -20.55 -28.08 29.91
CA TYR I 81 -21.25 -27.02 30.62
C TYR I 81 -21.04 -25.65 29.97
N LEU I 82 -22.13 -24.93 29.73
CA LEU I 82 -22.07 -23.58 29.19
C LEU I 82 -22.84 -22.64 30.09
N VAL I 83 -22.11 -21.76 30.78
CA VAL I 83 -22.74 -20.86 31.75
C VAL I 83 -23.18 -19.55 31.11
N PHE I 84 -24.50 -19.37 31.03
CA PHE I 84 -25.09 -18.23 30.34
C PHE I 84 -25.76 -17.26 31.30
N ASP I 85 -25.86 -16.00 30.87
CA ASP I 85 -26.74 -15.05 31.53
C ASP I 85 -28.06 -15.74 31.80
N LEU I 86 -28.69 -15.39 32.91
CA LEU I 86 -29.99 -15.93 33.23
C LEU I 86 -31.07 -14.90 32.91
N VAL I 87 -32.01 -15.27 32.05
CA VAL I 87 -33.08 -14.36 31.65
C VAL I 87 -34.41 -15.02 31.92
N THR I 88 -35.35 -14.25 32.47
CA THR I 88 -36.60 -14.80 32.98
C THR I 88 -37.89 -14.22 32.35
N GLY I 89 -37.84 -12.96 31.93
CA GLY I 89 -39.01 -12.30 31.38
C GLY I 89 -39.66 -13.01 30.21
N GLY I 90 -39.14 -14.20 29.87
CA GLY I 90 -39.66 -14.97 28.75
C GLY I 90 -39.35 -14.34 27.41
N GLU I 91 -39.96 -14.87 26.35
CA GLU I 91 -39.68 -14.39 25.00
C GLU I 91 -40.38 -13.07 24.71
N LEU I 92 -39.81 -12.31 23.79
CA LEU I 92 -40.44 -11.09 23.35
C LEU I 92 -41.72 -11.45 22.58
N PHE I 93 -41.69 -12.58 21.88
CA PHE I 93 -42.88 -13.07 21.20
C PHE I 93 -44.09 -13.05 22.13
N GLU I 94 -43.94 -13.73 23.26
CA GLU I 94 -44.99 -13.78 24.27
C GLU I 94 -45.45 -12.40 24.71
N ASP I 95 -44.50 -11.51 24.99
CA ASP I 95 -44.86 -10.16 25.45
C ASP I 95 -45.67 -9.41 24.40
N ILE I 96 -45.56 -9.84 23.14
CA ILE I 96 -46.26 -9.15 22.08
C ILE I 96 -47.68 -9.64 21.88
N VAL I 97 -47.86 -10.96 21.96
CA VAL I 97 -49.21 -11.51 21.97
C VAL I 97 -49.88 -11.03 23.27
N ALA I 98 -49.07 -10.86 24.30
CA ALA I 98 -49.54 -10.39 25.59
C ALA I 98 -50.24 -9.04 25.48
N ARG I 99 -49.52 -8.03 24.99
CA ARG I 99 -50.01 -6.66 24.98
C ARG I 99 -50.72 -6.31 23.68
N GLU I 100 -50.69 -7.25 22.73
CA GLU I 100 -51.29 -7.09 21.39
C GLU I 100 -50.40 -6.33 20.42
N PHE I 101 -49.73 -5.29 20.91
CA PHE I 101 -48.90 -4.42 20.08
C PHE I 101 -48.37 -3.22 20.89
N TYR I 102 -47.09 -2.88 20.68
CA TYR I 102 -46.46 -1.80 21.42
C TYR I 102 -46.92 -0.41 21.04
N SER I 103 -46.72 0.54 21.95
CA SER I 103 -46.82 1.95 21.61
C SER I 103 -45.56 2.30 20.86
N GLU I 104 -45.57 3.43 20.17
CA GLU I 104 -44.39 3.79 19.42
C GLU I 104 -43.22 3.97 20.34
N ALA I 105 -43.48 4.53 21.52
CA ALA I 105 -42.42 4.75 22.48
C ALA I 105 -41.78 3.44 22.89
N ASP I 106 -42.60 2.53 23.43
CA ASP I 106 -42.12 1.22 23.85
C ASP I 106 -41.51 0.46 22.67
N ALA I 107 -42.10 0.65 21.50
CA ALA I 107 -41.58 0.10 20.25
C ALA I 107 -40.21 0.67 19.91
N SER I 108 -40.10 1.99 19.90
CA SER I 108 -38.83 2.65 19.67
C SER I 108 -37.77 2.11 20.62
N HIS I 109 -38.14 1.97 21.89
CA HIS I 109 -37.21 1.48 22.87
C HIS I 109 -36.84 0.05 22.53
N CYS I 110 -37.83 -0.77 22.24
CA CYS I 110 -37.60 -2.19 22.02
C CYS I 110 -36.69 -2.47 20.83
N ILE I 111 -36.89 -1.70 19.75
CA ILE I 111 -36.14 -1.91 18.51
C ILE I 111 -34.74 -1.33 18.64
N GLN I 112 -34.60 -0.26 19.41
CA GLN I 112 -33.31 0.38 19.65
C GLN I 112 -32.40 -0.57 20.39
N GLN I 113 -32.99 -1.42 21.20
CA GLN I 113 -32.21 -2.37 21.95
C GLN I 113 -31.68 -3.42 21.02
N ILE I 114 -32.57 -3.99 20.23
CA ILE I 114 -32.20 -4.98 19.23
C ILE I 114 -31.16 -4.43 18.25
N LEU I 115 -31.36 -3.20 17.77
CA LEU I 115 -30.42 -2.55 16.89
C LEU I 115 -29.03 -2.49 17.48
N GLU I 116 -28.93 -2.00 18.71
CA GLU I 116 -27.63 -1.95 19.37
C GLU I 116 -26.97 -3.32 19.46
N SER I 117 -27.76 -4.36 19.70
CA SER I 117 -27.18 -5.69 19.79
C SER I 117 -26.70 -6.13 18.40
N ILE I 118 -27.58 -6.01 17.41
CA ILE I 118 -27.22 -6.29 16.02
C ILE I 118 -25.96 -5.52 15.65
N ALA I 119 -26.00 -4.20 15.80
CA ALA I 119 -24.85 -3.37 15.49
C ALA I 119 -23.58 -3.98 16.01
N TYR I 120 -23.56 -4.30 17.31
CA TYR I 120 -22.38 -4.91 17.93
C TYR I 120 -21.98 -6.22 17.25
N CYS I 121 -22.96 -7.08 17.03
CA CYS I 121 -22.72 -8.33 16.31
C CYS I 121 -22.02 -8.08 15.00
N HIS I 122 -22.52 -7.13 14.23
CA HIS I 122 -21.98 -6.86 12.90
C HIS I 122 -20.59 -6.24 12.98
N SER I 123 -20.43 -5.24 13.83
CA SER I 123 -19.13 -4.61 13.98
C SER I 123 -18.14 -5.62 14.53
N ASN I 124 -18.58 -6.87 14.69
CA ASN I 124 -17.72 -7.97 15.12
C ASN I 124 -17.74 -9.17 14.18
N GLY I 125 -18.22 -8.94 12.96
CA GLY I 125 -18.19 -9.93 11.91
C GLY I 125 -19.22 -11.04 12.04
N ILE I 126 -20.21 -10.86 12.92
CA ILE I 126 -21.23 -11.89 13.10
C ILE I 126 -22.58 -11.51 12.49
N VAL I 127 -23.15 -12.43 11.72
CA VAL I 127 -24.48 -12.25 11.16
C VAL I 127 -25.39 -13.29 11.79
N HIS I 128 -26.54 -12.86 12.28
CA HIS I 128 -27.38 -13.78 13.02
C HIS I 128 -28.16 -14.70 12.10
N ARG I 129 -28.88 -14.10 11.14
CA ARG I 129 -29.74 -14.81 10.21
C ARG I 129 -31.09 -15.24 10.80
N ASN I 130 -31.06 -15.96 11.91
CA ASN I 130 -32.29 -16.41 12.55
C ASN I 130 -32.88 -15.38 13.52
N LEU I 131 -32.89 -14.11 13.11
CA LEU I 131 -33.39 -13.05 13.97
C LEU I 131 -34.91 -12.90 13.89
N LYS I 132 -35.58 -13.19 15.00
CA LYS I 132 -37.04 -13.11 15.09
C LYS I 132 -37.46 -12.79 16.53
N PRO I 133 -38.74 -12.47 16.73
CA PRO I 133 -39.22 -12.24 18.09
C PRO I 133 -39.07 -13.46 19.00
N GLU I 134 -39.28 -14.66 18.49
CA GLU I 134 -39.17 -15.84 19.34
C GLU I 134 -37.71 -16.11 19.77
N ASN I 135 -36.80 -15.23 19.39
CA ASN I 135 -35.38 -15.34 19.77
C ASN I 135 -34.85 -14.13 20.56
N LEU I 136 -35.76 -13.25 20.95
CA LEU I 136 -35.43 -12.11 21.78
C LEU I 136 -36.02 -12.32 23.16
N LEU I 137 -35.15 -12.29 24.17
CA LEU I 137 -35.59 -12.53 25.55
C LEU I 137 -35.64 -11.24 26.34
N LEU I 138 -36.58 -11.16 27.28
CA LEU I 138 -36.71 -10.00 28.15
C LEU I 138 -36.09 -10.26 29.54
N ALA I 139 -35.44 -9.25 30.11
CA ALA I 139 -34.89 -9.33 31.48
C ALA I 139 -35.97 -9.63 32.54
N SER I 140 -37.03 -8.81 32.52
CA SER I 140 -38.27 -9.10 33.22
C SER I 140 -39.37 -8.57 32.31
N LYS I 141 -40.62 -8.61 32.76
CA LYS I 141 -41.69 -7.98 31.99
C LYS I 141 -41.90 -6.55 32.51
N ALA I 142 -40.85 -5.98 33.14
CA ALA I 142 -40.86 -4.59 33.60
C ALA I 142 -41.26 -3.65 32.46
N LYS I 143 -41.62 -2.43 32.83
CA LYS I 143 -41.91 -1.41 31.82
C LYS I 143 -40.61 -0.66 31.50
N GLY I 144 -39.64 -1.41 30.99
CA GLY I 144 -38.34 -0.85 30.65
C GLY I 144 -37.30 -1.95 30.59
N ALA I 145 -37.66 -3.14 31.05
CA ALA I 145 -36.74 -4.27 31.07
C ALA I 145 -35.92 -4.37 29.78
N ALA I 146 -34.68 -4.84 29.90
CA ALA I 146 -33.78 -4.95 28.75
C ALA I 146 -34.10 -6.17 27.90
N VAL I 147 -33.69 -6.13 26.63
CA VAL I 147 -33.92 -7.23 25.70
C VAL I 147 -32.60 -7.91 25.32
N LYS I 148 -32.61 -9.24 25.26
CA LYS I 148 -31.39 -9.97 25.00
C LYS I 148 -31.52 -10.85 23.77
N LEU I 149 -30.41 -10.98 23.04
CA LEU I 149 -30.37 -11.70 21.76
C LEU I 149 -29.93 -13.15 22.00
N ALA I 150 -30.62 -14.10 21.38
CA ALA I 150 -30.29 -15.50 21.62
C ALA I 150 -30.40 -16.40 20.38
N ASP I 151 -29.94 -17.65 20.53
CA ASP I 151 -29.93 -18.67 19.47
C ASP I 151 -29.07 -18.33 18.28
N PHE I 152 -27.79 -18.70 18.37
CA PHE I 152 -26.85 -18.45 17.30
C PHE I 152 -26.57 -19.69 16.49
N GLY I 153 -27.55 -20.60 16.48
CA GLY I 153 -27.44 -21.82 15.71
C GLY I 153 -27.05 -21.51 14.28
N LEU I 154 -27.64 -20.45 13.74
CA LEU I 154 -27.42 -20.09 12.35
C LEU I 154 -26.40 -18.95 12.19
N ALA I 155 -25.88 -18.44 13.29
CA ALA I 155 -24.87 -17.39 13.23
C ALA I 155 -23.67 -17.84 12.41
N ILE I 156 -23.02 -16.89 11.75
CA ILE I 156 -21.85 -17.17 10.93
C ILE I 156 -20.91 -15.97 11.03
N GLU I 157 -19.61 -16.23 10.92
CA GLU I 157 -18.62 -15.16 10.94
C GLU I 157 -18.25 -14.79 9.52
N VAL I 158 -18.20 -13.49 9.22
CA VAL I 158 -18.04 -13.03 7.85
C VAL I 158 -17.23 -11.74 7.73
N ASN I 159 -16.63 -11.57 6.55
CA ASN I 159 -15.99 -10.32 6.17
C ASN I 159 -17.01 -9.36 5.56
N ASP I 160 -16.55 -8.19 5.15
CA ASP I 160 -17.41 -7.21 4.49
C ASP I 160 -17.87 -7.67 3.09
N SER I 161 -17.39 -8.84 2.67
CA SER I 161 -17.57 -9.32 1.31
C SER I 161 -18.79 -10.25 1.21
N GLU I 162 -19.71 -9.91 0.31
CA GLU I 162 -20.93 -10.71 0.10
C GLU I 162 -20.63 -12.04 -0.58
N ALA I 163 -21.27 -13.09 -0.08
CA ALA I 163 -21.14 -14.42 -0.65
C ALA I 163 -22.49 -15.13 -0.56
N TRP I 164 -22.50 -16.44 -0.78
CA TRP I 164 -23.72 -17.22 -0.59
C TRP I 164 -23.55 -18.20 0.57
N HIS I 165 -23.64 -17.67 1.79
CA HIS I 165 -23.38 -18.46 2.99
C HIS I 165 -24.54 -19.39 3.36
N GLY I 166 -24.87 -20.31 2.45
CA GLY I 166 -25.94 -21.26 2.68
C GLY I 166 -27.30 -20.61 2.66
N PHE I 167 -28.34 -21.42 2.91
CA PHE I 167 -29.70 -20.93 2.89
C PHE I 167 -30.44 -21.40 4.14
N ALA I 168 -30.65 -20.49 5.07
CA ALA I 168 -31.32 -20.81 6.34
C ALA I 168 -31.89 -19.57 7.03
N GLY I 169 -32.78 -19.79 7.99
CA GLY I 169 -33.46 -18.70 8.67
C GLY I 169 -34.94 -19.03 8.75
N THR I 170 -35.72 -18.21 9.43
CA THR I 170 -37.14 -18.50 9.55
C THR I 170 -37.97 -17.90 8.40
N PRO I 171 -38.81 -18.74 7.77
CA PRO I 171 -39.68 -18.31 6.68
C PRO I 171 -40.71 -17.33 7.20
N GLY I 172 -40.60 -16.08 6.79
CA GLY I 172 -41.46 -15.03 7.29
C GLY I 172 -40.59 -13.83 7.58
N TYR I 173 -39.36 -14.10 8.02
CA TYR I 173 -38.39 -13.05 8.29
C TYR I 173 -37.30 -13.02 7.24
N LEU I 174 -37.26 -14.05 6.39
CA LEU I 174 -36.19 -14.18 5.41
C LEU I 174 -36.08 -12.97 4.49
N SER I 175 -34.86 -12.68 4.08
CA SER I 175 -34.58 -11.55 3.20
C SER I 175 -34.74 -11.87 1.69
N PRO I 176 -35.14 -10.86 0.91
CA PRO I 176 -35.21 -11.08 -0.54
C PRO I 176 -33.91 -11.66 -1.10
N GLU I 177 -32.77 -11.06 -0.76
CA GLU I 177 -31.49 -11.49 -1.32
C GLU I 177 -31.20 -12.97 -1.09
N VAL I 178 -31.78 -13.52 -0.03
CA VAL I 178 -31.55 -14.93 0.29
C VAL I 178 -32.50 -15.87 -0.46
N LEU I 179 -33.68 -15.36 -0.80
CA LEU I 179 -34.65 -16.13 -1.58
C LEU I 179 -34.29 -16.13 -3.07
N LYS I 180 -33.58 -15.08 -3.48
CA LYS I 180 -33.12 -14.97 -4.85
C LYS I 180 -31.81 -15.71 -5.00
N LYS I 181 -31.45 -16.49 -3.99
CA LYS I 181 -30.16 -17.20 -3.94
C LYS I 181 -29.02 -16.26 -4.32
N ASP I 182 -29.17 -14.98 -4.03
CA ASP I 182 -28.12 -14.00 -4.27
C ASP I 182 -27.04 -14.08 -3.20
N PRO I 183 -25.93 -13.36 -3.41
CA PRO I 183 -24.98 -13.33 -2.30
C PRO I 183 -25.52 -12.34 -1.30
N TYR I 184 -25.39 -12.64 -0.02
CA TYR I 184 -25.85 -11.73 1.01
C TYR I 184 -24.80 -11.52 2.10
N SER I 185 -25.03 -10.54 2.96
CA SER I 185 -24.13 -10.24 4.07
C SER I 185 -24.95 -9.71 5.26
N LYS I 186 -24.33 -8.86 6.05
CA LYS I 186 -24.96 -8.30 7.24
C LYS I 186 -26.42 -7.84 7.06
N PRO I 187 -26.73 -7.15 5.97
CA PRO I 187 -28.06 -6.53 5.97
C PRO I 187 -29.23 -7.50 6.07
N VAL I 188 -29.00 -8.80 5.95
CA VAL I 188 -30.10 -9.76 6.08
C VAL I 188 -30.79 -9.58 7.43
N ASP I 189 -30.04 -9.08 8.40
CA ASP I 189 -30.54 -8.92 9.76
C ASP I 189 -31.38 -7.67 9.90
N ILE I 190 -30.89 -6.57 9.33
CA ILE I 190 -31.71 -5.36 9.29
C ILE I 190 -33.05 -5.65 8.60
N TRP I 191 -33.08 -6.61 7.69
CA TRP I 191 -34.36 -6.93 7.07
C TRP I 191 -35.26 -7.49 8.14
N ALA I 192 -34.73 -8.44 8.90
CA ALA I 192 -35.49 -9.06 9.98
C ALA I 192 -36.02 -8.01 10.95
N CYS I 193 -35.20 -7.02 11.28
CA CYS I 193 -35.65 -5.93 12.15
C CYS I 193 -36.94 -5.31 11.62
N GLY I 194 -36.91 -4.86 10.36
CA GLY I 194 -38.07 -4.23 9.75
C GLY I 194 -39.32 -5.04 9.95
N VAL I 195 -39.19 -6.36 9.80
CA VAL I 195 -40.30 -7.26 10.03
C VAL I 195 -40.78 -7.13 11.46
N ILE I 196 -39.84 -7.24 12.40
CA ILE I 196 -40.13 -7.14 13.83
C ILE I 196 -40.70 -5.79 14.22
N LEU I 197 -39.94 -4.73 13.99
CA LEU I 197 -40.43 -3.39 14.24
C LEU I 197 -41.79 -3.16 13.60
N TYR I 198 -42.04 -3.78 12.47
CA TYR I 198 -43.35 -3.70 11.83
C TYR I 198 -44.40 -4.36 12.73
N ILE I 199 -44.08 -5.56 13.21
CA ILE I 199 -44.99 -6.28 14.07
C ILE I 199 -45.32 -5.48 15.31
N LEU I 200 -44.29 -5.04 16.02
CA LEU I 200 -44.46 -4.31 17.26
C LEU I 200 -45.54 -3.27 17.14
N LEU I 201 -45.50 -2.49 16.06
CA LEU I 201 -46.43 -1.38 15.97
C LEU I 201 -47.89 -1.84 15.76
N VAL I 202 -48.10 -3.04 15.21
CA VAL I 202 -49.47 -3.46 14.88
C VAL I 202 -49.84 -4.89 15.23
N GLY I 203 -48.85 -5.72 15.54
CA GLY I 203 -49.12 -7.04 16.06
C GLY I 203 -49.48 -8.11 15.05
N TYR I 204 -49.46 -7.75 13.75
CA TYR I 204 -49.49 -8.71 12.64
C TYR I 204 -48.26 -8.53 11.77
N PRO I 205 -47.90 -9.56 11.00
CA PRO I 205 -46.68 -9.51 10.18
C PRO I 205 -46.84 -8.65 8.92
N PRO I 206 -45.72 -8.24 8.29
CA PRO I 206 -45.78 -7.51 7.01
C PRO I 206 -46.04 -8.47 5.87
N PHE I 207 -45.21 -9.51 5.77
CA PHE I 207 -45.37 -10.54 4.77
C PHE I 207 -45.92 -11.78 5.40
N TRP I 208 -47.00 -12.31 4.82
CA TRP I 208 -47.54 -13.60 5.28
C TRP I 208 -48.58 -14.21 4.34
N ASP I 209 -48.40 -15.49 4.04
CA ASP I 209 -49.47 -16.30 3.45
C ASP I 209 -49.45 -17.74 3.92
N GLU I 210 -50.58 -18.41 3.71
CA GLU I 210 -50.78 -19.82 4.06
C GLU I 210 -49.79 -20.72 3.34
N ASP I 211 -49.57 -20.43 2.05
CA ASP I 211 -48.70 -21.20 1.20
C ASP I 211 -47.29 -20.61 1.25
N GLN I 212 -46.34 -21.44 1.66
CA GLN I 212 -44.97 -21.01 1.80
C GLN I 212 -44.46 -20.24 0.59
N HIS I 213 -44.75 -20.74 -0.62
CA HIS I 213 -44.26 -20.11 -1.84
C HIS I 213 -44.98 -18.82 -2.18
N ARG I 214 -46.30 -18.81 -2.03
CA ARG I 214 -47.05 -17.56 -2.09
C ARG I 214 -46.34 -16.51 -1.24
N LEU I 215 -45.77 -16.94 -0.11
CA LEU I 215 -45.08 -16.06 0.81
C LEU I 215 -43.76 -15.53 0.22
N TYR I 216 -42.78 -16.42 0.05
CA TYR I 216 -41.48 -16.03 -0.47
C TYR I 216 -41.65 -15.06 -1.64
N ALA I 217 -42.72 -15.28 -2.41
CA ALA I 217 -43.03 -14.42 -3.56
C ALA I 217 -43.24 -13.00 -3.08
N GLN I 218 -44.11 -12.89 -2.08
CA GLN I 218 -44.53 -11.61 -1.54
C GLN I 218 -43.32 -10.91 -0.99
N ILE I 219 -42.46 -11.70 -0.35
CA ILE I 219 -41.22 -11.18 0.21
C ILE I 219 -40.29 -10.65 -0.86
N LYS I 220 -39.84 -11.55 -1.72
CA LYS I 220 -38.98 -11.20 -2.84
C LYS I 220 -39.48 -9.94 -3.55
N ALA I 221 -40.80 -9.86 -3.69
CA ALA I 221 -41.45 -8.75 -4.39
C ALA I 221 -41.31 -7.43 -3.64
N GLY I 222 -41.27 -7.51 -2.31
CA GLY I 222 -41.22 -6.31 -1.47
C GLY I 222 -42.64 -5.86 -1.19
N ALA I 223 -43.55 -6.82 -1.15
CA ALA I 223 -44.98 -6.53 -1.13
C ALA I 223 -45.54 -6.37 0.26
N TYR I 224 -45.46 -5.16 0.80
CA TYR I 224 -46.13 -4.88 2.08
C TYR I 224 -46.78 -3.52 2.03
N ASP I 225 -47.75 -3.28 2.90
CA ASP I 225 -48.42 -1.98 2.93
C ASP I 225 -48.81 -1.60 4.36
N TYR I 226 -49.39 -0.41 4.47
CA TYR I 226 -49.80 0.12 5.75
C TYR I 226 -51.34 0.29 5.80
N PRO I 227 -52.04 -0.83 5.95
CA PRO I 227 -53.52 -0.84 5.88
C PRO I 227 -54.19 0.03 6.93
N SER I 228 -55.26 0.72 6.50
CA SER I 228 -55.99 1.62 7.38
C SER I 228 -57.00 0.79 8.16
N PRO I 229 -57.42 1.28 9.35
CA PRO I 229 -57.02 2.57 9.89
C PRO I 229 -55.83 2.46 10.84
N GLU I 230 -55.44 1.24 11.21
CA GLU I 230 -54.36 1.09 12.18
C GLU I 230 -53.18 2.01 11.87
N TRP I 231 -52.66 1.90 10.65
CA TRP I 231 -51.46 2.65 10.31
C TRP I 231 -51.69 4.16 10.16
N ASP I 232 -52.96 4.54 10.08
CA ASP I 232 -53.33 5.93 9.81
C ASP I 232 -52.79 6.85 10.87
N THR I 233 -52.46 6.29 12.03
CA THR I 233 -52.07 7.10 13.19
C THR I 233 -50.71 6.69 13.77
N VAL I 234 -49.84 6.18 12.90
CA VAL I 234 -48.46 5.89 13.26
C VAL I 234 -47.57 6.95 12.65
N THR I 235 -46.74 7.58 13.47
CA THR I 235 -45.94 8.68 12.96
C THR I 235 -45.20 8.19 11.71
N PRO I 236 -45.27 8.98 10.64
CA PRO I 236 -44.53 8.73 9.39
C PRO I 236 -43.05 8.44 9.65
N GLU I 237 -42.44 9.16 10.59
CA GLU I 237 -41.05 8.93 10.96
C GLU I 237 -40.77 7.46 11.26
N ALA I 238 -41.80 6.79 11.76
CA ALA I 238 -41.71 5.39 12.16
C ALA I 238 -41.85 4.48 10.95
N LYS I 239 -42.77 4.82 10.08
CA LYS I 239 -42.95 4.09 8.84
C LYS I 239 -41.65 4.18 8.07
N SER I 240 -41.22 5.42 7.80
CA SER I 240 -39.97 5.67 7.08
C SER I 240 -38.81 4.81 7.59
N LEU I 241 -38.70 4.62 8.90
CA LEU I 241 -37.63 3.78 9.43
C LEU I 241 -37.84 2.33 9.01
N ILE I 242 -39.10 1.88 8.96
CA ILE I 242 -39.42 0.54 8.49
C ILE I 242 -39.14 0.43 6.99
N ASP I 243 -39.64 1.40 6.25
CA ASP I 243 -39.43 1.49 4.82
C ASP I 243 -37.97 1.27 4.46
N SER I 244 -37.09 1.78 5.31
CA SER I 244 -35.65 1.74 5.05
C SER I 244 -35.01 0.44 5.51
N MET I 245 -35.71 -0.32 6.33
CA MET I 245 -35.20 -1.63 6.72
C MET I 245 -35.75 -2.63 5.75
N LEU I 246 -36.96 -2.37 5.28
CA LEU I 246 -37.62 -3.22 4.30
C LEU I 246 -37.33 -2.73 2.89
N THR I 247 -36.17 -2.09 2.75
CA THR I 247 -35.59 -1.78 1.45
C THR I 247 -35.11 -3.07 0.78
N VAL I 248 -35.62 -3.37 -0.40
CA VAL I 248 -35.38 -4.68 -1.01
C VAL I 248 -33.97 -4.81 -1.57
N ASN I 249 -33.40 -3.69 -1.98
CA ASN I 249 -32.03 -3.68 -2.48
C ASN I 249 -31.03 -3.59 -1.35
N PRO I 250 -30.36 -4.71 -1.04
CA PRO I 250 -29.40 -4.78 0.08
C PRO I 250 -28.43 -3.59 0.13
N LYS I 251 -27.82 -3.30 -1.01
CA LYS I 251 -26.85 -2.21 -1.07
C LYS I 251 -27.38 -0.90 -0.46
N LYS I 252 -28.68 -0.68 -0.51
CA LYS I 252 -29.21 0.60 -0.04
C LYS I 252 -30.12 0.48 1.18
N ARG I 253 -30.16 -0.71 1.78
CA ARG I 253 -30.93 -0.91 2.99
C ARG I 253 -30.11 -0.46 4.18
N ILE I 254 -30.70 0.44 4.95
CA ILE I 254 -30.08 1.02 6.15
C ILE I 254 -29.29 0.01 7.00
N THR I 255 -28.17 0.44 7.54
CA THR I 255 -27.36 -0.41 8.41
C THR I 255 -27.78 -0.18 9.85
N ALA I 256 -27.26 -1.01 10.75
CA ALA I 256 -27.59 -0.91 12.18
C ALA I 256 -27.13 0.42 12.77
N ASP I 257 -25.85 0.72 12.62
CA ASP I 257 -25.27 1.94 13.17
C ASP I 257 -25.92 3.21 12.61
N GLN I 258 -26.66 3.06 11.51
CA GLN I 258 -27.31 4.20 10.90
C GLN I 258 -28.71 4.37 11.49
N ALA I 259 -29.38 3.24 11.70
CA ALA I 259 -30.71 3.22 12.28
C ALA I 259 -30.69 3.79 13.68
N LEU I 260 -29.58 3.59 14.37
CA LEU I 260 -29.46 4.04 15.75
C LEU I 260 -29.33 5.55 15.82
N LYS I 261 -29.13 6.19 14.67
CA LYS I 261 -28.98 7.64 14.65
C LYS I 261 -30.20 8.37 14.13
N VAL I 262 -31.33 7.68 14.00
CA VAL I 262 -32.57 8.33 13.62
C VAL I 262 -33.32 8.96 14.81
N PRO I 263 -33.97 10.10 14.58
CA PRO I 263 -34.66 10.80 15.67
C PRO I 263 -35.75 9.96 16.33
N TRP I 264 -36.54 9.21 15.57
CA TRP I 264 -37.52 8.31 16.17
C TRP I 264 -36.89 7.24 17.09
N ILE I 265 -35.56 7.20 17.15
CA ILE I 265 -34.85 6.31 18.07
C ILE I 265 -34.00 7.15 19.05
N CYS I 266 -33.55 8.31 18.57
CA CYS I 266 -32.66 9.19 19.33
C CYS I 266 -33.36 10.13 20.31
N ASN I 267 -34.33 9.60 21.05
CA ASN I 267 -34.98 10.26 22.19
C ASN I 267 -36.27 9.57 22.70
N ARG J 2 -51.67 11.52 34.50
CA ARG J 2 -52.16 11.28 35.86
C ARG J 2 -53.67 11.43 35.98
N PRO J 3 -54.37 10.35 36.39
CA PRO J 3 -55.83 10.31 36.42
C PRO J 3 -56.37 11.04 37.64
N PRO J 4 -57.70 11.17 37.75
CA PRO J 4 -58.31 11.86 38.89
C PRO J 4 -58.37 10.94 40.09
N LYS J 5 -58.35 11.53 41.29
CA LYS J 5 -58.39 10.74 42.51
C LYS J 5 -59.73 10.06 42.61
N LEU J 6 -59.73 8.86 43.18
CA LEU J 6 -60.93 8.03 43.25
C LEU J 6 -62.19 8.77 43.75
N GLY J 7 -62.01 9.77 44.59
CA GLY J 7 -63.12 10.57 45.06
C GLY J 7 -63.74 11.39 43.95
N GLN J 8 -62.88 12.05 43.16
CA GLN J 8 -63.36 12.86 42.04
C GLN J 8 -64.06 12.03 40.97
N ILE J 9 -63.62 10.81 40.74
CA ILE J 9 -64.14 10.06 39.60
C ILE J 9 -65.55 9.50 39.82
N GLY J 10 -65.87 9.10 41.05
CA GLY J 10 -67.16 8.50 41.33
C GLY J 10 -67.08 7.00 41.53
N ARG J 11 -68.21 6.31 41.47
CA ARG J 11 -68.27 4.91 41.86
C ARG J 11 -68.78 3.94 40.78
N SER J 12 -67.84 3.30 40.09
CA SER J 12 -68.12 2.17 39.20
C SER J 12 -69.20 2.24 38.12
N LYS J 13 -69.95 1.15 37.99
CA LYS J 13 -70.97 1.00 36.95
C LYS J 13 -70.66 -0.48 37.12
N ARG J 14 -71.11 -1.29 36.16
CA ARG J 14 -70.86 -2.74 36.14
C ARG J 14 -71.25 -2.91 34.67
N VAL J 15 -71.23 -4.15 34.20
CA VAL J 15 -71.35 -4.46 32.77
C VAL J 15 -71.77 -5.93 32.59
N VAL J 16 -72.75 -6.22 31.73
CA VAL J 16 -73.08 -7.63 31.42
C VAL J 16 -73.68 -7.89 30.02
N ILE J 17 -73.24 -9.00 29.41
CA ILE J 17 -73.80 -9.53 28.16
C ILE J 17 -74.18 -11.02 28.26
N ALA J 18 -75.49 -11.29 28.33
CA ALA J 18 -76.04 -12.66 28.49
C ALA J 18 -76.33 -13.02 29.95
#